data_6P4W
#
_entry.id   6P4W
#
_cell.length_a   56.415
_cell.length_b   101.369
_cell.length_c   114.476
_cell.angle_alpha   83.090
_cell.angle_beta   81.150
_cell.angle_gamma   90.170
#
_symmetry.space_group_name_H-M   'P 1'
#
loop_
_entity.id
_entity.type
_entity.pdbx_description
1 polymer 'DNA-dependent ATPase XPBII'
2 polymer 'Endonuclease Bax1'
3 non-polymer 'PHOSPHATE ION'
4 non-polymer 'MAGNESIUM ION'
5 non-polymer GLYCEROL
6 non-polymer 'CHLORIDE ION'
7 water water
#
loop_
_entity_poly.entity_id
_entity_poly.type
_entity_poly.pdbx_seq_one_letter_code
_entity_poly.pdbx_strand_id
1 'polypeptide(L)'
;GSVYLRYFKGLILSDAYAPGLKWSDELKAYSALAFKYRDVRKYFLEKEIEVEENVIDSLPFPLIKDKIELRDYQAEAVKA
WLKEKRGIIVLPTGAGKTQVALKIVSIMKVATLIVVPTIDLITQWKERINKYLDFDPGIIGGGEDSLKGITVITYDSAYT
RAEELGNKFPLLIFDEVHHLPSEGYSIMAQLFASPYRLGLTATPERDDGKHELYPILVGPIVYRKSVEELAGKYIAKYKI
KKLYVSLTNEEKKRYDGLRKKLKDFLSSRGLKLQNLDDFHRLVKLAAKDKEAREALLAWHESLNIAVNSQSKIEKLREIL
QEYKNEKIIVFTRDTQMAYRISKTFLIPVVTYKTDKDEREEILQKFRDGEYRVIVASTVFDEGVDVPDATLAIVMGGYGT
KRQFLQRLGRILRKKDKEALLIEIVTKGTADYRLSRRRRE
;
A,C
2 'polypeptide(L)'
;MGLPWELARFSIVKDEVLPHFATNEDLDLANEIISLFKAGKKLGEIDEEIEYLEKIYDHKLVRAFVKLLTRLCEFELDSP
IPPIQIRRELFKYGPVLDEKEREDIIQKVSKKLGADIMRFVFSDLDEEKKIIKAPTISAEDLIRWYNLSLLQTLLFKAYK
LTVYVSSNWKEIIRRAKWLGLMYFAYDKPLRFEFLGPATLVKLTEKYGRNLAVLLQFIISSQNWKIEAELVLGKKFKRVY
KLKLANFKELKELVIDEKRFDSSVEEKFYKDFTNVIKGWKIIREPEPLVVDNRVFIPDFLVEKGNLKVYVEIVGFWTKEY
IKEKLDKLKKVKYPILILLNEELGKEKFNGMNVITYKRKIDISLVYKWLRELEN
;
B,D
#
# COMPACT_ATOMS: atom_id res chain seq x y z
N GLY A 1 36.35 -58.26 -22.08
CA GLY A 1 35.19 -58.94 -21.53
C GLY A 1 34.02 -59.00 -22.51
N SER A 2 32.98 -59.73 -22.12
CA SER A 2 31.77 -59.87 -22.91
C SER A 2 30.62 -59.20 -22.14
N VAL A 3 30.53 -57.87 -22.30
CA VAL A 3 29.42 -57.10 -21.75
C VAL A 3 28.17 -57.32 -22.59
N TYR A 4 27.04 -57.59 -21.91
CA TYR A 4 25.71 -57.63 -22.52
C TYR A 4 25.01 -56.30 -22.27
N LEU A 5 24.40 -55.76 -23.32
CA LEU A 5 23.77 -54.44 -23.29
C LEU A 5 22.36 -54.59 -23.83
N ARG A 6 21.35 -54.46 -23.01
CA ARG A 6 20.01 -54.78 -23.50
C ARG A 6 18.99 -53.71 -23.13
N TYR A 7 18.03 -53.47 -24.04
CA TYR A 7 16.96 -52.52 -23.82
C TYR A 7 15.83 -53.14 -23.00
N PHE A 8 15.22 -52.31 -22.16
CA PHE A 8 14.14 -52.81 -21.32
C PHE A 8 13.25 -51.65 -20.88
N LYS A 9 12.06 -51.56 -21.47
CA LYS A 9 10.99 -50.69 -20.96
C LYS A 9 11.52 -49.28 -20.68
N GLY A 10 12.19 -48.72 -21.69
CA GLY A 10 12.71 -47.37 -21.64
C GLY A 10 14.04 -47.19 -20.93
N LEU A 11 14.73 -48.28 -20.59
CA LEU A 11 16.03 -48.26 -19.96
C LEU A 11 17.01 -49.04 -20.81
N ILE A 12 18.29 -48.79 -20.55
CA ILE A 12 19.37 -49.66 -21.00
C ILE A 12 19.99 -50.35 -19.78
N LEU A 13 20.29 -51.64 -19.92
CA LEU A 13 20.86 -52.45 -18.84
C LEU A 13 22.19 -53.02 -19.29
N SER A 14 23.07 -53.30 -18.32
CA SER A 14 24.42 -53.72 -18.67
C SER A 14 24.99 -54.68 -17.64
N ASP A 15 25.69 -55.71 -18.15
CA ASP A 15 26.58 -56.54 -17.34
C ASP A 15 27.49 -55.71 -16.45
N ALA A 16 28.09 -54.68 -17.02
CA ALA A 16 29.24 -53.97 -16.46
C ALA A 16 28.93 -52.48 -16.29
N TYR A 17 29.75 -51.81 -15.48
CA TYR A 17 29.59 -50.39 -15.27
C TYR A 17 30.18 -49.66 -16.45
N ALA A 18 29.45 -48.64 -16.91
CA ALA A 18 29.83 -47.58 -17.83
C ALA A 18 29.46 -46.27 -17.16
N PRO A 19 30.17 -45.17 -17.46
CA PRO A 19 29.84 -43.90 -16.82
C PRO A 19 28.44 -43.45 -17.20
N GLY A 20 27.67 -43.04 -16.20
CA GLY A 20 26.29 -42.69 -16.42
C GLY A 20 25.32 -43.82 -16.15
N LEU A 21 25.82 -45.04 -16.03
CA LEU A 21 25.03 -46.14 -15.52
C LEU A 21 25.10 -46.17 -14.01
N LYS A 22 24.03 -46.66 -13.40
CA LYS A 22 23.97 -46.86 -11.96
C LYS A 22 23.31 -48.19 -11.67
N TRP A 23 23.87 -48.90 -10.72
CA TRP A 23 23.40 -50.24 -10.38
C TRP A 23 21.96 -50.18 -9.90
N SER A 24 21.14 -51.09 -10.44
CA SER A 24 19.76 -51.34 -10.04
C SER A 24 19.67 -52.56 -9.13
N ASP A 25 19.19 -52.36 -7.91
CA ASP A 25 18.90 -53.54 -7.10
C ASP A 25 17.67 -54.26 -7.61
N GLU A 26 16.66 -53.53 -8.09
CA GLU A 26 15.44 -54.16 -8.56
C GLU A 26 15.72 -55.04 -9.78
N LEU A 27 16.65 -54.61 -10.64
CA LEU A 27 16.91 -55.28 -11.91
C LEU A 27 18.18 -56.11 -11.90
N LYS A 28 19.02 -56.00 -10.86
CA LYS A 28 20.31 -56.68 -10.80
C LYS A 28 21.17 -56.36 -12.03
N ALA A 29 21.22 -55.08 -12.39
CA ALA A 29 22.10 -54.65 -13.47
C ALA A 29 22.53 -53.20 -13.28
N TYR A 30 23.56 -52.79 -14.01
CA TYR A 30 23.87 -51.38 -14.15
C TYR A 30 22.90 -50.82 -15.18
N SER A 31 22.21 -49.75 -14.83
CA SER A 31 21.12 -49.29 -15.69
C SER A 31 21.14 -47.78 -15.79
N ALA A 32 20.40 -47.29 -16.78
CA ALA A 32 20.06 -45.87 -16.96
C ALA A 32 18.94 -45.83 -17.99
N LEU A 33 18.41 -44.65 -18.22
CA LEU A 33 17.36 -44.49 -19.22
C LEU A 33 17.94 -44.67 -20.62
N ALA A 34 17.12 -45.25 -21.52
CA ALA A 34 17.63 -45.84 -22.75
C ALA A 34 18.44 -44.87 -23.58
N PHE A 35 18.22 -43.58 -23.40
CA PHE A 35 18.90 -42.57 -24.20
C PHE A 35 20.41 -42.61 -23.97
N LYS A 36 20.86 -43.18 -22.86
CA LYS A 36 22.28 -43.34 -22.65
C LYS A 36 22.87 -44.48 -23.46
N TYR A 37 22.05 -45.23 -24.19
CA TYR A 37 22.54 -46.27 -25.10
C TYR A 37 23.75 -45.84 -25.94
N ARG A 38 23.58 -44.83 -26.81
CA ARG A 38 24.66 -44.44 -27.70
C ARG A 38 25.96 -44.22 -26.94
N ASP A 39 25.90 -43.46 -25.84
CA ASP A 39 27.12 -43.10 -25.14
C ASP A 39 27.77 -44.28 -24.44
N VAL A 40 27.00 -45.23 -23.90
CA VAL A 40 27.65 -46.33 -23.20
C VAL A 40 28.15 -47.40 -24.17
N ARG A 41 27.41 -47.64 -25.24
CA ARG A 41 27.96 -48.45 -26.32
C ARG A 41 29.31 -47.90 -26.79
N LYS A 42 29.38 -46.60 -27.08
CA LYS A 42 30.63 -46.01 -27.54
C LYS A 42 31.71 -46.06 -26.46
N TYR A 43 31.31 -45.97 -25.20
CA TYR A 43 32.29 -46.18 -24.13
C TYR A 43 32.91 -47.58 -24.20
N PHE A 44 32.10 -48.60 -24.50
CA PHE A 44 32.64 -49.95 -24.46
C PHE A 44 33.50 -50.27 -25.68
N LEU A 45 33.01 -49.94 -26.88
CA LEU A 45 33.80 -50.10 -28.10
C LEU A 45 35.17 -49.43 -27.98
N GLU A 46 35.20 -48.15 -27.56
CA GLU A 46 36.47 -47.43 -27.46
C GLU A 46 37.37 -48.01 -26.39
N LYS A 47 36.95 -49.03 -25.66
CA LYS A 47 37.84 -49.76 -24.78
C LYS A 47 37.92 -51.22 -25.20
N GLU A 48 37.58 -51.54 -26.45
CA GLU A 48 37.77 -52.87 -27.02
C GLU A 48 37.08 -53.99 -26.24
N ILE A 49 36.05 -53.68 -25.44
CA ILE A 49 35.21 -54.72 -24.84
C ILE A 49 34.19 -55.17 -25.88
N GLU A 50 34.09 -56.49 -26.07
CA GLU A 50 33.11 -57.04 -26.99
C GLU A 50 31.71 -56.72 -26.48
N VAL A 51 30.93 -56.03 -27.33
CA VAL A 51 29.60 -55.53 -26.96
C VAL A 51 28.59 -56.46 -27.62
N GLU A 52 27.97 -57.34 -26.82
CA GLU A 52 26.85 -58.16 -27.30
C GLU A 52 25.57 -57.42 -26.91
N GLU A 53 24.89 -56.82 -27.88
CA GLU A 53 23.78 -55.93 -27.58
C GLU A 53 22.53 -56.28 -28.37
N ASN A 54 21.40 -56.37 -27.66
CA ASN A 54 20.09 -56.36 -28.29
C ASN A 54 19.30 -55.19 -27.70
N VAL A 55 19.45 -54.02 -28.35
CA VAL A 55 18.89 -52.75 -27.90
C VAL A 55 17.84 -52.24 -28.90
N ILE A 56 18.23 -52.07 -30.16
CA ILE A 56 17.40 -51.41 -31.18
C ILE A 56 16.71 -52.47 -32.04
N ASP A 57 15.40 -52.63 -31.85
CA ASP A 57 14.60 -53.55 -32.67
C ASP A 57 13.91 -52.75 -33.78
N SER A 58 14.73 -52.30 -34.73
CA SER A 58 14.32 -51.25 -35.64
C SER A 58 13.31 -51.75 -36.68
N LEU A 59 12.29 -50.94 -36.90
CA LEU A 59 11.37 -51.10 -38.01
C LEU A 59 12.16 -51.09 -39.31
N PRO A 60 11.62 -51.67 -40.37
CA PRO A 60 12.30 -51.58 -41.67
C PRO A 60 12.15 -50.17 -42.26
N PHE A 61 13.26 -49.64 -42.77
CA PHE A 61 13.16 -48.38 -43.49
C PHE A 61 12.38 -48.58 -44.78
N PRO A 62 11.41 -47.72 -45.07
CA PRO A 62 10.56 -47.92 -46.24
C PRO A 62 11.24 -47.49 -47.54
N LEU A 63 10.53 -47.76 -48.62
CA LEU A 63 10.91 -47.36 -49.98
C LEU A 63 10.58 -45.88 -50.21
N ILE A 64 11.58 -45.11 -50.61
CA ILE A 64 11.42 -43.68 -50.84
C ILE A 64 12.03 -43.25 -52.17
N LYS A 65 11.45 -42.19 -52.75
CA LYS A 65 12.04 -41.39 -53.82
C LYS A 65 12.39 -40.02 -53.25
N ASP A 66 13.61 -39.57 -53.45
CA ASP A 66 13.98 -38.29 -52.91
C ASP A 66 13.73 -37.23 -53.94
N LYS A 67 12.76 -36.36 -53.66
CA LYS A 67 12.39 -35.30 -54.56
C LYS A 67 12.83 -33.96 -54.02
N ILE A 68 13.84 -33.95 -53.19
CA ILE A 68 14.29 -32.73 -52.56
C ILE A 68 15.52 -32.09 -53.12
N GLU A 69 15.40 -30.81 -53.45
CA GLU A 69 16.54 -30.01 -53.89
C GLU A 69 16.72 -28.88 -52.90
N LEU A 70 17.90 -28.81 -52.28
CA LEU A 70 18.09 -27.91 -51.16
C LEU A 70 18.77 -26.63 -51.62
N ARG A 71 18.37 -25.51 -51.02
CA ARG A 71 19.23 -24.35 -51.07
C ARG A 71 20.52 -24.65 -50.31
N ASP A 72 21.49 -23.77 -50.43
CA ASP A 72 22.81 -24.19 -50.01
C ASP A 72 23.06 -23.96 -48.52
N TYR A 73 22.39 -22.98 -47.90
CA TYR A 73 22.36 -22.90 -46.44
C TYR A 73 21.66 -24.12 -45.88
N GLN A 74 20.68 -24.66 -46.61
CA GLN A 74 20.00 -25.86 -46.17
C GLN A 74 20.96 -27.05 -46.09
N ALA A 75 21.88 -27.16 -47.06
CA ALA A 75 22.81 -28.27 -47.08
C ALA A 75 23.94 -28.10 -46.06
N GLU A 76 24.44 -26.88 -45.83
CA GLU A 76 25.43 -26.76 -44.77
C GLU A 76 24.85 -27.21 -43.42
N ALA A 77 23.55 -26.98 -43.22
CA ALA A 77 22.88 -27.47 -42.02
C ALA A 77 22.90 -29.00 -41.97
N VAL A 78 22.54 -29.65 -43.09
CA VAL A 78 22.65 -31.10 -43.18
C VAL A 78 24.08 -31.54 -42.90
N LYS A 79 25.06 -30.81 -43.45
CA LYS A 79 26.45 -31.22 -43.25
C LYS A 79 26.87 -31.07 -41.80
N ALA A 80 26.34 -30.03 -41.13
CA ALA A 80 26.61 -29.82 -39.71
C ALA A 80 26.09 -30.97 -38.89
N TRP A 81 24.78 -31.24 -39.03
CA TRP A 81 24.13 -32.29 -38.26
C TRP A 81 24.80 -33.62 -38.48
N LEU A 82 25.26 -33.90 -39.71
CA LEU A 82 25.74 -35.25 -40.00
C LEU A 82 27.02 -35.58 -39.24
N LYS A 83 27.78 -34.57 -38.78
CA LYS A 83 29.04 -34.88 -38.13
C LYS A 83 28.84 -35.65 -36.83
N GLU A 84 27.82 -35.31 -36.08
CA GLU A 84 27.54 -36.01 -34.84
C GLU A 84 26.17 -36.69 -34.78
N LYS A 85 25.23 -36.37 -35.68
CA LYS A 85 23.93 -37.05 -35.75
C LYS A 85 23.18 -37.02 -34.42
N ARG A 86 23.42 -35.95 -33.66
CA ARG A 86 22.74 -35.71 -32.39
C ARG A 86 22.83 -34.21 -32.18
N GLY A 87 21.77 -33.48 -32.52
CA GLY A 87 21.83 -32.02 -32.39
C GLY A 87 20.59 -31.32 -32.91
N ILE A 88 20.56 -30.00 -32.69
CA ILE A 88 19.45 -29.14 -33.06
C ILE A 88 19.88 -28.24 -34.22
N ILE A 89 18.96 -28.02 -35.17
CA ILE A 89 19.14 -27.09 -36.28
C ILE A 89 18.18 -25.91 -36.08
N VAL A 90 18.72 -24.72 -35.86
CA VAL A 90 17.90 -23.53 -35.65
C VAL A 90 17.83 -22.74 -36.95
N LEU A 91 16.65 -22.69 -37.53
CA LEU A 91 16.35 -21.87 -38.70
C LEU A 91 15.04 -21.16 -38.48
N PRO A 92 14.90 -19.92 -38.97
CA PRO A 92 13.65 -19.18 -38.79
C PRO A 92 12.48 -19.81 -39.53
N THR A 93 11.28 -19.37 -39.14
CA THR A 93 10.06 -19.84 -39.78
C THR A 93 10.13 -19.56 -41.27
N GLY A 94 9.78 -20.56 -42.08
CA GLY A 94 9.77 -20.42 -43.53
C GLY A 94 11.09 -20.62 -44.23
N ALA A 95 12.20 -20.80 -43.50
CA ALA A 95 13.48 -21.16 -44.10
C ALA A 95 13.55 -22.62 -44.54
N GLY A 96 12.46 -23.39 -44.44
CA GLY A 96 12.42 -24.76 -44.88
C GLY A 96 13.09 -25.79 -43.97
N LYS A 97 12.79 -25.76 -42.67
CA LYS A 97 13.38 -26.76 -41.77
C LYS A 97 12.94 -28.16 -42.17
N THR A 98 11.64 -28.33 -42.46
CA THR A 98 11.09 -29.63 -42.84
C THR A 98 11.91 -30.29 -43.95
N GLN A 99 12.34 -29.53 -44.93
CA GLN A 99 13.03 -30.20 -46.03
C GLN A 99 14.47 -30.54 -45.68
N VAL A 100 15.10 -29.79 -44.77
CA VAL A 100 16.40 -30.22 -44.27
C VAL A 100 16.26 -31.53 -43.53
N ALA A 101 15.19 -31.64 -42.74
CA ALA A 101 14.90 -32.86 -41.97
C ALA A 101 14.69 -34.05 -42.89
N LEU A 102 13.75 -33.92 -43.83
CA LEU A 102 13.45 -35.02 -44.73
C LEU A 102 14.66 -35.40 -45.59
N LYS A 103 15.53 -34.44 -45.93
CA LYS A 103 16.76 -34.81 -46.61
C LYS A 103 17.63 -35.68 -45.72
N ILE A 104 17.77 -35.30 -44.45
CA ILE A 104 18.51 -36.14 -43.50
C ILE A 104 17.90 -37.55 -43.48
N VAL A 105 16.57 -37.62 -43.40
CA VAL A 105 15.89 -38.93 -43.36
C VAL A 105 16.34 -39.81 -44.52
N SER A 106 16.38 -39.24 -45.73
CA SER A 106 16.75 -40.00 -46.92
C SER A 106 18.24 -40.35 -46.93
N ILE A 107 19.11 -39.44 -46.47
CA ILE A 107 20.52 -39.80 -46.36
C ILE A 107 20.73 -40.94 -45.37
N MET A 108 20.08 -40.87 -44.21
CA MET A 108 20.31 -41.85 -43.14
C MET A 108 19.73 -43.21 -43.49
N LYS A 109 18.51 -43.23 -44.02
CA LYS A 109 17.89 -44.47 -44.50
C LYS A 109 17.60 -45.43 -43.33
N VAL A 110 17.38 -44.87 -42.13
CA VAL A 110 16.98 -45.65 -40.97
C VAL A 110 15.57 -45.23 -40.58
N ALA A 111 14.88 -46.11 -39.88
CA ALA A 111 13.51 -45.82 -39.43
C ALA A 111 13.50 -44.53 -38.62
N THR A 112 12.46 -43.72 -38.82
CA THR A 112 12.46 -42.36 -38.32
C THR A 112 11.14 -42.03 -37.66
N LEU A 113 11.22 -41.52 -36.44
CA LEU A 113 10.05 -41.04 -35.73
C LEU A 113 10.13 -39.52 -35.60
N ILE A 114 9.06 -38.85 -36.03
CA ILE A 114 8.99 -37.41 -36.11
C ILE A 114 7.93 -36.95 -35.13
N VAL A 115 8.34 -36.14 -34.15
CA VAL A 115 7.52 -35.78 -32.99
C VAL A 115 7.14 -34.32 -33.13
N VAL A 116 5.84 -34.05 -33.15
CA VAL A 116 5.31 -32.71 -33.42
C VAL A 116 4.33 -32.34 -32.31
N PRO A 117 4.11 -31.04 -32.09
CA PRO A 117 3.34 -30.62 -30.93
C PRO A 117 1.84 -30.42 -31.13
N THR A 118 1.34 -30.36 -32.37
CA THR A 118 -0.06 -30.07 -32.60
C THR A 118 -0.59 -30.90 -33.76
N ILE A 119 -1.91 -31.07 -33.78
CA ILE A 119 -2.58 -31.92 -34.78
C ILE A 119 -2.40 -31.35 -36.19
N ASP A 120 -2.30 -30.02 -36.32
CA ASP A 120 -2.10 -29.41 -37.63
C ASP A 120 -0.71 -29.71 -38.17
N LEU A 121 0.30 -29.79 -37.30
CA LEU A 121 1.62 -30.16 -37.76
C LEU A 121 1.73 -31.66 -38.09
N ILE A 122 0.85 -32.52 -37.57
CA ILE A 122 0.80 -33.89 -38.08
C ILE A 122 0.42 -33.86 -39.55
N THR A 123 -0.76 -33.33 -39.88
CA THR A 123 -1.25 -33.35 -41.25
C THR A 123 -0.28 -32.63 -42.19
N GLN A 124 0.33 -31.55 -41.72
CA GLN A 124 1.34 -30.86 -42.51
C GLN A 124 2.55 -31.75 -42.79
N TRP A 125 3.14 -32.34 -41.75
CA TRP A 125 4.27 -33.24 -41.99
C TRP A 125 3.88 -34.42 -42.87
N LYS A 126 2.68 -34.97 -42.67
CA LYS A 126 2.16 -36.04 -43.52
C LYS A 126 2.16 -35.62 -44.98
N GLU A 127 1.74 -34.37 -45.25
CA GLU A 127 1.67 -33.88 -46.63
C GLU A 127 3.08 -33.71 -47.19
N ARG A 128 3.97 -33.08 -46.43
CA ARG A 128 5.32 -32.85 -46.94
C ARG A 128 6.06 -34.15 -47.23
N ILE A 129 5.76 -35.22 -46.47
CA ILE A 129 6.45 -36.50 -46.69
C ILE A 129 5.97 -37.17 -47.95
N ASN A 130 4.65 -37.09 -48.22
CA ASN A 130 4.12 -37.56 -49.48
C ASN A 130 4.80 -36.85 -50.66
N LYS A 131 4.80 -35.51 -50.63
CA LYS A 131 5.38 -34.75 -51.72
C LYS A 131 6.86 -35.06 -51.90
N TYR A 132 7.66 -34.80 -50.87
CA TYR A 132 9.10 -34.75 -51.03
C TYR A 132 9.78 -36.10 -50.82
N LEU A 133 9.07 -37.10 -50.30
CA LEU A 133 9.63 -38.43 -50.14
C LEU A 133 8.82 -39.53 -50.81
N ASP A 134 7.59 -39.24 -51.24
CA ASP A 134 6.75 -40.21 -51.90
C ASP A 134 6.58 -41.44 -51.02
N PHE A 135 6.14 -41.18 -49.79
CA PHE A 135 5.77 -42.23 -48.86
C PHE A 135 4.62 -41.73 -48.01
N ASP A 136 3.55 -42.52 -47.89
CA ASP A 136 2.48 -42.15 -46.97
C ASP A 136 2.89 -42.66 -45.59
N PRO A 137 3.21 -41.79 -44.64
CA PRO A 137 3.84 -42.24 -43.39
C PRO A 137 2.83 -42.80 -42.40
N GLY A 138 3.35 -43.48 -41.38
CA GLY A 138 2.53 -43.83 -40.25
C GLY A 138 2.18 -42.60 -39.43
N ILE A 139 0.98 -42.61 -38.86
CA ILE A 139 0.50 -41.49 -38.06
C ILE A 139 -0.06 -42.03 -36.75
N ILE A 140 0.48 -41.52 -35.64
CA ILE A 140 -0.03 -41.78 -34.29
C ILE A 140 -0.40 -40.42 -33.68
N GLY A 141 -1.70 -40.17 -33.54
CA GLY A 141 -2.18 -38.91 -32.97
C GLY A 141 -3.44 -38.36 -33.62
N GLY A 142 -4.23 -37.65 -32.83
CA GLY A 142 -5.54 -37.18 -33.27
C GLY A 142 -6.63 -38.23 -33.24
N GLY A 143 -6.31 -39.49 -32.89
CA GLY A 143 -7.22 -40.61 -32.98
C GLY A 143 -6.84 -41.63 -34.03
N GLU A 144 -5.82 -41.36 -34.83
CA GLU A 144 -5.29 -42.32 -35.80
C GLU A 144 -4.11 -43.09 -35.16
N ASP A 145 -3.97 -44.40 -35.55
CA ASP A 145 -2.89 -45.26 -35.02
C ASP A 145 -2.40 -46.20 -36.15
N SER A 146 -1.50 -45.69 -36.98
CA SER A 146 -0.73 -46.51 -37.92
C SER A 146 0.76 -46.31 -37.67
N LEU A 147 1.54 -47.38 -37.80
CA LEU A 147 2.93 -47.38 -37.40
C LEU A 147 3.75 -47.95 -38.55
N LYS A 148 4.54 -47.12 -39.20
CA LYS A 148 5.35 -47.56 -40.33
C LYS A 148 6.79 -47.13 -40.11
N GLY A 149 7.65 -47.51 -41.06
CA GLY A 149 9.08 -47.25 -40.91
C GLY A 149 9.39 -45.77 -40.72
N ILE A 150 8.52 -44.90 -41.24
CA ILE A 150 8.53 -43.48 -40.96
C ILE A 150 7.18 -43.14 -40.37
N THR A 151 7.18 -42.54 -39.18
CA THR A 151 5.95 -42.26 -38.45
C THR A 151 5.98 -40.83 -37.90
N VAL A 152 4.84 -40.14 -38.01
CA VAL A 152 4.62 -38.84 -37.36
C VAL A 152 3.74 -39.07 -36.15
N ILE A 153 4.11 -38.48 -35.02
CA ILE A 153 3.46 -38.71 -33.75
C ILE A 153 3.47 -37.39 -32.98
N THR A 154 2.47 -37.22 -32.10
CA THR A 154 2.44 -36.10 -31.18
C THR A 154 3.47 -36.28 -30.07
N TYR A 155 3.85 -35.17 -29.39
CA TYR A 155 4.63 -35.32 -28.17
C TYR A 155 3.87 -36.16 -27.14
N ASP A 156 2.56 -35.91 -27.03
CA ASP A 156 1.77 -36.57 -26.00
C ASP A 156 1.81 -38.07 -26.16
N SER A 157 1.62 -38.55 -27.39
CA SER A 157 1.57 -40.00 -27.59
C SER A 157 2.96 -40.64 -27.64
N ALA A 158 3.98 -39.89 -28.06
CA ALA A 158 5.35 -40.38 -27.88
C ALA A 158 5.65 -40.59 -26.41
N TYR A 159 5.20 -39.68 -25.56
CA TYR A 159 5.40 -39.86 -24.13
C TYR A 159 4.61 -41.04 -23.62
N THR A 160 3.36 -41.17 -24.09
CA THR A 160 2.50 -42.25 -23.63
C THR A 160 3.07 -43.60 -24.03
N ARG A 161 3.59 -43.69 -25.25
CA ARG A 161 4.00 -44.96 -25.86
C ARG A 161 5.50 -45.14 -25.92
N ALA A 162 6.24 -44.42 -25.07
CA ALA A 162 7.70 -44.35 -25.20
C ALA A 162 8.36 -45.71 -24.99
N GLU A 163 8.00 -46.41 -23.90
CA GLU A 163 8.62 -47.70 -23.63
C GLU A 163 8.38 -48.68 -24.78
N GLU A 164 7.22 -48.57 -25.45
CA GLU A 164 6.95 -49.43 -26.59
C GLU A 164 7.78 -49.03 -27.81
N LEU A 165 7.94 -47.73 -28.06
CA LEU A 165 8.60 -47.28 -29.28
C LEU A 165 10.05 -46.90 -29.06
N GLY A 166 10.53 -46.93 -27.83
CA GLY A 166 11.83 -46.36 -27.54
C GLY A 166 12.95 -47.01 -28.34
N ASN A 167 12.77 -48.29 -28.69
CA ASN A 167 13.82 -49.03 -29.37
C ASN A 167 13.53 -49.30 -30.85
N LYS A 168 12.46 -48.72 -31.40
CA LYS A 168 12.03 -49.05 -32.75
C LYS A 168 12.56 -48.08 -33.81
N PHE A 169 12.96 -46.87 -33.47
CA PHE A 169 13.41 -45.92 -34.49
C PHE A 169 14.80 -45.44 -34.15
N PRO A 170 15.79 -45.66 -35.02
CA PRO A 170 17.13 -45.15 -34.73
C PRO A 170 17.25 -43.63 -34.84
N LEU A 171 16.47 -43.01 -35.72
CA LEU A 171 16.45 -41.56 -35.92
C LEU A 171 15.22 -41.00 -35.25
N LEU A 172 15.41 -39.92 -34.53
CA LEU A 172 14.35 -39.32 -33.74
C LEU A 172 14.37 -37.83 -34.03
N ILE A 173 13.31 -37.33 -34.64
CA ILE A 173 13.26 -35.94 -35.08
C ILE A 173 12.18 -35.21 -34.29
N PHE A 174 12.60 -34.22 -33.51
CA PHE A 174 11.72 -33.45 -32.64
C PHE A 174 11.45 -32.12 -33.30
N ASP A 175 10.31 -31.98 -33.98
CA ASP A 175 9.90 -30.66 -34.44
C ASP A 175 9.51 -29.80 -33.26
N GLU A 176 9.73 -28.49 -33.39
CA GLU A 176 9.43 -27.55 -32.31
C GLU A 176 10.12 -28.00 -31.04
N VAL A 177 11.44 -28.20 -31.15
CA VAL A 177 12.13 -28.97 -30.12
C VAL A 177 12.21 -28.22 -28.81
N HIS A 178 11.86 -26.93 -28.82
CA HIS A 178 11.80 -26.17 -27.57
C HIS A 178 10.74 -26.71 -26.63
N HIS A 179 9.81 -27.51 -27.14
CA HIS A 179 8.87 -28.15 -26.25
C HIS A 179 9.53 -29.23 -25.43
N LEU A 180 10.64 -29.78 -25.90
CA LEU A 180 11.12 -31.03 -25.31
C LEU A 180 11.53 -30.89 -23.85
N PRO A 181 12.12 -29.78 -23.39
CA PRO A 181 12.46 -29.70 -21.97
C PRO A 181 11.26 -29.54 -21.04
N SER A 182 10.03 -29.45 -21.55
CA SER A 182 8.90 -29.30 -20.65
C SER A 182 8.69 -30.59 -19.84
N GLU A 183 7.86 -30.47 -18.79
CA GLU A 183 7.86 -31.43 -17.68
C GLU A 183 7.65 -32.87 -18.16
N GLY A 184 6.55 -33.13 -18.89
CA GLY A 184 6.31 -34.51 -19.28
C GLY A 184 7.30 -34.98 -20.33
N TYR A 185 7.59 -34.11 -21.30
CA TYR A 185 8.28 -34.50 -22.51
C TYR A 185 9.77 -34.79 -22.27
N SER A 186 10.37 -34.17 -21.26
CA SER A 186 11.80 -34.38 -21.05
C SER A 186 12.10 -35.82 -20.67
N ILE A 187 11.18 -36.50 -19.98
CA ILE A 187 11.44 -37.89 -19.64
C ILE A 187 11.07 -38.78 -20.81
N MET A 188 10.24 -38.28 -21.72
CA MET A 188 10.01 -39.01 -22.96
C MET A 188 11.29 -39.11 -23.79
N ALA A 189 12.02 -38.00 -23.90
CA ALA A 189 13.29 -37.97 -24.62
C ALA A 189 14.27 -38.99 -24.05
N GLN A 190 14.33 -39.11 -22.71
CA GLN A 190 15.25 -40.02 -22.05
C GLN A 190 14.84 -41.48 -22.15
N LEU A 191 13.57 -41.77 -22.40
CA LEU A 191 13.13 -43.16 -22.54
C LEU A 191 13.48 -43.78 -23.89
N PHE A 192 13.63 -42.98 -24.95
CA PHE A 192 14.01 -43.52 -26.26
C PHE A 192 15.49 -43.90 -26.29
N ALA A 193 15.79 -44.99 -27.00
CA ALA A 193 17.18 -45.40 -27.13
C ALA A 193 17.83 -44.78 -28.32
N SER A 194 17.03 -44.13 -29.17
CA SER A 194 17.37 -43.66 -30.49
C SER A 194 18.73 -42.99 -30.48
N PRO A 195 19.73 -43.52 -31.18
CA PRO A 195 21.07 -42.93 -31.11
C PRO A 195 21.21 -41.66 -31.90
N TYR A 196 20.31 -41.41 -32.86
CA TYR A 196 20.39 -40.28 -33.78
C TYR A 196 19.20 -39.36 -33.55
N ARG A 197 19.46 -38.12 -33.17
CA ARG A 197 18.42 -37.17 -32.83
C ARG A 197 18.63 -35.85 -33.57
N LEU A 198 17.55 -35.32 -34.14
CA LEU A 198 17.53 -34.03 -34.80
C LEU A 198 16.41 -33.18 -34.22
N GLY A 199 16.76 -32.04 -33.65
CA GLY A 199 15.79 -31.07 -33.18
C GLY A 199 15.68 -29.88 -34.13
N LEU A 200 14.44 -29.45 -34.39
CA LEU A 200 14.15 -28.30 -35.24
C LEU A 200 13.40 -27.26 -34.41
N THR A 201 13.86 -26.00 -34.44
CA THR A 201 13.16 -24.88 -33.82
C THR A 201 13.69 -23.56 -34.39
N ALA A 202 12.84 -22.52 -34.36
CA ALA A 202 13.33 -21.16 -34.55
C ALA A 202 13.46 -20.41 -33.25
N THR A 203 13.01 -21.02 -32.15
CA THR A 203 12.93 -20.41 -30.83
C THR A 203 13.57 -21.36 -29.84
N PRO A 204 14.90 -21.52 -29.90
CA PRO A 204 15.55 -22.49 -29.01
C PRO A 204 15.53 -22.06 -27.56
N GLU A 205 15.53 -20.76 -27.28
CA GLU A 205 15.60 -20.31 -25.89
C GLU A 205 14.22 -20.32 -25.27
N ARG A 206 14.20 -20.55 -23.95
CA ARG A 206 12.97 -20.66 -23.19
C ARG A 206 13.03 -19.68 -22.03
N ASP A 207 11.85 -19.23 -21.57
CA ASP A 207 11.87 -18.25 -20.49
C ASP A 207 12.26 -18.90 -19.17
N ASP A 208 11.93 -20.19 -18.98
CA ASP A 208 12.39 -20.92 -17.80
C ASP A 208 13.83 -21.38 -17.89
N GLY A 209 14.48 -21.14 -19.03
CA GLY A 209 15.88 -21.46 -19.17
C GLY A 209 16.16 -22.93 -19.29
N LYS A 210 15.15 -23.73 -19.59
CA LYS A 210 15.34 -25.17 -19.62
C LYS A 210 15.92 -25.63 -20.94
N HIS A 211 16.22 -24.70 -21.83
CA HIS A 211 17.01 -25.04 -23.00
C HIS A 211 18.43 -25.45 -22.63
N GLU A 212 18.87 -25.14 -21.41
CA GLU A 212 20.08 -25.75 -20.86
C GLU A 212 20.04 -27.28 -20.89
N LEU A 213 18.87 -27.88 -21.08
CA LEU A 213 18.82 -29.33 -21.07
C LEU A 213 19.03 -29.94 -22.44
N TYR A 214 19.15 -29.12 -23.48
CA TYR A 214 19.21 -29.67 -24.83
C TYR A 214 20.26 -30.75 -24.98
N PRO A 215 21.54 -30.53 -24.65
CA PRO A 215 22.56 -31.57 -24.89
C PRO A 215 22.20 -32.94 -24.35
N ILE A 216 21.50 -33.00 -23.21
CA ILE A 216 21.09 -34.27 -22.62
C ILE A 216 19.96 -34.89 -23.44
N LEU A 217 18.97 -34.10 -23.83
CA LEU A 217 17.76 -34.68 -24.39
C LEU A 217 17.80 -34.83 -25.91
N VAL A 218 18.41 -33.90 -26.64
CA VAL A 218 18.42 -34.02 -28.09
C VAL A 218 19.81 -33.94 -28.71
N GLY A 219 20.69 -33.20 -28.06
CA GLY A 219 21.90 -32.78 -28.69
C GLY A 219 21.95 -31.27 -28.60
N PRO A 220 23.13 -30.70 -28.76
CA PRO A 220 23.27 -29.25 -28.71
C PRO A 220 22.87 -28.65 -30.04
N ILE A 221 22.86 -27.32 -30.10
CA ILE A 221 22.70 -26.65 -31.39
C ILE A 221 23.95 -26.88 -32.21
N VAL A 222 23.79 -27.24 -33.47
CA VAL A 222 24.93 -27.44 -34.36
C VAL A 222 24.88 -26.56 -35.60
N TYR A 223 23.84 -25.73 -35.72
CA TYR A 223 23.68 -24.84 -36.85
C TYR A 223 22.59 -23.80 -36.59
N ARG A 224 22.91 -22.52 -36.70
CA ARG A 224 21.93 -21.47 -36.45
C ARG A 224 22.13 -20.31 -37.40
N LYS A 225 21.05 -19.88 -38.07
CA LYS A 225 21.02 -18.69 -38.91
C LYS A 225 19.77 -17.88 -38.59
N SER A 226 19.93 -16.57 -38.41
CA SER A 226 18.83 -15.64 -38.23
C SER A 226 18.20 -15.29 -39.58
N VAL A 227 17.03 -14.66 -39.54
CA VAL A 227 16.47 -14.19 -40.80
C VAL A 227 17.31 -13.07 -41.40
N GLU A 228 17.86 -12.21 -40.56
CA GLU A 228 18.84 -11.22 -41.01
C GLU A 228 20.01 -11.85 -41.76
N GLU A 229 20.63 -12.88 -41.18
CA GLU A 229 21.68 -13.60 -41.88
C GLU A 229 21.15 -14.21 -43.17
N LEU A 230 19.96 -14.78 -43.13
CA LEU A 230 19.45 -15.45 -44.31
C LEU A 230 18.85 -14.48 -45.32
N ALA A 231 18.84 -13.18 -45.04
CA ALA A 231 18.47 -12.18 -46.02
C ALA A 231 19.67 -11.44 -46.57
N GLY A 232 20.86 -12.05 -46.49
CA GLY A 232 22.06 -11.44 -47.04
C GLY A 232 21.99 -11.29 -48.55
N LYS A 233 22.85 -10.41 -49.07
CA LYS A 233 22.99 -10.25 -50.52
C LYS A 233 23.27 -11.57 -51.21
N TYR A 234 24.20 -12.38 -50.66
CA TYR A 234 24.72 -13.55 -51.37
C TYR A 234 23.96 -14.82 -51.05
N ILE A 235 23.12 -14.81 -50.01
CA ILE A 235 22.40 -16.00 -49.55
C ILE A 235 20.92 -15.99 -49.94
N ALA A 236 20.27 -14.82 -49.96
CA ALA A 236 18.87 -14.76 -50.29
C ALA A 236 18.68 -15.00 -51.79
N LYS A 237 17.43 -15.28 -52.21
CA LYS A 237 17.12 -15.65 -53.59
C LYS A 237 16.38 -14.56 -54.36
N TYR A 238 16.41 -13.33 -53.87
CA TYR A 238 15.81 -12.19 -54.54
C TYR A 238 16.83 -11.06 -54.47
N LYS A 239 16.81 -10.17 -55.45
CA LYS A 239 17.77 -9.08 -55.43
C LYS A 239 17.23 -7.96 -54.55
N ILE A 240 18.15 -7.23 -53.90
CA ILE A 240 17.78 -6.05 -53.12
C ILE A 240 18.46 -4.85 -53.75
N LYS A 241 17.67 -3.85 -54.12
CA LYS A 241 18.18 -2.72 -54.88
C LYS A 241 17.63 -1.44 -54.28
N LYS A 242 18.51 -0.45 -54.10
CA LYS A 242 18.13 0.89 -53.65
C LYS A 242 18.21 1.85 -54.83
N LEU A 243 17.10 2.47 -55.16
CA LEU A 243 17.06 3.54 -56.14
C LEU A 243 16.93 4.86 -55.39
N TYR A 244 17.78 5.82 -55.73
CA TYR A 244 17.90 7.06 -54.99
C TYR A 244 17.22 8.20 -55.74
N VAL A 245 16.50 9.06 -55.01
CA VAL A 245 15.84 10.21 -55.59
C VAL A 245 16.19 11.46 -54.79
N SER A 246 15.91 12.63 -55.36
CA SER A 246 16.17 13.87 -54.65
C SER A 246 14.87 14.54 -54.23
N LEU A 247 14.90 15.25 -53.10
CA LEU A 247 13.72 15.99 -52.69
C LEU A 247 13.34 17.04 -53.74
N THR A 248 12.06 17.38 -53.74
CA THR A 248 11.59 18.57 -54.42
C THR A 248 12.36 19.79 -53.96
N ASN A 249 12.41 20.82 -54.81
CA ASN A 249 13.05 22.06 -54.41
C ASN A 249 12.41 22.62 -53.16
N GLU A 250 11.07 22.60 -53.10
CA GLU A 250 10.35 23.08 -51.93
C GLU A 250 10.56 22.17 -50.74
N GLU A 251 10.59 20.85 -50.99
CA GLU A 251 10.88 19.93 -49.91
C GLU A 251 12.26 20.22 -49.34
N LYS A 252 13.27 20.39 -50.20
CA LYS A 252 14.62 20.64 -49.72
C LYS A 252 14.67 21.92 -48.89
N LYS A 253 13.92 22.94 -49.30
CA LYS A 253 13.86 24.17 -48.51
C LYS A 253 13.37 23.86 -47.11
N ARG A 254 12.19 23.23 -47.03
CA ARG A 254 11.58 22.93 -45.73
C ARG A 254 12.45 21.98 -44.93
N TYR A 255 12.86 20.88 -45.55
CA TYR A 255 13.71 19.91 -44.89
C TYR A 255 14.95 20.57 -44.32
N ASP A 256 15.70 21.32 -45.14
CA ASP A 256 16.91 21.93 -44.61
C ASP A 256 16.58 22.92 -43.49
N GLY A 257 15.51 23.72 -43.66
CA GLY A 257 15.09 24.66 -42.62
C GLY A 257 14.79 23.99 -41.29
N LEU A 258 14.07 22.87 -41.34
CA LEU A 258 13.83 22.10 -40.13
C LEU A 258 15.14 21.59 -39.52
N ARG A 259 16.04 21.07 -40.35
CA ARG A 259 17.29 20.53 -39.83
C ARG A 259 18.09 21.60 -39.13
N LYS A 260 18.06 22.82 -39.67
CA LYS A 260 18.83 23.91 -39.06
C LYS A 260 18.25 24.28 -37.73
N LYS A 261 16.92 24.43 -37.68
CA LYS A 261 16.24 24.72 -36.43
C LYS A 261 16.65 23.71 -35.37
N LEU A 262 16.51 22.43 -35.70
CA LEU A 262 16.88 21.36 -34.77
C LEU A 262 18.34 21.45 -34.36
N LYS A 263 19.24 21.62 -35.32
CA LYS A 263 20.67 21.61 -35.00
C LYS A 263 21.04 22.78 -34.11
N ASP A 264 20.51 23.98 -34.41
CA ASP A 264 20.76 25.17 -33.61
C ASP A 264 20.27 25.01 -32.19
N PHE A 265 19.06 24.48 -32.01
CA PHE A 265 18.58 24.19 -30.67
C PHE A 265 19.55 23.30 -29.92
N LEU A 266 19.85 22.14 -30.50
CA LEU A 266 20.69 21.18 -29.83
C LEU A 266 21.99 21.83 -29.43
N SER A 267 22.56 22.65 -30.32
CA SER A 267 23.81 23.32 -29.99
C SER A 267 23.63 24.35 -28.90
N SER A 268 22.46 24.98 -28.82
CA SER A 268 22.22 26.03 -27.84
C SER A 268 22.04 25.51 -26.43
N ARG A 269 21.99 24.20 -26.26
CA ARG A 269 21.73 23.60 -24.97
C ARG A 269 22.79 22.57 -24.62
N GLY A 270 23.79 22.41 -25.48
CA GLY A 270 24.76 21.35 -25.28
C GLY A 270 24.15 19.97 -25.35
N LEU A 271 23.11 19.80 -26.14
CA LEU A 271 22.56 18.48 -26.42
C LEU A 271 23.09 17.96 -27.76
N LYS A 272 23.01 16.64 -27.92
CA LYS A 272 23.25 16.04 -29.21
C LYS A 272 22.15 15.00 -29.44
N LEU A 273 22.09 14.51 -30.69
CA LEU A 273 21.05 13.60 -31.14
C LEU A 273 21.69 12.55 -32.06
N GLN A 274 22.69 11.85 -31.52
CA GLN A 274 23.45 10.86 -32.29
C GLN A 274 23.01 9.42 -32.06
N ASN A 275 22.48 9.08 -30.89
CA ASN A 275 22.15 7.71 -30.55
C ASN A 275 20.82 7.72 -29.81
N LEU A 276 20.37 6.54 -29.40
CA LEU A 276 19.01 6.49 -28.90
C LEU A 276 18.92 6.90 -27.45
N ASP A 277 20.04 6.95 -26.75
CA ASP A 277 20.04 7.58 -25.42
C ASP A 277 19.90 9.07 -25.55
N ASP A 278 20.52 9.66 -26.58
CA ASP A 278 20.32 11.07 -26.83
C ASP A 278 18.85 11.38 -27.08
N PHE A 279 18.19 10.50 -27.82
CA PHE A 279 16.76 10.67 -28.11
C PHE A 279 15.94 10.68 -26.82
N HIS A 280 16.17 9.68 -25.94
CA HIS A 280 15.43 9.60 -24.68
C HIS A 280 15.55 10.89 -23.87
N ARG A 281 16.75 11.47 -23.85
CA ARG A 281 16.96 12.73 -23.15
C ARG A 281 16.11 13.83 -23.75
N LEU A 282 16.11 13.93 -25.09
CA LEU A 282 15.35 14.97 -25.75
C LEU A 282 13.85 14.77 -25.52
N VAL A 283 13.34 13.52 -25.62
CA VAL A 283 11.94 13.24 -25.30
C VAL A 283 11.63 13.60 -23.85
N LYS A 284 12.50 13.20 -22.93
CA LYS A 284 12.33 13.56 -21.52
C LYS A 284 12.21 15.09 -21.36
N LEU A 285 13.12 15.85 -21.96
CA LEU A 285 13.05 17.30 -21.80
C LEU A 285 11.80 17.86 -22.49
N ALA A 286 11.29 17.16 -23.50
CA ALA A 286 10.17 17.70 -24.24
C ALA A 286 8.87 17.68 -23.43
N ALA A 287 8.82 16.91 -22.34
CA ALA A 287 7.60 16.90 -21.54
C ALA A 287 7.36 18.26 -20.91
N LYS A 288 8.42 19.01 -20.61
CA LYS A 288 8.27 20.27 -19.90
C LYS A 288 8.99 21.48 -20.49
N ASP A 289 9.76 21.34 -21.57
CA ASP A 289 10.35 22.49 -22.28
C ASP A 289 9.74 22.60 -23.68
N LYS A 290 9.04 23.71 -23.94
CA LYS A 290 8.39 23.90 -25.23
C LYS A 290 9.39 23.80 -26.38
N GLU A 291 10.54 24.46 -26.24
CA GLU A 291 11.52 24.50 -27.34
C GLU A 291 12.09 23.11 -27.64
N ALA A 292 12.25 22.26 -26.60
CA ALA A 292 12.67 20.89 -26.87
C ALA A 292 11.60 20.15 -27.67
N ARG A 293 10.32 20.31 -27.30
CA ARG A 293 9.23 19.73 -28.08
C ARG A 293 9.31 20.14 -29.54
N GLU A 294 9.43 21.44 -29.81
CA GLU A 294 9.46 21.86 -31.20
C GLU A 294 10.65 21.29 -31.95
N ALA A 295 11.77 21.08 -31.23
CA ALA A 295 12.94 20.43 -31.80
C ALA A 295 12.63 19.00 -32.18
N LEU A 296 12.00 18.29 -31.27
CA LEU A 296 11.64 16.93 -31.54
C LEU A 296 10.61 16.90 -32.65
N LEU A 297 9.77 17.94 -32.74
CA LEU A 297 8.84 18.06 -33.85
C LEU A 297 9.57 18.24 -35.18
N ALA A 298 10.58 19.13 -35.19
CA ALA A 298 11.42 19.33 -36.38
C ALA A 298 12.06 18.03 -36.85
N TRP A 299 12.61 17.25 -35.92
CA TRP A 299 13.13 15.95 -36.23
C TRP A 299 12.08 15.11 -36.94
N HIS A 300 10.90 14.96 -36.34
CA HIS A 300 9.87 14.12 -36.97
C HIS A 300 9.46 14.68 -38.32
N GLU A 301 9.22 15.99 -38.40
CA GLU A 301 8.74 16.57 -39.65
C GLU A 301 9.79 16.48 -40.73
N SER A 302 11.06 16.68 -40.40
CA SER A 302 12.04 16.53 -41.46
C SER A 302 12.13 15.08 -41.89
N LEU A 303 12.12 14.14 -40.93
CA LEU A 303 12.16 12.72 -41.28
C LEU A 303 11.01 12.36 -42.21
N ASN A 304 9.81 12.87 -41.92
CA ASN A 304 8.61 12.60 -42.71
C ASN A 304 8.78 13.08 -44.16
N ILE A 305 9.40 14.25 -44.36
CA ILE A 305 9.66 14.77 -45.71
C ILE A 305 10.53 13.80 -46.49
N ALA A 306 11.67 13.40 -45.91
CA ALA A 306 12.59 12.50 -46.58
C ALA A 306 11.93 11.19 -46.92
N VAL A 307 11.10 10.68 -46.02
CA VAL A 307 10.55 9.35 -46.21
C VAL A 307 9.44 9.35 -47.23
N ASN A 308 8.67 10.41 -47.28
CA ASN A 308 7.44 10.45 -48.05
C ASN A 308 7.50 11.49 -49.17
N SER A 309 8.69 11.71 -49.70
CA SER A 309 8.90 12.73 -50.72
C SER A 309 8.11 12.42 -51.97
N GLN A 310 7.51 13.45 -52.56
CA GLN A 310 6.74 13.26 -53.79
C GLN A 310 7.61 12.69 -54.89
N SER A 311 8.93 12.90 -54.81
CA SER A 311 9.81 12.34 -55.82
C SER A 311 9.79 10.83 -55.81
N LYS A 312 9.37 10.22 -54.72
CA LYS A 312 9.29 8.77 -54.69
C LYS A 312 8.11 8.27 -55.50
N ILE A 313 7.06 9.08 -55.61
CA ILE A 313 5.93 8.71 -56.46
C ILE A 313 6.32 8.84 -57.92
N GLU A 314 7.07 9.89 -58.23
CA GLU A 314 7.52 10.05 -59.60
C GLU A 314 8.43 8.89 -60.01
N LYS A 315 9.33 8.49 -59.11
CA LYS A 315 10.16 7.33 -59.38
C LYS A 315 9.32 6.06 -59.45
N LEU A 316 8.31 5.97 -58.58
CA LEU A 316 7.45 4.80 -58.60
C LEU A 316 6.79 4.64 -59.95
N ARG A 317 6.33 5.74 -60.55
CA ARG A 317 5.74 5.66 -61.87
C ARG A 317 6.72 5.06 -62.87
N GLU A 318 7.97 5.51 -62.86
CA GLU A 318 8.98 4.92 -63.74
C GLU A 318 9.10 3.40 -63.53
N ILE A 319 9.10 2.94 -62.28
CA ILE A 319 9.26 1.52 -62.02
C ILE A 319 8.05 0.74 -62.52
N LEU A 320 6.85 1.24 -62.23
CA LEU A 320 5.67 0.52 -62.68
C LEU A 320 5.60 0.49 -64.19
N GLN A 321 6.22 1.46 -64.85
CA GLN A 321 6.33 1.44 -66.29
C GLN A 321 7.38 0.46 -66.78
N GLU A 322 8.43 0.22 -66.01
CA GLU A 322 9.46 -0.73 -66.42
C GLU A 322 8.99 -2.18 -66.27
N TYR A 323 8.03 -2.42 -65.38
CA TYR A 323 7.61 -3.78 -65.05
C TYR A 323 6.12 -3.92 -65.27
N LYS A 324 5.66 -3.54 -66.47
CA LYS A 324 4.27 -3.67 -66.85
C LYS A 324 3.73 -5.08 -66.64
N ASN A 325 4.58 -6.10 -66.69
CA ASN A 325 4.10 -7.48 -66.77
C ASN A 325 4.24 -8.27 -65.48
N GLU A 326 4.86 -7.71 -64.44
CA GLU A 326 5.10 -8.41 -63.18
C GLU A 326 4.00 -8.08 -62.17
N LYS A 327 3.98 -8.83 -61.07
CA LYS A 327 2.92 -8.72 -60.07
C LYS A 327 3.49 -7.96 -58.88
N ILE A 328 3.10 -6.70 -58.71
CA ILE A 328 3.82 -5.76 -57.84
C ILE A 328 2.98 -5.41 -56.62
N ILE A 329 3.62 -5.41 -55.46
CA ILE A 329 3.03 -4.90 -54.22
C ILE A 329 3.92 -3.77 -53.70
N VAL A 330 3.31 -2.64 -53.39
CA VAL A 330 4.00 -1.47 -52.89
C VAL A 330 3.72 -1.36 -51.39
N PHE A 331 4.78 -1.21 -50.61
CA PHE A 331 4.64 -1.08 -49.17
C PHE A 331 4.92 0.35 -48.75
N THR A 332 4.15 0.85 -47.80
CA THR A 332 4.50 2.10 -47.14
C THR A 332 4.42 1.84 -45.65
N ARG A 333 4.91 2.79 -44.85
CA ARG A 333 4.63 2.67 -43.42
C ARG A 333 3.40 3.49 -43.05
N ASP A 334 3.36 4.74 -43.48
CA ASP A 334 2.22 5.60 -43.18
C ASP A 334 1.02 5.17 -44.02
N THR A 335 -0.19 5.36 -43.47
CA THR A 335 -1.38 5.09 -44.27
C THR A 335 -1.63 6.19 -45.29
N GLN A 336 -1.35 7.43 -44.93
CA GLN A 336 -1.62 8.55 -45.83
C GLN A 336 -0.84 8.41 -47.13
N MET A 337 0.40 7.92 -47.07
CA MET A 337 1.15 7.69 -48.31
C MET A 337 0.47 6.64 -49.18
N ALA A 338 -0.05 5.58 -48.57
CA ALA A 338 -0.72 4.56 -49.34
C ALA A 338 -1.91 5.11 -50.11
N TYR A 339 -2.60 6.11 -49.56
CA TYR A 339 -3.74 6.72 -50.24
C TYR A 339 -3.27 7.63 -51.36
N ARG A 340 -2.18 8.38 -51.14
CA ARG A 340 -1.56 9.15 -52.23
C ARG A 340 -1.24 8.25 -53.41
N ILE A 341 -0.68 7.07 -53.13
CA ILE A 341 -0.21 6.17 -54.17
C ILE A 341 -1.40 5.54 -54.89
N SER A 342 -2.48 5.23 -54.15
CA SER A 342 -3.66 4.62 -54.75
C SER A 342 -4.45 5.62 -55.60
N LYS A 343 -4.54 6.86 -55.13
CA LYS A 343 -5.15 7.90 -55.94
C LYS A 343 -4.34 8.19 -57.20
N THR A 344 -3.00 8.25 -57.05
CA THR A 344 -2.16 8.64 -58.17
C THR A 344 -2.17 7.64 -59.31
N PHE A 345 -2.31 6.35 -59.00
CA PHE A 345 -2.21 5.30 -60.01
C PHE A 345 -3.48 4.48 -60.16
N LEU A 346 -4.51 4.76 -59.37
CA LEU A 346 -5.76 4.00 -59.36
C LEU A 346 -5.49 2.50 -59.14
N ILE A 347 -4.85 2.20 -58.02
CA ILE A 347 -4.60 0.81 -57.63
C ILE A 347 -5.19 0.57 -56.25
N PRO A 348 -5.58 -0.66 -55.93
CA PRO A 348 -6.16 -0.94 -54.62
C PRO A 348 -5.19 -0.69 -53.48
N VAL A 349 -5.74 -0.25 -52.35
CA VAL A 349 -4.93 -0.03 -51.15
C VAL A 349 -5.45 -0.90 -50.00
N VAL A 350 -4.52 -1.37 -49.18
CA VAL A 350 -4.84 -2.12 -47.97
C VAL A 350 -4.09 -1.53 -46.77
N THR A 351 -4.82 -1.08 -45.76
CA THR A 351 -4.22 -0.65 -44.49
C THR A 351 -4.65 -1.60 -43.38
N TYR A 352 -4.22 -1.28 -42.15
CA TYR A 352 -4.63 -2.09 -41.00
C TYR A 352 -6.11 -1.92 -40.69
N LYS A 353 -6.70 -0.80 -41.06
CA LYS A 353 -8.08 -0.51 -40.73
C LYS A 353 -9.04 -0.87 -41.86
N THR A 354 -8.58 -1.59 -42.89
CA THR A 354 -9.52 -2.01 -43.92
C THR A 354 -10.36 -3.15 -43.40
N ASP A 355 -11.67 -3.04 -43.63
CA ASP A 355 -12.61 -4.08 -43.28
C ASP A 355 -12.12 -5.43 -43.79
N LYS A 356 -12.26 -6.46 -42.95
CA LYS A 356 -11.74 -7.76 -43.32
C LYS A 356 -12.40 -8.31 -44.57
N ASP A 357 -13.66 -7.95 -44.83
CA ASP A 357 -14.33 -8.39 -46.05
C ASP A 357 -13.61 -7.84 -47.28
N GLU A 358 -13.41 -6.52 -47.34
CA GLU A 358 -12.74 -5.92 -48.49
C GLU A 358 -11.29 -6.34 -48.54
N ARG A 359 -10.65 -6.45 -47.39
CA ARG A 359 -9.28 -6.84 -47.40
C ARG A 359 -9.16 -8.19 -48.04
N GLU A 360 -10.02 -9.11 -47.66
CA GLU A 360 -9.99 -10.43 -48.33
C GLU A 360 -10.27 -10.32 -49.83
N GLU A 361 -11.20 -9.43 -50.22
CA GLU A 361 -11.50 -9.26 -51.64
C GLU A 361 -10.28 -8.79 -52.42
N ILE A 362 -9.54 -7.83 -51.85
CA ILE A 362 -8.43 -7.22 -52.59
C ILE A 362 -7.33 -8.24 -52.84
N LEU A 363 -6.89 -8.93 -51.79
CA LEU A 363 -5.76 -9.84 -51.97
C LEU A 363 -6.11 -11.00 -52.87
N GLN A 364 -7.36 -11.45 -52.83
CA GLN A 364 -7.75 -12.54 -53.72
C GLN A 364 -7.86 -12.03 -55.16
N LYS A 365 -8.53 -10.89 -55.35
CA LYS A 365 -8.52 -10.31 -56.69
C LYS A 365 -7.12 -9.98 -57.16
N PHE A 366 -6.16 -9.94 -56.23
CA PHE A 366 -4.74 -9.78 -56.54
C PHE A 366 -4.10 -11.10 -56.96
N ARG A 367 -4.32 -12.17 -56.18
CA ARG A 367 -3.74 -13.47 -56.52
C ARG A 367 -4.39 -14.04 -57.77
N ASP A 368 -5.66 -13.72 -58.03
CA ASP A 368 -6.31 -14.21 -59.25
C ASP A 368 -5.87 -13.41 -60.47
N GLY A 369 -5.45 -12.18 -60.28
CA GLY A 369 -4.89 -11.39 -61.35
C GLY A 369 -5.81 -10.31 -61.90
N GLU A 370 -6.95 -10.05 -61.25
CA GLU A 370 -7.75 -8.91 -61.67
C GLU A 370 -7.09 -7.60 -61.28
N TYR A 371 -6.30 -7.61 -60.20
CA TYR A 371 -5.49 -6.48 -59.76
C TYR A 371 -4.03 -6.83 -60.03
N ARG A 372 -3.39 -6.17 -60.98
CA ARG A 372 -2.00 -6.50 -61.20
C ARG A 372 -1.06 -5.85 -60.19
N VAL A 373 -1.52 -4.84 -59.47
CA VAL A 373 -0.68 -4.08 -58.54
C VAL A 373 -1.56 -3.57 -57.40
N ILE A 374 -1.06 -3.66 -56.15
CA ILE A 374 -1.70 -3.06 -54.99
C ILE A 374 -0.66 -2.37 -54.12
N VAL A 375 -1.13 -1.46 -53.27
CA VAL A 375 -0.29 -0.77 -52.30
C VAL A 375 -0.81 -1.11 -50.90
N ALA A 376 0.11 -1.20 -49.95
CA ALA A 376 -0.29 -1.66 -48.62
C ALA A 376 0.52 -0.94 -47.55
N SER A 377 -0.13 -0.59 -46.46
CA SER A 377 0.63 -0.04 -45.36
C SER A 377 1.03 -1.15 -44.39
N THR A 378 2.01 -0.83 -43.54
CA THR A 378 2.59 -1.81 -42.63
C THR A 378 2.59 -1.37 -41.17
N VAL A 379 2.48 -0.06 -40.88
CA VAL A 379 2.24 0.36 -39.50
C VAL A 379 1.01 -0.37 -39.02
N PHE A 380 1.12 -1.02 -37.86
CA PHE A 380 0.04 -1.83 -37.27
C PHE A 380 -0.49 -2.93 -38.20
N ASP A 381 0.24 -3.33 -39.25
CA ASP A 381 -0.11 -4.57 -39.96
C ASP A 381 1.15 -5.31 -40.42
N GLU A 382 1.43 -6.42 -39.74
CA GLU A 382 2.25 -7.50 -40.25
C GLU A 382 1.99 -7.74 -41.74
N GLY A 383 3.08 -7.89 -42.51
CA GLY A 383 2.90 -8.37 -43.87
C GLY A 383 2.59 -9.86 -43.89
N VAL A 384 1.45 -10.25 -43.32
CA VAL A 384 1.10 -11.66 -43.17
C VAL A 384 -0.10 -11.99 -44.04
N ASP A 385 -0.18 -13.27 -44.42
CA ASP A 385 -1.23 -13.89 -45.23
C ASP A 385 -1.27 -13.36 -46.66
N VAL A 386 -0.20 -12.71 -47.13
CA VAL A 386 -0.18 -12.03 -48.41
C VAL A 386 0.24 -13.03 -49.48
N PRO A 387 -0.25 -12.92 -50.72
CA PRO A 387 0.14 -13.88 -51.77
C PRO A 387 1.48 -13.54 -52.41
N ASP A 388 1.80 -14.30 -53.46
CA ASP A 388 3.05 -14.14 -54.20
C ASP A 388 3.05 -12.90 -55.08
N ALA A 389 4.10 -12.11 -54.99
CA ALA A 389 4.33 -11.01 -55.91
C ALA A 389 5.75 -11.13 -56.43
N THR A 390 5.94 -10.78 -57.71
CA THR A 390 7.26 -10.82 -58.36
C THR A 390 8.17 -9.68 -57.91
N LEU A 391 7.58 -8.59 -57.40
CA LEU A 391 8.30 -7.33 -57.24
C LEU A 391 7.71 -6.63 -56.03
N ALA A 392 8.54 -6.38 -55.03
CA ALA A 392 8.14 -5.56 -53.90
C ALA A 392 8.82 -4.21 -54.01
N ILE A 393 8.05 -3.14 -53.80
CA ILE A 393 8.58 -1.79 -53.83
C ILE A 393 8.29 -1.18 -52.48
N VAL A 394 9.35 -0.98 -51.69
CA VAL A 394 9.23 -0.40 -50.36
C VAL A 394 9.57 1.08 -50.43
N MET A 395 8.61 1.92 -50.06
CA MET A 395 8.75 3.38 -50.16
C MET A 395 9.45 3.95 -48.93
N GLY A 396 8.86 3.79 -47.75
CA GLY A 396 9.38 4.34 -46.53
C GLY A 396 9.59 3.28 -45.45
N GLY A 397 10.03 3.76 -44.30
CA GLY A 397 10.30 2.89 -43.17
C GLY A 397 11.50 3.33 -42.37
N TYR A 398 11.47 3.07 -41.06
CA TYR A 398 12.64 3.22 -40.19
C TYR A 398 13.48 1.95 -40.33
N GLY A 399 14.07 1.80 -41.51
CA GLY A 399 14.73 0.54 -41.81
C GLY A 399 13.70 -0.51 -42.19
N THR A 400 14.05 -1.76 -41.91
CA THR A 400 13.14 -2.88 -42.10
C THR A 400 13.05 -3.63 -40.77
N LYS A 401 11.85 -3.66 -40.20
CA LYS A 401 11.60 -4.46 -38.99
C LYS A 401 11.81 -5.93 -39.30
N ARG A 402 12.37 -6.67 -38.33
CA ARG A 402 12.74 -8.07 -38.58
C ARG A 402 11.58 -8.88 -39.14
N GLN A 403 10.40 -8.73 -38.59
CA GLN A 403 9.31 -9.50 -39.15
C GLN A 403 9.11 -9.09 -40.57
N PHE A 404 9.25 -7.80 -40.85
CA PHE A 404 9.00 -7.36 -42.21
C PHE A 404 9.92 -8.07 -43.17
N LEU A 405 11.19 -8.19 -42.79
CA LEU A 405 12.15 -8.87 -43.62
C LEU A 405 11.73 -10.30 -43.78
N GLN A 406 11.31 -10.92 -42.69
CA GLN A 406 10.82 -12.26 -42.71
C GLN A 406 9.59 -12.36 -43.56
N ARG A 407 8.68 -11.40 -43.40
CA ARG A 407 7.44 -11.45 -44.14
C ARG A 407 7.65 -11.33 -45.63
N LEU A 408 8.57 -10.44 -46.01
CA LEU A 408 8.86 -10.23 -47.42
C LEU A 408 9.66 -11.39 -48.00
N GLY A 409 10.52 -12.01 -47.19
CA GLY A 409 11.16 -13.25 -47.61
C GLY A 409 10.15 -14.29 -48.06
N ARG A 410 8.99 -14.34 -47.39
CA ARG A 410 7.99 -15.37 -47.72
C ARG A 410 7.18 -15.01 -48.97
N ILE A 411 6.92 -13.72 -49.19
CA ILE A 411 6.12 -13.28 -50.34
C ILE A 411 6.91 -13.39 -51.66
N LEU A 412 8.24 -13.26 -51.59
CA LEU A 412 9.11 -13.34 -52.76
C LEU A 412 9.88 -14.65 -52.87
N ARG A 413 9.90 -15.49 -51.81
CA ARG A 413 10.44 -16.83 -51.92
C ARG A 413 9.60 -17.64 -52.90
N LYS A 414 8.28 -17.47 -52.82
CA LYS A 414 7.28 -17.95 -53.76
C LYS A 414 7.43 -17.32 -55.15
N LYS A 415 7.94 -16.09 -55.20
CA LYS A 415 7.68 -15.16 -56.30
C LYS A 415 7.99 -15.74 -57.67
N ASP A 416 9.26 -16.00 -57.95
CA ASP A 416 9.59 -16.51 -59.28
C ASP A 416 11.05 -16.95 -59.33
N LYS A 417 11.51 -17.21 -60.54
CA LYS A 417 12.89 -17.61 -60.85
C LYS A 417 13.90 -16.79 -60.08
N GLU A 418 13.78 -15.46 -60.18
CA GLU A 418 14.38 -14.56 -59.23
C GLU A 418 13.50 -13.34 -59.19
N ALA A 419 13.21 -12.85 -58.00
CA ALA A 419 12.36 -11.70 -57.79
C ALA A 419 13.21 -10.56 -57.28
N LEU A 420 12.56 -9.41 -57.09
CA LEU A 420 13.31 -8.19 -56.81
C LEU A 420 12.61 -7.37 -55.75
N LEU A 421 13.39 -6.90 -54.76
CA LEU A 421 12.94 -5.92 -53.77
C LEU A 421 13.60 -4.58 -54.04
N ILE A 422 12.79 -3.56 -54.33
CA ILE A 422 13.27 -2.21 -54.55
C ILE A 422 12.85 -1.34 -53.39
N GLU A 423 13.81 -0.62 -52.83
CA GLU A 423 13.63 0.39 -51.81
C GLU A 423 14.00 1.74 -52.43
N ILE A 424 13.12 2.73 -52.27
CA ILE A 424 13.33 4.07 -52.82
C ILE A 424 13.73 4.97 -51.66
N VAL A 425 14.88 5.63 -51.79
CA VAL A 425 15.41 6.46 -50.73
C VAL A 425 15.80 7.80 -51.29
N THR A 426 15.84 8.81 -50.43
CA THR A 426 16.20 10.16 -50.85
C THR A 426 17.65 10.45 -50.54
N LYS A 427 18.24 11.30 -51.38
CA LYS A 427 19.70 11.38 -51.48
C LYS A 427 20.31 12.23 -50.37
N GLY A 428 19.97 13.50 -50.32
CA GLY A 428 20.77 14.33 -49.43
C GLY A 428 20.47 14.17 -47.96
N THR A 429 19.41 13.47 -47.63
CA THR A 429 18.90 13.59 -46.28
C THR A 429 19.70 12.74 -45.33
N ALA A 430 19.76 13.19 -44.09
CA ALA A 430 20.64 12.59 -43.10
C ALA A 430 20.18 11.19 -42.74
N ASP A 431 21.12 10.41 -42.24
CA ASP A 431 20.82 9.09 -41.72
C ASP A 431 20.15 9.26 -40.36
N TYR A 432 19.03 8.57 -40.16
CA TYR A 432 18.19 8.72 -38.99
C TYR A 432 18.22 7.47 -38.11
N ARG A 433 18.94 6.43 -38.52
CA ARG A 433 19.11 5.24 -37.70
C ARG A 433 19.94 5.62 -36.47
N LEU A 434 19.30 5.64 -35.30
CA LEU A 434 19.96 5.97 -34.06
C LEU A 434 20.26 4.70 -33.26
N SER A 435 21.48 4.61 -32.77
CA SER A 435 21.88 3.41 -32.02
C SER A 435 21.75 3.64 -30.50
N MET B 1 -20.80 6.65 -24.72
CA MET B 1 -20.21 5.47 -24.10
C MET B 1 -19.25 5.82 -22.95
N GLY B 2 -18.78 7.07 -22.96
CA GLY B 2 -17.60 7.47 -22.21
C GLY B 2 -16.42 7.33 -23.14
N LEU B 3 -15.47 6.48 -22.77
CA LEU B 3 -14.34 6.13 -23.62
C LEU B 3 -14.25 4.62 -23.77
N PRO B 4 -13.65 4.13 -24.84
CA PRO B 4 -13.30 2.71 -24.91
C PRO B 4 -12.50 2.27 -23.68
N TRP B 5 -12.76 1.05 -23.22
CA TRP B 5 -12.11 0.56 -22.01
C TRP B 5 -10.60 0.44 -22.20
N GLU B 6 -10.15 0.23 -23.43
CA GLU B 6 -8.71 0.19 -23.71
C GLU B 6 -8.03 1.50 -23.31
N LEU B 7 -8.78 2.62 -23.29
CA LEU B 7 -8.27 3.94 -22.93
C LEU B 7 -8.56 4.34 -21.50
N ALA B 8 -9.29 3.51 -20.75
CA ALA B 8 -9.55 3.75 -19.34
C ALA B 8 -8.23 3.83 -18.59
N ARG B 9 -8.16 4.72 -17.62
CA ARG B 9 -6.87 5.03 -17.01
C ARG B 9 -7.06 5.12 -15.51
N PHE B 10 -6.59 4.12 -14.77
CA PHE B 10 -6.92 4.03 -13.36
C PHE B 10 -5.94 3.08 -12.71
N SER B 11 -5.89 3.13 -11.37
CA SER B 11 -5.01 2.26 -10.61
C SER B 11 -5.74 1.74 -9.38
N ILE B 12 -5.35 0.56 -8.94
CA ILE B 12 -5.99 -0.05 -7.83
C ILE B 12 -5.10 -0.10 -6.64
N VAL B 13 -5.54 0.49 -5.55
CA VAL B 13 -4.77 0.46 -4.35
C VAL B 13 -5.69 -0.16 -3.35
N LYS B 14 -5.25 -1.26 -2.75
CA LYS B 14 -6.03 -1.98 -1.77
C LYS B 14 -7.37 -2.30 -2.38
N ASP B 15 -8.44 -1.86 -1.77
CA ASP B 15 -9.77 -2.10 -2.30
C ASP B 15 -10.39 -0.93 -3.02
N GLU B 16 -9.63 0.10 -3.29
CA GLU B 16 -10.15 1.30 -3.91
C GLU B 16 -9.64 1.40 -5.34
N VAL B 17 -10.47 2.00 -6.19
CA VAL B 17 -10.11 2.32 -7.57
C VAL B 17 -9.91 3.81 -7.66
N LEU B 18 -8.70 4.22 -8.03
CA LEU B 18 -8.38 5.62 -8.21
C LEU B 18 -8.29 5.90 -9.71
N PRO B 19 -9.13 6.77 -10.25
CA PRO B 19 -8.97 7.17 -11.65
C PRO B 19 -7.82 8.14 -11.82
N HIS B 20 -7.13 8.01 -12.96
CA HIS B 20 -6.06 8.91 -13.37
C HIS B 20 -6.69 10.00 -14.23
N PHE B 21 -7.15 11.05 -13.56
CA PHE B 21 -7.75 12.20 -14.20
C PHE B 21 -6.66 13.09 -14.79
N ALA B 22 -7.03 13.86 -15.80
CA ALA B 22 -6.15 14.89 -16.31
C ALA B 22 -6.17 16.08 -15.37
N THR B 23 -5.08 16.83 -15.36
CA THR B 23 -4.88 17.97 -14.45
C THR B 23 -4.29 19.10 -15.26
N ASN B 24 -3.91 20.18 -14.58
CA ASN B 24 -3.33 21.31 -15.30
C ASN B 24 -2.04 20.90 -15.96
N GLU B 25 -1.36 19.90 -15.41
CA GLU B 25 -0.14 19.42 -16.04
C GLU B 25 -0.35 18.96 -17.47
N ASP B 26 -1.60 18.77 -17.90
CA ASP B 26 -1.88 18.28 -19.23
C ASP B 26 -2.35 19.39 -20.18
N LEU B 27 -2.20 20.65 -19.77
CA LEU B 27 -2.68 21.77 -20.59
C LEU B 27 -1.86 21.91 -21.86
N ASP B 28 -0.54 21.86 -21.73
CA ASP B 28 0.30 21.85 -22.91
C ASP B 28 -0.16 20.79 -23.89
N LEU B 29 -0.31 19.55 -23.44
CA LEU B 29 -0.72 18.49 -24.35
C LEU B 29 -2.06 18.79 -24.97
N ALA B 30 -2.99 19.32 -24.18
CA ALA B 30 -4.32 19.61 -24.69
C ALA B 30 -4.28 20.72 -25.73
N ASN B 31 -3.45 21.75 -25.51
CA ASN B 31 -3.38 22.81 -26.51
C ASN B 31 -2.80 22.31 -27.82
N GLU B 32 -1.71 21.51 -27.75
CA GLU B 32 -1.03 21.08 -28.97
C GLU B 32 -1.90 20.14 -29.79
N ILE B 33 -2.80 19.42 -29.14
CA ILE B 33 -3.72 18.57 -29.89
C ILE B 33 -4.90 19.37 -30.39
N ILE B 34 -5.39 20.31 -29.58
CA ILE B 34 -6.46 21.20 -30.04
C ILE B 34 -6.04 21.97 -31.29
N SER B 35 -4.79 22.47 -31.31
CA SER B 35 -4.32 23.16 -32.50
C SER B 35 -4.33 22.26 -33.74
N LEU B 36 -4.23 20.94 -33.57
CA LEU B 36 -4.20 20.05 -34.73
C LEU B 36 -5.57 19.91 -35.38
N PHE B 37 -6.65 20.22 -34.68
CA PHE B 37 -7.95 20.12 -35.33
C PHE B 37 -8.37 21.46 -35.93
N LYS B 38 -8.12 21.53 -37.22
CA LYS B 38 -8.44 22.65 -38.06
C LYS B 38 -9.28 22.14 -39.21
N ALA B 39 -10.21 22.96 -39.65
CA ALA B 39 -11.11 22.64 -40.74
C ALA B 39 -10.30 22.34 -42.00
N GLY B 40 -10.81 21.41 -42.78
CA GLY B 40 -10.14 21.02 -43.98
C GLY B 40 -8.86 20.27 -43.67
N LYS B 41 -8.92 19.30 -42.76
CA LYS B 41 -7.79 18.44 -42.45
C LYS B 41 -8.31 17.03 -42.24
N LYS B 42 -7.50 16.04 -42.62
CA LYS B 42 -7.99 14.67 -42.55
C LYS B 42 -7.60 14.02 -41.21
N LEU B 43 -8.47 13.15 -40.70
CA LEU B 43 -8.20 12.54 -39.39
C LEU B 43 -6.93 11.73 -39.40
N GLY B 44 -6.58 11.14 -40.55
CA GLY B 44 -5.36 10.36 -40.70
C GLY B 44 -4.10 11.18 -40.79
N GLU B 45 -4.20 12.43 -41.24
CA GLU B 45 -3.12 13.39 -41.09
C GLU B 45 -2.88 13.69 -39.61
N ILE B 46 -3.95 13.81 -38.84
CA ILE B 46 -3.77 14.09 -37.43
C ILE B 46 -3.19 12.87 -36.71
N ASP B 47 -3.52 11.67 -37.16
CA ASP B 47 -2.94 10.49 -36.53
C ASP B 47 -1.43 10.48 -36.68
N GLU B 48 -0.92 11.04 -37.76
CA GLU B 48 0.53 11.07 -37.95
C GLU B 48 1.17 12.27 -37.27
N GLU B 49 0.43 13.36 -37.08
CA GLU B 49 0.99 14.53 -36.45
C GLU B 49 1.12 14.41 -34.93
N ILE B 50 0.51 13.41 -34.29
CA ILE B 50 0.49 13.29 -32.83
C ILE B 50 1.51 12.27 -32.37
N GLU B 51 2.15 11.64 -33.34
CA GLU B 51 2.99 10.48 -33.12
C GLU B 51 4.10 10.72 -32.19
N TYR B 52 4.73 11.83 -32.37
CA TYR B 52 5.77 12.33 -31.45
C TYR B 52 5.17 12.69 -30.10
N LEU B 53 3.92 13.15 -30.06
CA LEU B 53 3.28 13.41 -28.78
C LEU B 53 3.07 12.12 -28.00
N GLU B 54 2.91 10.99 -28.70
CA GLU B 54 2.78 9.69 -28.05
C GLU B 54 4.12 9.18 -27.52
N LYS B 55 5.22 9.79 -27.97
CA LYS B 55 6.53 9.53 -27.40
C LYS B 55 6.78 10.38 -26.17
N ILE B 56 6.26 11.61 -26.13
CA ILE B 56 6.52 12.50 -25.01
C ILE B 56 5.57 12.25 -23.85
N TYR B 57 4.29 12.06 -24.15
CA TYR B 57 3.19 12.07 -23.18
C TYR B 57 2.51 10.71 -23.12
N ASP B 58 1.57 10.58 -22.18
CA ASP B 58 0.91 9.29 -21.97
C ASP B 58 -0.01 8.98 -23.14
N HIS B 59 0.25 7.86 -23.81
CA HIS B 59 -0.46 7.72 -25.07
C HIS B 59 -1.90 7.31 -24.86
N LYS B 60 -2.28 6.76 -23.70
CA LYS B 60 -3.71 6.58 -23.48
C LYS B 60 -4.43 7.93 -23.44
N LEU B 61 -3.77 8.97 -22.93
CA LEU B 61 -4.40 10.29 -22.84
C LEU B 61 -4.37 10.98 -24.19
N VAL B 62 -3.29 10.80 -24.95
CA VAL B 62 -3.19 11.42 -26.26
C VAL B 62 -4.33 10.92 -27.15
N ARG B 63 -4.53 9.60 -27.15
CA ARG B 63 -5.59 8.98 -27.95
C ARG B 63 -6.98 9.44 -27.50
N ALA B 64 -7.19 9.54 -26.18
CA ALA B 64 -8.50 9.99 -25.70
C ALA B 64 -8.81 11.40 -26.15
N PHE B 65 -7.84 12.32 -26.01
CA PHE B 65 -8.04 13.68 -26.51
C PHE B 65 -8.41 13.68 -27.98
N VAL B 66 -7.75 12.84 -28.80
CA VAL B 66 -8.11 12.88 -30.22
C VAL B 66 -9.49 12.24 -30.40
N LYS B 67 -9.80 11.16 -29.67
CA LYS B 67 -11.10 10.57 -29.94
C LYS B 67 -12.23 11.47 -29.46
N LEU B 68 -11.97 12.28 -28.45
CA LEU B 68 -12.95 13.26 -27.98
C LEU B 68 -13.04 14.43 -28.93
N LEU B 69 -11.90 15.00 -29.31
CA LEU B 69 -11.92 16.13 -30.23
C LEU B 69 -12.58 15.79 -31.57
N THR B 70 -12.35 14.57 -32.12
CA THR B 70 -13.05 14.21 -33.36
C THR B 70 -14.55 14.17 -33.13
N ARG B 71 -14.99 13.74 -31.94
CA ARG B 71 -16.41 13.63 -31.65
C ARG B 71 -17.12 14.97 -31.71
N LEU B 72 -16.38 16.08 -31.76
CA LEU B 72 -16.91 17.44 -31.78
C LEU B 72 -16.76 18.08 -33.15
N CYS B 73 -16.49 17.28 -34.18
CA CYS B 73 -16.27 17.80 -35.51
C CYS B 73 -17.46 17.48 -36.41
N GLU B 74 -17.59 18.30 -37.45
CA GLU B 74 -18.56 18.02 -38.48
C GLU B 74 -17.82 17.56 -39.72
N PHE B 75 -18.31 16.46 -40.27
CA PHE B 75 -17.75 15.85 -41.47
C PHE B 75 -18.83 15.93 -42.53
N GLU B 76 -18.37 15.70 -43.77
CA GLU B 76 -19.19 15.85 -44.97
C GLU B 76 -20.26 14.80 -45.09
N LEU B 77 -21.32 15.07 -45.83
CA LEU B 77 -22.32 14.03 -45.78
C LEU B 77 -21.86 12.79 -46.51
N ASP B 78 -22.46 11.66 -46.15
CA ASP B 78 -21.97 10.40 -46.75
C ASP B 78 -22.11 10.42 -48.28
N SER B 79 -21.40 9.53 -48.93
CA SER B 79 -21.45 9.70 -50.37
C SER B 79 -22.75 9.12 -50.91
N PRO B 80 -23.31 9.71 -51.98
CA PRO B 80 -24.46 9.11 -52.67
C PRO B 80 -24.34 7.60 -52.85
N ILE B 81 -23.26 7.15 -53.51
CA ILE B 81 -23.08 5.75 -53.85
C ILE B 81 -22.05 5.13 -52.90
N PRO B 82 -22.29 3.92 -52.36
CA PRO B 82 -21.32 3.28 -51.45
C PRO B 82 -19.90 3.33 -51.98
N PRO B 83 -18.96 3.86 -51.21
CA PRO B 83 -17.65 4.16 -51.79
C PRO B 83 -16.89 2.93 -52.21
N ILE B 84 -17.18 1.74 -51.66
CA ILE B 84 -16.43 0.57 -52.13
C ILE B 84 -16.75 0.24 -53.59
N GLN B 85 -17.95 0.58 -54.07
CA GLN B 85 -18.22 0.39 -55.50
C GLN B 85 -17.53 1.43 -56.35
N ILE B 86 -17.23 2.58 -55.76
CA ILE B 86 -16.43 3.59 -56.44
C ILE B 86 -15.03 3.07 -56.70
N ARG B 87 -14.48 2.29 -55.76
CA ARG B 87 -13.10 1.85 -55.95
C ARG B 87 -13.01 0.56 -56.73
N ARG B 88 -13.97 -0.36 -56.58
CA ARG B 88 -13.91 -1.56 -57.42
C ARG B 88 -13.89 -1.18 -58.89
N GLU B 89 -14.74 -0.21 -59.29
CA GLU B 89 -14.95 0.13 -60.69
C GLU B 89 -13.96 1.20 -61.17
N LEU B 90 -13.25 1.83 -60.24
CA LEU B 90 -12.14 2.70 -60.60
C LEU B 90 -10.81 1.97 -60.68
N PHE B 91 -10.59 0.99 -59.80
CA PHE B 91 -9.32 0.29 -59.73
C PHE B 91 -9.26 -0.85 -60.71
N LYS B 92 -10.38 -1.18 -61.35
CA LYS B 92 -10.38 -2.17 -62.41
C LYS B 92 -9.60 -1.71 -63.62
N TYR B 93 -9.18 -0.45 -63.65
CA TYR B 93 -8.43 0.10 -64.77
C TYR B 93 -6.92 0.00 -64.55
N GLY B 94 -6.49 -1.06 -63.86
CA GLY B 94 -5.10 -1.32 -63.56
C GLY B 94 -4.42 -0.10 -62.98
N PRO B 95 -3.10 -0.08 -63.00
CA PRO B 95 -2.37 1.16 -62.69
C PRO B 95 -2.25 2.06 -63.92
N VAL B 96 -2.69 3.29 -63.75
CA VAL B 96 -2.66 4.28 -64.81
C VAL B 96 -1.40 5.10 -64.64
N LEU B 97 -0.55 5.12 -65.66
CA LEU B 97 0.71 5.82 -65.53
C LEU B 97 0.76 7.10 -66.35
N ASP B 98 -0.21 7.33 -67.22
CA ASP B 98 -0.31 8.56 -68.00
C ASP B 98 -1.30 9.50 -67.30
N GLU B 99 -0.90 10.78 -67.13
CA GLU B 99 -1.76 11.74 -66.45
C GLU B 99 -3.06 12.00 -67.22
N LYS B 100 -2.97 12.09 -68.56
CA LYS B 100 -4.18 12.34 -69.35
C LYS B 100 -5.11 11.14 -69.31
N GLU B 101 -4.56 9.92 -69.47
CA GLU B 101 -5.43 8.75 -69.43
C GLU B 101 -6.11 8.63 -68.08
N ARG B 102 -5.45 9.10 -67.01
CA ARG B 102 -6.07 9.06 -65.69
C ARG B 102 -7.33 9.90 -65.64
N GLU B 103 -7.21 11.18 -66.01
CA GLU B 103 -8.37 12.08 -65.99
C GLU B 103 -9.53 11.49 -66.75
N ASP B 104 -9.27 10.86 -67.90
CA ASP B 104 -10.35 10.27 -68.68
C ASP B 104 -10.96 9.06 -67.98
N ILE B 105 -10.13 8.18 -67.40
CA ILE B 105 -10.68 7.08 -66.60
C ILE B 105 -11.60 7.63 -65.52
N ILE B 106 -11.17 8.73 -64.88
CA ILE B 106 -11.94 9.35 -63.81
C ILE B 106 -13.31 9.78 -64.34
N GLN B 107 -13.31 10.61 -65.39
CA GLN B 107 -14.57 11.12 -65.93
C GLN B 107 -15.45 9.97 -66.45
N LYS B 108 -14.85 8.98 -67.16
CA LYS B 108 -15.60 7.79 -67.54
C LYS B 108 -16.29 7.13 -66.34
N VAL B 109 -15.57 6.95 -65.23
CA VAL B 109 -16.18 6.31 -64.06
C VAL B 109 -17.17 7.24 -63.38
N SER B 110 -16.94 8.56 -63.45
CA SER B 110 -17.89 9.51 -62.85
C SER B 110 -19.21 9.57 -63.62
N LYS B 111 -19.17 9.36 -64.93
CA LYS B 111 -20.40 9.33 -65.69
C LYS B 111 -21.17 8.03 -65.48
N LYS B 112 -20.44 6.90 -65.34
CA LYS B 112 -21.12 5.63 -65.11
C LYS B 112 -21.83 5.62 -63.77
N LEU B 113 -21.20 6.18 -62.73
CA LEU B 113 -21.76 6.15 -61.39
C LEU B 113 -22.44 7.46 -60.99
N GLY B 114 -22.23 8.54 -61.74
CA GLY B 114 -23.00 9.76 -61.54
C GLY B 114 -22.64 10.53 -60.28
N ALA B 115 -21.36 10.78 -60.06
CA ALA B 115 -20.89 11.42 -58.84
C ALA B 115 -19.50 11.99 -59.08
N ASP B 116 -18.96 12.71 -58.12
CA ASP B 116 -17.60 13.15 -58.27
C ASP B 116 -16.83 12.12 -57.51
N ILE B 117 -16.20 11.20 -58.22
CA ILE B 117 -15.52 10.09 -57.61
C ILE B 117 -14.38 10.39 -56.68
N MET B 118 -13.56 11.34 -57.05
CA MET B 118 -12.43 11.68 -56.22
C MET B 118 -12.90 12.23 -54.90
N ARG B 119 -13.95 13.03 -54.90
CA ARG B 119 -14.42 13.59 -53.63
C ARG B 119 -14.86 12.52 -52.63
N PHE B 120 -15.23 11.33 -53.11
CA PHE B 120 -15.89 10.35 -52.26
C PHE B 120 -15.22 8.98 -52.24
N VAL B 121 -14.14 8.79 -53.00
CA VAL B 121 -13.58 7.44 -53.18
C VAL B 121 -13.19 6.80 -51.86
N PHE B 122 -12.70 7.59 -50.91
CA PHE B 122 -12.31 7.04 -49.61
C PHE B 122 -13.13 7.64 -48.49
N SER B 123 -14.33 8.13 -48.79
CA SER B 123 -15.11 8.84 -47.77
C SER B 123 -15.60 7.93 -46.64
N ASP B 124 -15.66 6.61 -46.84
CA ASP B 124 -16.15 5.70 -45.82
C ASP B 124 -15.07 5.28 -44.83
N LEU B 125 -13.85 5.79 -45.00
CA LEU B 125 -12.69 5.40 -44.22
C LEU B 125 -12.29 6.54 -43.29
N ASP B 126 -12.20 6.23 -42.00
CA ASP B 126 -11.94 7.24 -40.97
C ASP B 126 -10.72 8.09 -41.34
N GLU B 127 -9.63 7.42 -41.72
CA GLU B 127 -8.38 8.12 -41.99
C GLU B 127 -8.53 9.23 -43.02
N GLU B 128 -9.52 9.15 -43.90
CA GLU B 128 -9.63 10.10 -45.00
C GLU B 128 -10.74 11.13 -44.84
N LYS B 129 -11.55 11.04 -43.79
CA LYS B 129 -12.59 12.04 -43.54
C LYS B 129 -11.98 13.41 -43.26
N LYS B 130 -12.42 14.41 -44.01
CA LYS B 130 -11.92 15.78 -43.91
C LYS B 130 -12.86 16.61 -43.04
N ILE B 131 -12.29 17.42 -42.14
CA ILE B 131 -13.01 18.24 -41.18
C ILE B 131 -13.55 19.48 -41.89
N ILE B 132 -14.78 19.89 -41.57
CA ILE B 132 -15.40 21.09 -42.14
C ILE B 132 -15.60 22.17 -41.11
N LYS B 133 -16.16 21.79 -39.96
CA LYS B 133 -16.15 22.66 -38.82
C LYS B 133 -15.33 21.98 -37.72
N ALA B 134 -14.42 22.75 -37.17
CA ALA B 134 -13.54 22.39 -36.09
C ALA B 134 -14.27 22.62 -34.76
N PRO B 135 -13.90 21.90 -33.72
CA PRO B 135 -14.48 22.15 -32.41
C PRO B 135 -14.04 23.49 -31.83
N THR B 136 -14.84 23.94 -30.87
CA THR B 136 -14.68 25.24 -30.23
C THR B 136 -13.99 25.12 -28.87
N ILE B 137 -13.81 23.88 -28.40
CA ILE B 137 -13.37 23.53 -27.05
C ILE B 137 -12.13 24.29 -26.61
N SER B 138 -12.06 24.58 -25.31
CA SER B 138 -10.87 25.14 -24.69
C SER B 138 -10.04 24.01 -24.12
N ALA B 139 -8.76 24.29 -23.87
CA ALA B 139 -7.90 23.28 -23.29
C ALA B 139 -8.41 22.84 -21.92
N GLU B 140 -8.80 23.80 -21.08
CA GLU B 140 -9.40 23.47 -19.78
C GLU B 140 -10.61 22.56 -19.94
N ASP B 141 -11.53 22.92 -20.83
CA ASP B 141 -12.76 22.15 -20.98
C ASP B 141 -12.48 20.73 -21.45
N LEU B 142 -11.57 20.55 -22.40
CA LEU B 142 -11.24 19.20 -22.86
C LEU B 142 -10.76 18.34 -21.70
N ILE B 143 -9.90 18.90 -20.85
CA ILE B 143 -9.49 18.20 -19.65
C ILE B 143 -10.69 17.90 -18.77
N ARG B 144 -11.58 18.83 -18.69
CA ARG B 144 -12.76 18.65 -17.91
C ARG B 144 -13.62 17.56 -18.47
N TRP B 145 -13.77 17.55 -19.77
CA TRP B 145 -14.64 16.61 -20.47
C TRP B 145 -13.98 15.25 -20.59
N TYR B 146 -12.65 15.22 -20.70
CA TYR B 146 -11.95 13.94 -20.57
C TYR B 146 -12.31 13.28 -19.25
N ASN B 147 -12.15 14.01 -18.13
CA ASN B 147 -12.32 13.44 -16.80
C ASN B 147 -13.73 12.91 -16.59
N LEU B 148 -14.73 13.64 -17.08
CA LEU B 148 -16.08 13.14 -16.94
C LEU B 148 -16.29 11.90 -17.78
N SER B 149 -15.64 11.82 -18.94
CA SER B 149 -15.75 10.64 -19.78
C SER B 149 -15.03 9.45 -19.18
N LEU B 150 -13.90 9.67 -18.49
CA LEU B 150 -13.18 8.60 -17.82
C LEU B 150 -13.98 8.08 -16.65
N LEU B 151 -14.56 9.00 -15.87
CA LEU B 151 -15.47 8.62 -14.79
C LEU B 151 -16.64 7.78 -15.31
N GLN B 152 -17.28 8.20 -16.41
CA GLN B 152 -18.37 7.41 -16.97
C GLN B 152 -17.90 6.02 -17.38
N THR B 153 -16.72 5.95 -18.04
CA THR B 153 -16.16 4.69 -18.51
C THR B 153 -15.95 3.73 -17.35
N LEU B 154 -15.60 4.24 -16.18
CA LEU B 154 -15.40 3.37 -15.05
C LEU B 154 -16.70 2.98 -14.38
N LEU B 155 -17.69 3.89 -14.37
CA LEU B 155 -18.98 3.58 -13.75
C LEU B 155 -19.78 2.56 -14.54
N PHE B 156 -19.44 2.35 -15.81
CA PHE B 156 -20.08 1.31 -16.60
C PHE B 156 -19.78 -0.09 -16.06
N LYS B 157 -18.75 -0.24 -15.24
CA LYS B 157 -18.45 -1.53 -14.60
C LYS B 157 -18.98 -1.59 -13.18
N ALA B 158 -19.87 -0.68 -12.80
CA ALA B 158 -20.35 -0.61 -11.43
C ALA B 158 -21.50 -1.59 -11.18
N TYR B 159 -21.36 -2.37 -10.12
CA TYR B 159 -22.46 -3.16 -9.60
C TYR B 159 -23.48 -2.24 -8.95
N LYS B 160 -23.02 -1.26 -8.18
CA LYS B 160 -23.85 -0.36 -7.42
C LYS B 160 -23.21 1.02 -7.40
N LEU B 161 -24.06 2.05 -7.48
CA LEU B 161 -23.68 3.45 -7.48
C LEU B 161 -24.47 4.17 -6.39
N THR B 162 -23.87 4.32 -5.23
CA THR B 162 -24.51 5.04 -4.13
C THR B 162 -24.28 6.53 -4.27
N VAL B 163 -25.35 7.29 -4.42
CA VAL B 163 -25.33 8.74 -4.57
C VAL B 163 -25.79 9.33 -3.25
N TYR B 164 -25.01 10.23 -2.66
CA TYR B 164 -25.46 10.88 -1.44
C TYR B 164 -25.95 12.29 -1.75
N VAL B 165 -27.00 12.68 -1.02
CA VAL B 165 -27.87 13.82 -1.32
C VAL B 165 -27.37 15.05 -0.59
N SER B 166 -27.18 16.13 -1.33
CA SER B 166 -27.06 17.42 -0.66
C SER B 166 -28.42 18.12 -0.62
N SER B 167 -28.83 18.63 -1.77
CA SER B 167 -29.85 19.65 -1.88
C SER B 167 -31.09 19.11 -2.56
N ASN B 168 -30.94 18.82 -3.84
CA ASN B 168 -31.98 18.58 -4.85
C ASN B 168 -32.32 17.09 -4.97
N TRP B 169 -32.60 16.41 -3.86
CA TRP B 169 -32.85 14.98 -3.99
C TRP B 169 -34.13 14.76 -4.79
N LYS B 170 -35.18 15.51 -4.45
CA LYS B 170 -36.43 15.41 -5.18
C LYS B 170 -36.24 15.73 -6.66
N GLU B 171 -35.16 16.42 -7.02
CA GLU B 171 -34.87 16.67 -8.43
C GLU B 171 -34.07 15.53 -9.05
N ILE B 172 -33.37 14.77 -8.22
CA ILE B 172 -32.59 13.63 -8.72
C ILE B 172 -33.51 12.49 -9.14
N ILE B 173 -34.35 12.01 -8.22
CA ILE B 173 -35.27 10.92 -8.51
C ILE B 173 -36.11 11.23 -9.75
N ARG B 174 -36.61 12.47 -9.86
CA ARG B 174 -37.34 12.85 -11.05
C ARG B 174 -36.58 12.42 -12.29
N ARG B 175 -35.34 12.91 -12.45
CA ARG B 175 -34.54 12.48 -13.58
C ARG B 175 -34.34 10.97 -13.58
N ALA B 176 -34.05 10.38 -12.42
CA ALA B 176 -33.83 8.94 -12.39
C ALA B 176 -35.09 8.21 -12.87
N LYS B 177 -36.26 8.67 -12.46
CA LYS B 177 -37.51 8.11 -12.95
C LYS B 177 -37.69 8.36 -14.44
N TRP B 178 -37.51 9.61 -14.90
CA TRP B 178 -37.62 9.86 -16.34
C TRP B 178 -36.58 9.07 -17.13
N LEU B 179 -35.54 8.57 -16.48
CA LEU B 179 -34.55 7.75 -17.16
C LEU B 179 -34.73 6.26 -16.88
N GLY B 180 -35.65 5.91 -15.99
CA GLY B 180 -36.00 4.52 -15.79
C GLY B 180 -34.99 3.76 -14.99
N LEU B 181 -34.26 4.44 -14.14
CA LEU B 181 -33.18 3.79 -13.43
C LEU B 181 -33.74 2.89 -12.34
N MET B 182 -32.92 1.93 -11.93
CA MET B 182 -33.22 1.01 -10.84
C MET B 182 -32.49 1.49 -9.60
N TYR B 183 -33.20 1.59 -8.49
CA TYR B 183 -32.59 2.22 -7.34
C TYR B 183 -33.35 1.80 -6.08
N PHE B 184 -32.70 2.01 -4.95
CA PHE B 184 -33.33 1.93 -3.64
C PHE B 184 -32.96 3.19 -2.88
N ALA B 185 -33.95 3.87 -2.33
CA ALA B 185 -33.67 5.00 -1.46
C ALA B 185 -33.55 4.54 -0.02
N TYR B 186 -32.75 5.27 0.75
CA TYR B 186 -32.49 5.01 2.16
C TYR B 186 -32.36 6.32 2.91
N ASP B 187 -32.29 6.22 4.25
CA ASP B 187 -32.40 7.40 5.10
C ASP B 187 -31.37 7.48 6.22
N LYS B 188 -30.62 6.40 6.52
CA LYS B 188 -29.68 6.52 7.63
C LYS B 188 -28.79 7.75 7.37
N PRO B 189 -27.95 7.77 6.31
CA PRO B 189 -27.80 9.05 5.57
C PRO B 189 -28.70 9.05 4.33
N LEU B 190 -29.37 10.16 4.02
CA LEU B 190 -30.22 10.17 2.84
C LEU B 190 -29.37 9.96 1.59
N ARG B 191 -29.63 8.86 0.88
CA ARG B 191 -28.82 8.41 -0.24
C ARG B 191 -29.68 7.58 -1.20
N PHE B 192 -29.27 7.55 -2.47
CA PHE B 192 -29.88 6.66 -3.45
C PHE B 192 -28.86 5.64 -3.87
N GLU B 193 -29.25 4.39 -3.87
CA GLU B 193 -28.35 3.32 -4.26
C GLU B 193 -28.80 2.82 -5.62
N PHE B 194 -28.28 3.45 -6.68
CA PHE B 194 -28.58 3.00 -8.04
C PHE B 194 -27.88 1.69 -8.34
N LEU B 195 -28.60 0.77 -8.95
CA LEU B 195 -27.96 -0.42 -9.46
C LEU B 195 -27.28 -0.07 -10.78
N GLY B 196 -26.08 -0.62 -10.97
CA GLY B 196 -25.21 -0.24 -12.05
C GLY B 196 -25.33 -1.19 -13.22
N PRO B 197 -24.73 -0.84 -14.35
CA PRO B 197 -24.86 -1.69 -15.55
C PRO B 197 -24.35 -3.13 -15.40
N ALA B 198 -23.61 -3.46 -14.35
CA ALA B 198 -23.24 -4.87 -14.14
C ALA B 198 -24.41 -5.72 -13.67
N THR B 199 -25.40 -5.10 -13.02
CA THR B 199 -26.65 -5.78 -12.70
C THR B 199 -27.27 -6.42 -13.94
N LEU B 200 -27.50 -5.59 -14.97
CA LEU B 200 -28.02 -6.11 -16.22
C LEU B 200 -26.97 -6.98 -16.90
N VAL B 201 -27.48 -8.02 -17.55
CA VAL B 201 -26.71 -8.90 -18.39
C VAL B 201 -27.07 -8.67 -19.84
N LYS B 202 -28.14 -7.92 -20.08
CA LYS B 202 -28.86 -7.90 -21.33
C LYS B 202 -28.65 -6.58 -22.05
N LEU B 203 -29.20 -5.49 -21.49
CA LEU B 203 -29.25 -4.20 -22.16
C LEU B 203 -28.41 -3.17 -21.42
N THR B 204 -27.32 -3.63 -20.79
CA THR B 204 -26.36 -2.75 -20.13
C THR B 204 -26.07 -1.53 -20.99
N GLU B 205 -25.78 -1.75 -22.26
CA GLU B 205 -25.47 -0.66 -23.18
C GLU B 205 -26.43 0.49 -22.98
N LYS B 206 -27.74 0.22 -23.15
CA LYS B 206 -28.72 1.28 -23.12
C LYS B 206 -28.91 1.83 -21.70
N TYR B 207 -28.69 0.98 -20.67
CA TYR B 207 -28.84 1.46 -19.30
C TYR B 207 -27.75 2.47 -18.94
N GLY B 208 -26.47 2.05 -19.00
CA GLY B 208 -25.36 2.95 -18.79
C GLY B 208 -25.47 4.30 -19.47
N ARG B 209 -25.92 4.34 -20.73
CA ARG B 209 -26.02 5.62 -21.41
C ARG B 209 -27.00 6.56 -20.74
N ASN B 210 -27.90 6.05 -19.91
CA ASN B 210 -28.77 6.96 -19.18
C ASN B 210 -28.25 7.24 -17.78
N LEU B 211 -27.72 6.23 -17.10
CA LEU B 211 -27.06 6.48 -15.82
C LEU B 211 -26.08 7.63 -15.93
N ALA B 212 -25.35 7.68 -17.05
CA ALA B 212 -24.37 8.75 -17.28
C ALA B 212 -25.04 10.11 -17.40
N VAL B 213 -26.25 10.16 -17.94
CA VAL B 213 -26.96 11.43 -18.05
C VAL B 213 -27.37 11.92 -16.66
N LEU B 214 -27.48 10.99 -15.72
CA LEU B 214 -27.84 11.39 -14.37
C LEU B 214 -26.64 12.01 -13.66
N LEU B 215 -25.43 11.49 -13.90
CA LEU B 215 -24.22 12.10 -13.34
C LEU B 215 -24.20 13.59 -13.56
N GLN B 216 -24.49 14.00 -14.80
CA GLN B 216 -24.47 15.41 -15.20
C GLN B 216 -25.20 16.27 -14.22
N PHE B 217 -26.37 15.83 -13.76
CA PHE B 217 -27.10 16.64 -12.80
C PHE B 217 -26.48 16.54 -11.43
N ILE B 218 -26.08 15.33 -11.01
CA ILE B 218 -25.51 15.17 -9.67
C ILE B 218 -24.35 16.13 -9.46
N ILE B 219 -23.38 16.14 -10.38
CA ILE B 219 -22.13 16.87 -10.17
C ILE B 219 -22.26 18.36 -10.42
N SER B 220 -23.40 18.81 -10.92
CA SER B 220 -23.75 20.22 -11.02
C SER B 220 -24.15 20.80 -9.66
N SER B 221 -24.64 19.95 -8.76
CA SER B 221 -24.96 20.29 -7.39
C SER B 221 -23.77 20.97 -6.70
N GLN B 222 -24.08 21.72 -5.65
CA GLN B 222 -23.01 22.36 -4.88
C GLN B 222 -22.21 21.33 -4.07
N ASN B 223 -22.89 20.33 -3.49
CA ASN B 223 -22.25 19.28 -2.69
C ASN B 223 -22.71 17.92 -3.16
N TRP B 224 -21.77 17.07 -3.60
CA TRP B 224 -22.14 15.73 -4.04
C TRP B 224 -21.07 14.74 -3.65
N LYS B 225 -21.48 13.49 -3.48
CA LYS B 225 -20.60 12.41 -3.12
C LYS B 225 -21.13 11.14 -3.77
N ILE B 226 -20.27 10.35 -4.41
CA ILE B 226 -20.71 9.07 -4.96
C ILE B 226 -19.71 8.00 -4.52
N GLU B 227 -20.21 6.81 -4.24
CA GLU B 227 -19.33 5.67 -4.00
C GLU B 227 -19.84 4.54 -4.86
N ALA B 228 -19.07 4.19 -5.88
CA ALA B 228 -19.42 3.08 -6.76
C ALA B 228 -18.67 1.84 -6.31
N GLU B 229 -19.35 0.69 -6.41
CA GLU B 229 -18.69 -0.61 -6.28
C GLU B 229 -18.49 -1.19 -7.67
N LEU B 230 -17.23 -1.39 -8.05
CA LEU B 230 -16.88 -1.84 -9.38
C LEU B 230 -16.41 -3.29 -9.32
N VAL B 231 -16.68 -4.02 -10.38
CA VAL B 231 -16.41 -5.44 -10.44
C VAL B 231 -15.45 -5.69 -11.59
N LEU B 232 -14.32 -6.32 -11.30
CA LEU B 232 -13.31 -6.58 -12.31
C LEU B 232 -12.93 -8.06 -12.28
N GLY B 233 -12.60 -8.58 -13.46
CA GLY B 233 -12.24 -9.97 -13.67
C GLY B 233 -13.42 -10.80 -14.15
N LYS B 234 -13.13 -11.84 -14.96
CA LYS B 234 -14.23 -12.65 -15.47
C LYS B 234 -14.52 -13.83 -14.54
N LYS B 235 -13.54 -14.69 -14.27
CA LYS B 235 -13.90 -15.84 -13.45
C LYS B 235 -13.58 -15.67 -11.97
N PHE B 236 -12.53 -14.96 -11.61
CA PHE B 236 -12.35 -14.56 -10.21
C PHE B 236 -12.68 -13.08 -10.13
N LYS B 237 -13.86 -12.78 -9.61
CA LYS B 237 -14.36 -11.41 -9.55
C LYS B 237 -14.07 -10.83 -8.17
N ARG B 238 -13.46 -9.66 -8.13
CA ARG B 238 -13.35 -8.92 -6.88
C ARG B 238 -13.95 -7.53 -7.06
N VAL B 239 -14.47 -6.99 -5.94
CA VAL B 239 -15.18 -5.72 -5.93
C VAL B 239 -14.25 -4.64 -5.41
N TYR B 240 -14.31 -3.45 -6.02
CA TYR B 240 -13.50 -2.28 -5.64
C TYR B 240 -14.40 -1.07 -5.45
N LYS B 241 -14.04 -0.21 -4.49
CA LYS B 241 -14.74 1.04 -4.21
C LYS B 241 -14.15 2.16 -5.07
N LEU B 242 -15.03 2.96 -5.69
CA LEU B 242 -14.65 4.23 -6.32
C LEU B 242 -15.33 5.33 -5.50
N LYS B 243 -14.54 6.14 -4.82
CA LYS B 243 -15.07 7.14 -3.88
C LYS B 243 -14.69 8.52 -4.36
N LEU B 244 -15.67 9.36 -4.56
CA LEU B 244 -15.47 10.58 -5.31
C LEU B 244 -16.50 11.58 -4.83
N ALA B 245 -16.03 12.77 -4.40
CA ALA B 245 -16.93 13.77 -3.84
C ALA B 245 -16.36 15.17 -4.05
N ASN B 246 -17.19 16.03 -4.65
CA ASN B 246 -16.89 17.46 -4.78
C ASN B 246 -15.69 17.70 -5.69
N PHE B 247 -15.58 16.92 -6.75
CA PHE B 247 -14.49 17.02 -7.71
C PHE B 247 -14.94 17.99 -8.77
N LYS B 248 -14.28 19.15 -8.85
CA LYS B 248 -14.82 20.22 -9.66
C LYS B 248 -14.39 20.16 -11.12
N GLU B 249 -13.42 19.32 -11.46
CA GLU B 249 -12.85 19.28 -12.80
C GLU B 249 -13.55 18.28 -13.71
N LEU B 250 -14.87 18.45 -13.81
CA LEU B 250 -15.73 17.67 -14.69
C LEU B 250 -16.59 18.62 -15.50
N LYS B 251 -16.94 18.19 -16.72
CA LYS B 251 -17.78 18.99 -17.61
C LYS B 251 -18.34 18.10 -18.72
N GLU B 252 -19.64 18.16 -18.94
CA GLU B 252 -20.27 17.40 -20.01
C GLU B 252 -20.38 18.29 -21.26
N LEU B 253 -20.17 17.67 -22.42
CA LEU B 253 -20.28 18.35 -23.69
C LEU B 253 -21.18 17.58 -24.66
N VAL B 254 -21.51 16.33 -24.34
CA VAL B 254 -22.63 15.63 -24.95
C VAL B 254 -23.90 16.39 -24.64
N ILE B 255 -24.54 16.98 -25.65
CA ILE B 255 -25.82 17.59 -25.37
C ILE B 255 -26.81 16.54 -24.87
N ASP B 256 -27.05 15.52 -25.70
CA ASP B 256 -27.99 14.44 -25.43
C ASP B 256 -29.35 15.01 -25.05
N GLU B 257 -29.76 16.07 -25.72
CA GLU B 257 -31.06 16.60 -25.37
C GLU B 257 -32.12 15.60 -25.87
N LYS B 258 -33.30 15.66 -25.27
CA LYS B 258 -34.41 14.77 -25.62
C LYS B 258 -34.03 13.28 -25.54
N ARG B 259 -33.60 12.85 -24.35
CA ARG B 259 -33.50 11.42 -24.10
C ARG B 259 -34.30 10.93 -22.92
N PHE B 260 -34.61 11.77 -21.94
CA PHE B 260 -35.33 11.34 -20.76
C PHE B 260 -36.76 11.90 -20.80
N ASP B 261 -37.66 11.15 -21.42
CA ASP B 261 -39.02 11.64 -21.68
C ASP B 261 -40.05 10.88 -20.84
N SER B 262 -40.82 11.65 -20.04
CA SER B 262 -41.94 11.23 -19.23
C SER B 262 -43.21 10.98 -20.04
N SER B 263 -43.09 10.28 -21.16
CA SER B 263 -44.28 9.93 -21.91
C SER B 263 -45.26 9.11 -21.06
N VAL B 264 -44.74 8.15 -20.31
CA VAL B 264 -45.59 7.09 -19.74
C VAL B 264 -46.31 7.58 -18.48
N GLU B 265 -45.59 8.24 -17.55
CA GLU B 265 -46.19 8.72 -16.30
C GLU B 265 -47.25 9.79 -16.52
N GLU B 266 -47.14 10.54 -17.63
CA GLU B 266 -48.04 11.66 -17.88
C GLU B 266 -49.31 11.17 -18.54
N LYS B 267 -49.17 10.29 -19.51
CA LYS B 267 -50.31 9.73 -20.20
C LYS B 267 -51.17 8.97 -19.24
N PHE B 268 -50.54 8.23 -18.35
CA PHE B 268 -51.27 7.45 -17.38
C PHE B 268 -52.08 8.38 -16.54
N TYR B 269 -51.53 9.55 -16.25
CA TYR B 269 -52.28 10.46 -15.38
C TYR B 269 -53.55 10.95 -16.06
N LYS B 270 -53.44 11.37 -17.33
CA LYS B 270 -54.61 11.76 -18.11
C LYS B 270 -55.65 10.65 -18.13
N ASP B 271 -55.23 9.46 -18.61
CA ASP B 271 -56.13 8.34 -18.78
C ASP B 271 -56.84 7.97 -17.47
N PHE B 272 -56.11 7.95 -16.34
CA PHE B 272 -56.72 7.55 -15.06
C PHE B 272 -57.67 8.60 -14.51
N THR B 273 -57.29 9.88 -14.54
CA THR B 273 -58.19 10.92 -14.05
C THR B 273 -59.48 10.99 -14.87
N ASN B 274 -59.40 10.70 -16.18
CA ASN B 274 -60.57 10.79 -17.06
C ASN B 274 -61.49 9.58 -16.86
N VAL B 275 -60.93 8.38 -17.02
CA VAL B 275 -61.70 7.14 -17.08
C VAL B 275 -62.14 6.62 -15.70
N ILE B 276 -61.49 7.05 -14.63
CA ILE B 276 -61.86 6.68 -13.26
C ILE B 276 -62.32 7.92 -12.52
N LYS B 277 -63.54 7.87 -11.95
CA LYS B 277 -63.99 8.97 -11.11
C LYS B 277 -64.11 8.59 -9.65
N GLY B 278 -64.19 7.29 -9.34
CA GLY B 278 -64.34 6.84 -7.96
C GLY B 278 -63.12 7.05 -7.08
N TRP B 279 -61.95 7.25 -7.67
CA TRP B 279 -60.71 7.46 -6.93
C TRP B 279 -60.15 8.87 -7.13
N LYS B 280 -59.46 9.36 -6.08
CA LYS B 280 -58.71 10.62 -6.11
C LYS B 280 -57.24 10.31 -6.34
N ILE B 281 -56.65 10.95 -7.35
CA ILE B 281 -55.31 10.62 -7.83
C ILE B 281 -54.34 11.74 -7.46
N ILE B 282 -53.52 11.51 -6.44
CA ILE B 282 -52.52 12.49 -6.06
C ILE B 282 -51.18 12.12 -6.67
N ARG B 283 -50.53 13.08 -7.31
CA ARG B 283 -49.26 12.85 -7.95
C ARG B 283 -48.10 13.29 -7.09
N GLU B 284 -46.99 12.57 -7.20
CA GLU B 284 -45.79 12.89 -6.44
C GLU B 284 -46.06 13.00 -4.97
N PRO B 285 -46.68 12.01 -4.39
CA PRO B 285 -46.98 11.99 -2.97
C PRO B 285 -45.76 11.90 -2.09
N GLU B 286 -45.91 12.32 -0.85
CA GLU B 286 -44.80 12.31 0.08
C GLU B 286 -44.29 10.92 0.23
N PRO B 287 -43.00 10.78 0.13
CA PRO B 287 -42.41 9.44 0.25
C PRO B 287 -42.59 8.90 1.66
N LEU B 288 -42.70 7.58 1.75
CA LEU B 288 -42.89 6.86 3.00
C LEU B 288 -41.56 6.26 3.44
N VAL B 289 -41.36 6.16 4.75
CA VAL B 289 -40.10 5.69 5.32
C VAL B 289 -40.45 4.57 6.30
N VAL B 290 -40.04 3.34 5.99
CA VAL B 290 -40.34 2.17 6.84
C VAL B 290 -39.00 1.57 7.29
N ASP B 291 -38.66 1.78 8.57
CA ASP B 291 -37.42 1.28 9.19
C ASP B 291 -36.20 1.67 8.36
N ASN B 292 -36.15 2.95 7.97
CA ASN B 292 -35.01 3.57 7.26
C ASN B 292 -34.78 2.95 5.88
N ARG B 293 -35.88 2.75 5.15
CA ARG B 293 -35.87 2.56 3.70
C ARG B 293 -36.92 3.48 3.13
N VAL B 294 -36.54 4.34 2.20
CA VAL B 294 -37.48 5.31 1.63
C VAL B 294 -38.15 4.73 0.39
N PHE B 295 -39.46 4.92 0.30
N PHE B 295 -39.47 4.91 0.32
CA PHE B 295 -40.24 4.43 -0.82
CA PHE B 295 -40.29 4.46 -0.80
C PHE B 295 -40.92 5.63 -1.48
C PHE B 295 -40.91 5.67 -1.47
N ILE B 296 -40.56 5.90 -2.72
CA ILE B 296 -40.96 7.11 -3.40
C ILE B 296 -41.95 6.73 -4.48
N PRO B 297 -43.23 6.74 -4.20
CA PRO B 297 -44.20 6.29 -5.19
C PRO B 297 -44.40 7.36 -6.24
N ASP B 298 -45.03 6.95 -7.34
CA ASP B 298 -45.33 7.90 -8.40
C ASP B 298 -46.70 8.53 -8.25
N PHE B 299 -47.66 7.79 -7.71
CA PHE B 299 -49.03 8.25 -7.53
C PHE B 299 -49.62 7.64 -6.26
N LEU B 300 -50.47 8.40 -5.59
CA LEU B 300 -51.35 7.89 -4.55
C LEU B 300 -52.78 8.02 -5.01
N VAL B 301 -53.53 6.92 -5.00
CA VAL B 301 -54.94 6.96 -5.34
C VAL B 301 -55.72 6.44 -4.15
N GLU B 302 -56.85 7.10 -3.86
CA GLU B 302 -57.68 6.79 -2.71
C GLU B 302 -59.17 6.87 -3.09
N LYS B 303 -59.94 5.90 -2.60
CA LYS B 303 -61.41 5.97 -2.64
C LYS B 303 -61.88 5.84 -1.20
N GLY B 304 -62.29 6.96 -0.61
CA GLY B 304 -62.72 6.97 0.77
C GLY B 304 -61.65 6.50 1.74
N ASN B 305 -61.82 5.29 2.28
CA ASN B 305 -60.92 4.77 3.31
C ASN B 305 -59.90 3.79 2.77
N LEU B 306 -59.96 3.43 1.49
CA LEU B 306 -58.91 2.67 0.82
C LEU B 306 -57.82 3.60 0.29
N LYS B 307 -56.56 3.23 0.51
CA LYS B 307 -55.39 4.00 0.07
C LYS B 307 -54.43 3.04 -0.61
N VAL B 308 -54.10 3.30 -1.89
CA VAL B 308 -53.11 2.50 -2.58
C VAL B 308 -52.15 3.41 -3.37
N TYR B 309 -50.91 2.96 -3.49
CA TYR B 309 -49.81 3.72 -4.09
C TYR B 309 -49.39 3.04 -5.38
N VAL B 310 -49.03 3.84 -6.38
CA VAL B 310 -48.62 3.34 -7.68
C VAL B 310 -47.17 3.73 -7.90
N GLU B 311 -46.34 2.75 -8.25
CA GLU B 311 -45.01 3.04 -8.76
C GLU B 311 -44.86 2.44 -10.15
N ILE B 312 -44.35 3.24 -11.08
CA ILE B 312 -43.95 2.79 -12.41
C ILE B 312 -42.45 2.49 -12.39
N VAL B 313 -42.03 1.43 -13.07
CA VAL B 313 -40.63 1.04 -13.07
C VAL B 313 -40.16 0.90 -14.51
N GLY B 314 -39.05 1.57 -14.86
CA GLY B 314 -38.52 1.56 -16.21
C GLY B 314 -37.69 0.34 -16.57
N PHE B 315 -36.51 0.19 -15.99
CA PHE B 315 -35.74 -1.03 -16.19
C PHE B 315 -36.00 -1.97 -15.04
N TRP B 316 -35.73 -3.25 -15.27
CA TRP B 316 -35.90 -4.21 -14.19
C TRP B 316 -35.21 -5.52 -14.52
N THR B 317 -35.02 -6.31 -13.48
CA THR B 317 -34.49 -7.66 -13.56
C THR B 317 -35.38 -8.53 -12.66
N LYS B 318 -35.38 -9.83 -12.93
CA LYS B 318 -36.02 -10.76 -12.00
C LYS B 318 -35.58 -10.47 -10.56
N GLU B 319 -34.28 -10.31 -10.33
CA GLU B 319 -33.84 -10.14 -8.94
C GLU B 319 -34.21 -8.75 -8.40
N TYR B 320 -34.35 -7.74 -9.27
CA TYR B 320 -34.70 -6.40 -8.81
C TYR B 320 -36.15 -6.33 -8.32
N ILE B 321 -37.07 -6.80 -9.14
CA ILE B 321 -38.47 -6.68 -8.75
C ILE B 321 -38.76 -7.54 -7.54
N LYS B 322 -38.16 -8.74 -7.50
CA LYS B 322 -38.24 -9.57 -6.31
C LYS B 322 -37.76 -8.80 -5.08
N GLU B 323 -36.61 -8.13 -5.19
CA GLU B 323 -36.12 -7.33 -4.07
C GLU B 323 -37.04 -6.15 -3.77
N LYS B 324 -37.48 -5.44 -4.81
CA LYS B 324 -38.35 -4.28 -4.58
C LYS B 324 -39.63 -4.70 -3.86
N LEU B 325 -40.26 -5.79 -4.31
CA LEU B 325 -41.53 -6.21 -3.73
C LEU B 325 -41.34 -6.79 -2.35
N ASP B 326 -40.29 -7.60 -2.16
CA ASP B 326 -39.94 -8.08 -0.83
C ASP B 326 -39.87 -6.93 0.16
N LYS B 327 -39.17 -5.86 -0.21
CA LYS B 327 -39.07 -4.69 0.67
C LYS B 327 -40.41 -3.96 0.78
N LEU B 328 -41.29 -4.14 -0.20
CA LEU B 328 -42.60 -3.52 -0.19
C LEU B 328 -43.62 -4.29 0.64
N LYS B 329 -43.36 -5.58 0.92
CA LYS B 329 -44.24 -6.28 1.86
C LYS B 329 -44.28 -5.58 3.22
N LYS B 330 -43.22 -4.86 3.58
CA LYS B 330 -43.14 -4.16 4.85
C LYS B 330 -43.59 -2.68 4.78
N VAL B 331 -44.34 -2.26 3.76
CA VAL B 331 -44.78 -0.85 3.69
C VAL B 331 -46.18 -0.66 4.28
N LYS B 332 -46.93 -1.73 4.50
CA LYS B 332 -48.21 -1.67 5.21
C LYS B 332 -49.31 -1.03 4.38
N TYR B 333 -49.22 -1.02 3.04
CA TYR B 333 -50.33 -0.59 2.19
C TYR B 333 -50.51 -1.54 1.02
N PRO B 334 -51.55 -1.39 0.22
CA PRO B 334 -51.57 -2.04 -1.10
C PRO B 334 -50.80 -1.17 -2.07
N ILE B 335 -49.91 -1.78 -2.85
CA ILE B 335 -49.11 -1.03 -3.81
C ILE B 335 -49.16 -1.75 -5.14
N LEU B 336 -49.38 -0.97 -6.20
CA LEU B 336 -49.49 -1.45 -7.56
C LEU B 336 -48.24 -1.06 -8.33
N ILE B 337 -47.59 -2.04 -8.94
CA ILE B 337 -46.39 -1.82 -9.74
C ILE B 337 -46.76 -1.96 -11.20
N LEU B 338 -46.17 -1.11 -12.03
CA LEU B 338 -46.40 -1.14 -13.46
C LEU B 338 -45.04 -1.36 -14.11
N LEU B 339 -44.84 -2.51 -14.75
CA LEU B 339 -43.54 -2.82 -15.33
C LEU B 339 -43.58 -2.70 -16.84
N ASN B 340 -42.43 -2.38 -17.41
CA ASN B 340 -42.27 -2.33 -18.86
C ASN B 340 -41.69 -3.66 -19.32
N GLU B 341 -42.44 -4.38 -20.17
CA GLU B 341 -42.04 -5.71 -20.61
C GLU B 341 -40.82 -5.65 -21.53
N GLU B 342 -40.67 -4.56 -22.27
CA GLU B 342 -39.56 -4.42 -23.20
C GLU B 342 -38.22 -4.32 -22.49
N LEU B 343 -38.20 -3.73 -21.29
CA LEU B 343 -36.97 -3.48 -20.55
C LEU B 343 -36.71 -4.61 -19.57
N GLY B 344 -37.12 -5.83 -19.95
CA GLY B 344 -36.86 -7.02 -19.16
C GLY B 344 -36.67 -8.26 -20.02
N LYS B 345 -36.09 -9.27 -19.38
CA LYS B 345 -35.70 -10.51 -20.00
C LYS B 345 -36.69 -11.66 -19.74
N GLU B 346 -37.61 -11.51 -18.79
CA GLU B 346 -38.32 -12.66 -18.24
C GLU B 346 -39.85 -12.57 -18.24
N LYS B 347 -40.46 -11.46 -18.65
CA LYS B 347 -41.93 -11.38 -18.73
C LYS B 347 -42.61 -11.77 -17.41
N PHE B 348 -42.65 -10.84 -16.46
CA PHE B 348 -42.94 -11.12 -15.05
C PHE B 348 -44.45 -11.22 -14.79
N ASN B 349 -44.80 -11.94 -13.72
CA ASN B 349 -46.18 -12.07 -13.27
C ASN B 349 -46.22 -12.09 -11.74
N GLY B 350 -47.00 -11.20 -11.15
CA GLY B 350 -47.11 -11.11 -9.71
C GLY B 350 -48.49 -10.71 -9.27
N MET B 351 -48.73 -10.86 -7.96
CA MET B 351 -50.05 -10.59 -7.38
C MET B 351 -50.38 -9.09 -7.31
N ASN B 352 -49.38 -8.20 -7.51
CA ASN B 352 -49.59 -6.77 -7.37
C ASN B 352 -48.93 -6.03 -8.54
N VAL B 353 -48.71 -6.70 -9.67
CA VAL B 353 -47.92 -6.18 -10.78
C VAL B 353 -48.69 -6.28 -12.08
N ILE B 354 -48.73 -5.17 -12.83
CA ILE B 354 -49.34 -5.06 -14.16
C ILE B 354 -48.27 -4.65 -15.16
N THR B 355 -47.99 -5.51 -16.15
CA THR B 355 -47.07 -5.14 -17.22
C THR B 355 -47.75 -4.24 -18.25
N TYR B 356 -46.93 -3.41 -18.91
CA TYR B 356 -47.42 -2.50 -19.95
C TYR B 356 -46.41 -2.52 -21.09
N LYS B 357 -46.88 -2.31 -22.33
CA LYS B 357 -45.97 -2.33 -23.48
C LYS B 357 -45.42 -0.95 -23.83
N ARG B 358 -46.28 -0.06 -24.33
CA ARG B 358 -45.77 1.25 -24.69
C ARG B 358 -46.45 2.36 -23.93
N LYS B 359 -47.68 2.12 -23.50
CA LYS B 359 -48.39 2.98 -22.60
C LYS B 359 -49.00 2.07 -21.54
N ILE B 360 -49.56 2.65 -20.52
CA ILE B 360 -50.27 1.83 -19.55
C ILE B 360 -51.70 1.67 -20.03
N ASP B 361 -52.19 0.43 -19.93
CA ASP B 361 -53.53 0.07 -20.39
C ASP B 361 -54.48 0.30 -19.22
N ILE B 362 -55.07 1.50 -19.19
CA ILE B 362 -55.88 1.93 -18.05
C ILE B 362 -57.00 0.96 -17.75
N SER B 363 -57.48 0.22 -18.76
CA SER B 363 -58.39 -0.91 -18.55
C SER B 363 -57.97 -1.75 -17.37
N LEU B 364 -56.70 -2.16 -17.36
CA LEU B 364 -56.20 -3.09 -16.36
C LEU B 364 -56.08 -2.46 -14.97
N VAL B 365 -55.77 -1.17 -14.88
CA VAL B 365 -55.71 -0.51 -13.57
C VAL B 365 -57.11 -0.43 -12.99
N TYR B 366 -58.08 0.03 -13.80
CA TYR B 366 -59.47 0.02 -13.34
C TYR B 366 -59.87 -1.38 -12.89
N LYS B 367 -59.66 -2.38 -13.75
CA LYS B 367 -59.94 -3.77 -13.36
C LYS B 367 -59.28 -4.09 -12.02
N TRP B 368 -58.01 -3.74 -11.86
CA TRP B 368 -57.27 -4.16 -10.68
C TRP B 368 -57.86 -3.56 -9.40
N LEU B 369 -58.31 -2.30 -9.48
CA LEU B 369 -58.75 -1.62 -8.27
C LEU B 369 -60.02 -2.25 -7.72
N ARG B 370 -60.98 -2.52 -8.58
CA ARG B 370 -62.21 -3.08 -8.07
C ARG B 370 -62.06 -4.54 -7.68
N GLU B 371 -61.12 -5.29 -8.28
CA GLU B 371 -61.01 -6.72 -7.96
C GLU B 371 -60.44 -6.97 -6.58
N LEU B 372 -60.17 -5.90 -5.85
CA LEU B 372 -59.90 -6.01 -4.43
C LEU B 372 -60.66 -4.98 -3.61
N GLU B 373 -61.39 -4.05 -4.25
CA GLU B 373 -62.27 -3.15 -3.50
C GLU B 373 -63.42 -3.92 -2.86
N ASN B 374 -64.03 -4.83 -3.61
CA ASN B 374 -65.05 -5.75 -3.11
C ASN B 374 -66.26 -5.02 -2.50
N GLY C 1 -53.37 19.35 60.10
CA GLY C 1 -52.79 18.38 61.02
C GLY C 1 -51.44 18.79 61.64
N SER C 2 -50.98 18.01 62.61
CA SER C 2 -49.71 18.26 63.29
C SER C 2 -48.77 17.08 62.99
N VAL C 3 -48.10 17.17 61.84
CA VAL C 3 -47.09 16.18 61.47
C VAL C 3 -45.84 16.36 62.33
N TYR C 4 -45.36 15.25 62.88
CA TYR C 4 -44.05 15.21 63.53
C TYR C 4 -43.04 14.64 62.56
N LEU C 5 -41.88 15.31 62.47
CA LEU C 5 -40.81 14.98 61.52
C LEU C 5 -39.53 14.86 62.31
N ARG C 6 -38.97 13.67 62.41
CA ARG C 6 -37.88 13.41 63.35
C ARG C 6 -36.71 12.72 62.66
N TYR C 7 -35.48 13.15 63.00
CA TYR C 7 -34.26 12.51 62.50
C TYR C 7 -33.86 11.35 63.40
N PHE C 8 -33.38 10.27 62.78
CA PHE C 8 -33.00 9.09 63.56
C PHE C 8 -31.96 8.26 62.81
N LYS C 9 -30.71 8.32 63.28
CA LYS C 9 -29.64 7.40 62.87
C LYS C 9 -29.57 7.27 61.35
N GLY C 10 -29.56 8.42 60.69
CA GLY C 10 -29.49 8.52 59.25
C GLY C 10 -30.82 8.37 58.53
N LEU C 11 -31.95 8.41 59.22
CA LEU C 11 -33.26 8.28 58.60
C LEU C 11 -34.09 9.51 58.92
N ILE C 12 -35.14 9.71 58.13
CA ILE C 12 -36.19 10.66 58.46
C ILE C 12 -37.46 9.88 58.84
N LEU C 13 -38.14 10.32 59.90
CA LEU C 13 -39.33 9.64 60.39
C LEU C 13 -40.50 10.62 60.43
N SER C 14 -41.73 10.11 60.24
CA SER C 14 -42.87 10.99 60.12
C SER C 14 -44.14 10.34 60.64
N ASP C 15 -44.97 11.14 61.33
CA ASP C 15 -46.36 10.79 61.60
C ASP C 15 -47.05 10.27 60.35
N ALA C 16 -46.90 10.99 59.24
CA ALA C 16 -47.76 10.91 58.08
C ALA C 16 -46.98 10.54 56.82
N TYR C 17 -47.70 10.10 55.81
CA TYR C 17 -47.05 9.78 54.57
C TYR C 17 -46.77 11.05 53.79
N ALA C 18 -45.58 11.10 53.20
CA ALA C 18 -45.14 12.02 52.16
C ALA C 18 -44.57 11.17 51.03
N PRO C 19 -44.62 11.66 49.79
CA PRO C 19 -44.06 10.88 48.68
C PRO C 19 -42.58 10.61 48.90
N GLY C 20 -42.18 9.37 48.70
CA GLY C 20 -40.81 8.97 48.96
C GLY C 20 -40.61 8.38 50.33
N LEU C 21 -41.58 8.58 51.21
CA LEU C 21 -41.62 7.88 52.47
C LEU C 21 -42.30 6.54 52.25
N LYS C 22 -41.88 5.59 53.07
CA LYS C 22 -42.38 4.23 53.09
C LYS C 22 -42.53 3.84 54.56
N TRP C 23 -43.58 3.11 54.89
CA TRP C 23 -43.81 2.70 56.26
C TRP C 23 -42.82 1.71 56.74
N SER C 24 -42.37 1.86 57.97
CA SER C 24 -41.43 0.94 58.58
C SER C 24 -42.09 0.24 59.72
N ASP C 25 -42.22 -1.07 59.63
CA ASP C 25 -42.78 -1.82 60.74
C ASP C 25 -41.86 -1.81 61.93
N GLU C 26 -40.58 -1.96 61.71
CA GLU C 26 -39.69 -2.01 62.86
C GLU C 26 -39.75 -0.74 63.70
N LEU C 27 -39.93 0.40 63.05
CA LEU C 27 -39.93 1.70 63.71
C LEU C 27 -41.33 2.29 63.86
N LYS C 28 -42.34 1.68 63.25
CA LYS C 28 -43.75 2.14 63.32
C LYS C 28 -43.87 3.62 62.94
N ALA C 29 -43.27 3.97 61.81
CA ALA C 29 -43.41 5.31 61.27
C ALA C 29 -43.20 5.23 59.76
N TYR C 30 -43.58 6.30 59.06
CA TYR C 30 -43.21 6.46 57.68
C TYR C 30 -41.78 6.95 57.65
N SER C 31 -40.94 6.30 56.86
CA SER C 31 -39.52 6.59 56.95
C SER C 31 -38.89 6.65 55.58
N ALA C 32 -37.67 7.18 55.57
CA ALA C 32 -36.74 7.14 54.44
C ALA C 32 -35.38 7.58 54.97
N LEU C 33 -34.38 7.51 54.11
CA LEU C 33 -33.05 7.98 54.46
C LEU C 33 -33.07 9.49 54.59
N ALA C 34 -32.28 10.02 55.53
CA ALA C 34 -32.46 11.41 55.96
C ALA C 34 -32.37 12.41 54.83
N PHE C 35 -31.75 12.04 53.71
CA PHE C 35 -31.58 12.99 52.62
C PHE C 35 -32.90 13.43 52.04
N LYS C 36 -33.97 12.66 52.24
CA LYS C 36 -35.29 13.07 51.81
C LYS C 36 -35.91 14.12 52.73
N TYR C 37 -35.23 14.51 53.80
CA TYR C 37 -35.71 15.58 54.67
C TYR C 37 -36.23 16.82 53.91
N ARG C 38 -35.35 17.49 53.17
CA ARG C 38 -35.75 18.72 52.49
C ARG C 38 -37.02 18.53 51.68
N ASP C 39 -37.08 17.47 50.88
CA ASP C 39 -38.21 17.29 49.98
C ASP C 39 -39.47 16.97 50.75
N VAL C 40 -39.34 16.30 51.90
CA VAL C 40 -40.51 15.89 52.66
C VAL C 40 -41.08 17.07 53.40
N ARG C 41 -40.20 17.88 53.99
CA ARG C 41 -40.59 19.17 54.59
C ARG C 41 -41.28 20.07 53.55
N LYS C 42 -40.76 20.17 52.35
CA LYS C 42 -41.37 21.00 51.36
C LYS C 42 -42.74 20.46 51.09
N TYR C 43 -42.85 19.16 51.01
CA TYR C 43 -44.17 18.56 50.77
C TYR C 43 -45.20 19.02 51.79
N PHE C 44 -44.81 19.06 53.07
CA PHE C 44 -45.83 19.35 54.07
C PHE C 44 -46.16 20.84 54.15
N LEU C 45 -45.13 21.69 54.19
CA LEU C 45 -45.34 23.14 54.13
C LEU C 45 -46.23 23.54 52.96
N GLU C 46 -45.90 23.06 51.75
CA GLU C 46 -46.66 23.47 50.57
C GLU C 46 -48.10 22.94 50.58
N LYS C 47 -48.50 22.16 51.57
CA LYS C 47 -49.92 21.86 51.76
C LYS C 47 -50.41 22.34 53.12
N GLU C 48 -49.70 23.31 53.70
CA GLU C 48 -50.12 24.02 54.91
C GLU C 48 -50.41 23.10 56.10
N ILE C 49 -49.81 21.90 56.13
CA ILE C 49 -49.83 21.10 57.35
C ILE C 49 -48.73 21.59 58.29
N GLU C 50 -49.07 21.84 59.55
CA GLU C 50 -48.10 22.28 60.55
C GLU C 50 -47.04 21.20 60.75
N VAL C 51 -45.77 21.57 60.53
CA VAL C 51 -44.65 20.63 60.59
C VAL C 51 -43.90 20.88 61.89
N GLU C 52 -44.06 19.98 62.86
CA GLU C 52 -43.27 19.97 64.08
C GLU C 52 -42.06 19.08 63.84
N GLU C 53 -40.89 19.67 63.71
CA GLU C 53 -39.73 18.89 63.31
C GLU C 53 -38.61 19.08 64.29
N ASN C 54 -37.99 17.97 64.68
CA ASN C 54 -36.69 18.01 65.32
C ASN C 54 -35.77 17.13 64.46
N VAL C 55 -35.16 17.76 63.44
CA VAL C 55 -34.35 17.02 62.49
C VAL C 55 -32.89 17.44 62.58
N ILE C 56 -32.59 18.73 62.33
CA ILE C 56 -31.22 19.18 62.20
C ILE C 56 -30.75 19.83 63.50
N ASP C 57 -29.83 19.18 64.18
CA ASP C 57 -29.24 19.70 65.41
C ASP C 57 -27.92 20.39 65.05
N SER C 58 -28.03 21.55 64.40
CA SER C 58 -26.86 22.11 63.71
C SER C 58 -25.82 22.69 64.67
N LEU C 59 -24.55 22.39 64.39
CA LEU C 59 -23.43 23.06 65.03
C LEU C 59 -23.54 24.58 64.83
N PRO C 60 -22.90 25.35 65.70
CA PRO C 60 -22.92 26.81 65.53
C PRO C 60 -21.99 27.24 64.39
N PHE C 61 -22.49 28.13 63.54
CA PHE C 61 -21.64 28.71 62.51
C PHE C 61 -20.56 29.58 63.15
N PRO C 62 -19.29 29.40 62.79
CA PRO C 62 -18.21 30.13 63.43
C PRO C 62 -18.08 31.57 62.90
N LEU C 63 -17.20 32.31 63.55
CA LEU C 63 -16.84 33.65 63.11
C LEU C 63 -15.83 33.56 61.97
N ILE C 64 -16.15 34.19 60.85
CA ILE C 64 -15.29 34.17 59.66
C ILE C 64 -15.12 35.59 59.14
N LYS C 65 -13.97 35.84 58.53
CA LYS C 65 -13.72 37.05 57.76
C LYS C 65 -13.65 36.64 56.29
N ASP C 66 -14.45 37.30 55.45
CA ASP C 66 -14.56 36.94 54.02
C ASP C 66 -13.50 37.70 53.22
N LYS C 67 -12.37 37.04 52.95
CA LYS C 67 -11.27 37.64 52.19
C LYS C 67 -11.28 37.22 50.71
N ILE C 68 -12.47 37.00 50.15
CA ILE C 68 -12.65 36.40 48.82
C ILE C 68 -13.25 37.43 47.87
N GLU C 69 -12.58 37.67 46.74
CA GLU C 69 -13.14 38.42 45.62
C GLU C 69 -13.03 37.51 44.39
N LEU C 70 -14.15 37.27 43.71
CA LEU C 70 -14.25 36.28 42.65
C LEU C 70 -14.14 36.94 41.27
N ARG C 71 -13.69 36.12 40.34
CA ARG C 71 -13.75 36.43 38.93
C ARG C 71 -15.26 36.41 38.60
N ASP C 72 -15.68 36.98 37.50
CA ASP C 72 -17.12 37.10 37.41
C ASP C 72 -17.82 35.83 36.93
N TYR C 73 -17.12 34.93 36.22
CA TYR C 73 -17.69 33.60 35.97
C TYR C 73 -17.83 32.81 37.27
N GLN C 74 -16.92 33.04 38.21
CA GLN C 74 -17.05 32.41 39.53
C GLN C 74 -18.35 32.86 40.21
N ALA C 75 -18.69 34.14 40.07
CA ALA C 75 -19.90 34.65 40.71
C ALA C 75 -21.15 34.17 39.99
N GLU C 76 -21.11 34.05 38.64
CA GLU C 76 -22.24 33.44 37.94
C GLU C 76 -22.52 32.07 38.51
N ALA C 77 -21.46 31.34 38.88
CA ALA C 77 -21.62 30.01 39.47
C ALA C 77 -22.34 30.07 40.80
N VAL C 78 -21.89 30.95 41.69
CA VAL C 78 -22.54 31.11 42.97
C VAL C 78 -24.02 31.41 42.77
N LYS C 79 -24.35 32.33 41.86
CA LYS C 79 -25.73 32.74 41.67
C LYS C 79 -26.58 31.58 41.13
N ALA C 80 -25.98 30.72 40.30
CA ALA C 80 -26.66 29.53 39.82
C ALA C 80 -26.98 28.60 40.96
N TRP C 81 -25.95 28.23 41.73
CA TRP C 81 -26.15 27.34 42.86
C TRP C 81 -27.17 27.88 43.84
N LEU C 82 -27.17 29.21 44.05
CA LEU C 82 -27.99 29.77 45.12
C LEU C 82 -29.49 29.65 44.86
N LYS C 83 -29.91 29.44 43.60
CA LYS C 83 -31.34 29.39 43.29
C LYS C 83 -32.00 28.18 43.94
N GLU C 84 -31.36 27.02 43.91
CA GLU C 84 -31.93 25.87 44.57
C GLU C 84 -31.08 25.35 45.70
N LYS C 85 -29.82 25.70 45.74
CA LYS C 85 -28.97 25.26 46.82
C LYS C 85 -28.82 23.76 46.95
N ARG C 86 -28.91 23.08 45.83
CA ARG C 86 -28.74 21.65 45.79
C ARG C 86 -28.25 21.41 44.40
N GLY C 87 -26.96 21.44 44.17
CA GLY C 87 -26.45 21.21 42.83
C GLY C 87 -24.98 21.06 42.70
N ILE C 88 -24.54 20.70 41.51
CA ILE C 88 -23.12 20.58 41.20
C ILE C 88 -22.63 21.76 40.37
N ILE C 89 -21.44 22.25 40.70
CA ILE C 89 -20.76 23.29 39.92
C ILE C 89 -19.57 22.64 39.21
N VAL C 90 -19.60 22.57 37.88
CA VAL C 90 -18.52 21.96 37.12
C VAL C 90 -17.64 23.05 36.52
N LEU C 91 -16.41 23.11 36.99
CA LEU C 91 -15.38 24.00 36.46
C LEU C 91 -14.08 23.23 36.30
N PRO C 92 -13.28 23.55 35.30
CA PRO C 92 -12.01 22.84 35.10
C PRO C 92 -11.03 23.11 36.24
N THR C 93 -10.02 22.24 36.31
CA THR C 93 -9.01 22.38 37.35
C THR C 93 -8.33 23.74 37.22
N GLY C 94 -8.16 24.44 38.34
CA GLY C 94 -7.52 25.73 38.31
C GLY C 94 -8.41 26.91 38.00
N ALA C 95 -9.67 26.68 37.65
CA ALA C 95 -10.64 27.76 37.55
C ALA C 95 -11.10 28.27 38.91
N GLY C 96 -10.54 27.79 40.02
CA GLY C 96 -10.89 28.27 41.34
C GLY C 96 -12.21 27.81 41.93
N LYS C 97 -12.46 26.49 41.89
CA LYS C 97 -13.70 25.96 42.47
C LYS C 97 -13.75 26.18 43.97
N THR C 98 -12.61 25.97 44.65
CA THR C 98 -12.51 26.18 46.09
C THR C 98 -13.02 27.56 46.50
N GLN C 99 -12.67 28.60 45.75
CA GLN C 99 -13.08 29.93 46.17
C GLN C 99 -14.56 30.16 45.91
N VAL C 100 -15.12 29.49 44.91
CA VAL C 100 -16.57 29.50 44.73
C VAL C 100 -17.25 28.86 45.92
N ALA C 101 -16.72 27.71 46.38
CA ALA C 101 -17.30 26.99 47.49
C ALA C 101 -17.27 27.83 48.77
N LEU C 102 -16.08 28.33 49.12
CA LEU C 102 -15.92 29.12 50.33
C LEU C 102 -16.70 30.42 50.28
N LYS C 103 -16.91 30.99 49.09
CA LYS C 103 -17.81 32.14 49.02
C LYS C 103 -19.22 31.73 49.41
N ILE C 104 -19.70 30.60 48.84
CA ILE C 104 -21.03 30.10 49.19
C ILE C 104 -21.16 29.91 50.70
N VAL C 105 -20.14 29.30 51.32
CA VAL C 105 -20.11 29.07 52.77
C VAL C 105 -20.37 30.34 53.55
N SER C 106 -19.67 31.42 53.16
CA SER C 106 -19.78 32.69 53.85
C SER C 106 -21.14 33.31 53.57
N ILE C 107 -21.62 33.22 52.33
CA ILE C 107 -22.96 33.71 52.05
C ILE C 107 -23.99 32.97 52.88
N MET C 108 -23.87 31.64 52.97
CA MET C 108 -24.91 30.82 53.61
C MET C 108 -24.94 31.02 55.11
N LYS C 109 -23.77 31.06 55.75
CA LYS C 109 -23.64 31.31 57.18
C LYS C 109 -24.23 30.18 58.02
N VAL C 110 -24.25 28.96 57.48
CA VAL C 110 -24.66 27.78 58.22
C VAL C 110 -23.46 26.84 58.33
N ALA C 111 -23.52 25.98 59.35
CA ALA C 111 -22.45 25.03 59.59
C ALA C 111 -22.24 24.18 58.34
N THR C 112 -20.97 23.87 58.04
CA THR C 112 -20.61 23.30 56.74
C THR C 112 -19.64 22.14 56.88
N LEU C 113 -19.96 21.01 56.25
CA LEU C 113 -19.08 19.84 56.18
C LEU C 113 -18.57 19.67 54.74
N ILE C 114 -17.25 19.60 54.59
CA ILE C 114 -16.56 19.56 53.29
C ILE C 114 -15.91 18.18 53.14
N VAL C 115 -16.34 17.43 52.14
CA VAL C 115 -16.00 16.02 52.03
C VAL C 115 -15.04 15.86 50.86
N VAL C 116 -13.84 15.36 51.14
CA VAL C 116 -12.79 15.33 50.13
C VAL C 116 -12.26 13.91 50.03
N PRO C 117 -11.64 13.54 48.90
CA PRO C 117 -11.26 12.14 48.70
C PRO C 117 -9.88 11.75 49.18
N THR C 118 -8.98 12.70 49.49
CA THR C 118 -7.61 12.33 49.84
C THR C 118 -7.06 13.21 50.94
N ILE C 119 -6.03 12.67 51.63
CA ILE C 119 -5.46 13.36 52.77
C ILE C 119 -4.78 14.66 52.33
N ASP C 120 -4.27 14.71 51.09
CA ASP C 120 -3.63 15.93 50.61
C ASP C 120 -4.66 17.01 50.36
N LEU C 121 -5.87 16.63 49.96
CA LEU C 121 -6.95 17.59 49.78
C LEU C 121 -7.54 18.06 51.11
N ILE C 122 -7.39 17.30 52.19
CA ILE C 122 -7.72 17.86 53.50
C ILE C 122 -6.81 19.06 53.75
N THR C 123 -5.49 18.81 53.75
CA THR C 123 -4.53 19.86 54.07
C THR C 123 -4.66 21.05 53.13
N GLN C 124 -4.94 20.79 51.85
CA GLN C 124 -5.17 21.91 50.93
C GLN C 124 -6.39 22.72 51.35
N TRP C 125 -7.55 22.06 51.51
CA TRP C 125 -8.72 22.78 52.00
C TRP C 125 -8.44 23.42 53.35
N LYS C 126 -7.70 22.70 54.21
CA LYS C 126 -7.26 23.23 55.51
C LYS C 126 -6.59 24.59 55.38
N GLU C 127 -5.67 24.73 54.44
CA GLU C 127 -4.95 25.98 54.29
C GLU C 127 -5.82 27.07 53.68
N ARG C 128 -6.56 26.74 52.60
CA ARG C 128 -7.34 27.77 51.92
C ARG C 128 -8.42 28.36 52.81
N ILE C 129 -8.93 27.59 53.77
CA ILE C 129 -9.93 28.13 54.68
C ILE C 129 -9.29 29.11 55.65
N ASN C 130 -8.08 28.80 56.10
CA ASN C 130 -7.30 29.75 56.89
C ASN C 130 -7.07 31.03 56.12
N LYS C 131 -6.56 30.94 54.88
CA LYS C 131 -6.30 32.12 54.07
C LYS C 131 -7.57 32.93 53.81
N TYR C 132 -8.56 32.30 53.15
CA TYR C 132 -9.67 33.04 52.56
C TYR C 132 -10.83 33.23 53.51
N LEU C 133 -10.84 32.57 54.64
CA LEU C 133 -11.89 32.76 55.61
C LEU C 133 -11.45 33.10 57.04
N ASP C 134 -10.17 33.04 57.38
CA ASP C 134 -9.73 33.16 58.78
C ASP C 134 -10.46 32.21 59.68
N PHE C 135 -10.41 30.95 59.35
CA PHE C 135 -10.89 30.04 60.35
C PHE C 135 -10.07 28.79 60.26
N ASP C 136 -9.54 28.31 61.38
CA ASP C 136 -8.88 27.02 61.35
C ASP C 136 -9.96 25.96 61.51
N PRO C 137 -10.26 25.16 60.50
CA PRO C 137 -11.45 24.31 60.53
C PRO C 137 -11.24 23.03 61.32
N GLY C 138 -12.33 22.34 61.58
CA GLY C 138 -12.25 20.99 62.09
C GLY C 138 -11.72 20.04 61.03
N ILE C 139 -11.00 19.03 61.48
CA ILE C 139 -10.44 18.03 60.58
C ILE C 139 -10.75 16.65 61.13
N ILE C 140 -11.41 15.84 60.31
CA ILE C 140 -11.67 14.44 60.59
C ILE C 140 -11.07 13.65 59.43
N GLY C 141 -9.95 13.00 59.66
CA GLY C 141 -9.27 12.25 58.61
C GLY C 141 -7.75 12.32 58.68
N GLY C 142 -7.10 11.27 58.17
CA GLY C 142 -5.66 11.14 58.34
C GLY C 142 -5.23 10.69 59.73
N GLY C 143 -6.18 10.53 60.66
CA GLY C 143 -5.88 10.24 62.06
C GLY C 143 -6.19 11.38 63.00
N GLU C 144 -6.60 12.55 62.49
CA GLU C 144 -7.02 13.66 63.33
C GLU C 144 -8.54 13.66 63.48
N ASP C 145 -9.04 14.10 64.68
CA ASP C 145 -10.48 14.17 64.99
C ASP C 145 -10.78 15.43 65.83
N SER C 146 -10.95 16.56 65.14
CA SER C 146 -11.55 17.75 65.72
C SER C 146 -12.76 18.11 64.86
N LEU C 147 -13.84 18.56 65.51
CA LEU C 147 -15.11 18.76 64.85
C LEU C 147 -15.66 20.12 65.24
N LYS C 148 -15.69 21.05 64.30
CA LYS C 148 -16.16 22.40 64.53
C LYS C 148 -17.16 22.81 63.45
N GLY C 149 -17.69 24.03 63.56
CA GLY C 149 -18.76 24.47 62.68
C GLY C 149 -18.43 24.38 61.21
N ILE C 150 -17.16 24.45 60.86
CA ILE C 150 -16.70 24.15 59.52
C ILE C 150 -15.68 23.04 59.65
N THR C 151 -15.94 21.91 58.99
CA THR C 151 -15.09 20.75 59.14
C THR C 151 -14.78 20.15 57.78
N VAL C 152 -13.53 19.74 57.62
CA VAL C 152 -13.09 18.99 56.45
C VAL C 152 -12.97 17.54 56.85
N ILE C 153 -13.47 16.64 56.00
CA ILE C 153 -13.55 15.22 56.33
C ILE C 153 -13.30 14.42 55.05
N THR C 154 -12.74 13.22 55.21
CA THR C 154 -12.62 12.30 54.08
C THR C 154 -14.00 11.72 53.73
N TYR C 155 -14.12 11.20 52.50
CA TYR C 155 -15.32 10.42 52.17
C TYR C 155 -15.46 9.23 53.13
N ASP C 156 -14.35 8.54 53.39
CA ASP C 156 -14.40 7.34 54.21
C ASP C 156 -14.93 7.66 55.59
N SER C 157 -14.47 8.75 56.19
CA SER C 157 -14.86 9.05 57.58
C SER C 157 -16.25 9.68 57.65
N ALA C 158 -16.65 10.41 56.61
CA ALA C 158 -18.05 10.81 56.51
C ALA C 158 -18.95 9.58 56.42
N TYR C 159 -18.54 8.58 55.65
CA TYR C 159 -19.36 7.37 55.55
C TYR C 159 -19.43 6.67 56.88
N THR C 160 -18.29 6.55 57.57
CA THR C 160 -18.25 5.84 58.84
C THR C 160 -19.08 6.54 59.91
N ARG C 161 -19.05 7.87 59.91
CA ARG C 161 -19.65 8.68 60.97
C ARG C 161 -20.94 9.33 60.51
N ALA C 162 -21.56 8.77 59.47
CA ALA C 162 -22.71 9.43 58.84
C ALA C 162 -23.89 9.57 59.80
N GLU C 163 -24.27 8.48 60.46
CA GLU C 163 -25.43 8.57 61.35
C GLU C 163 -25.20 9.61 62.43
N GLU C 164 -23.96 9.75 62.89
CA GLU C 164 -23.61 10.71 63.93
C GLU C 164 -23.64 12.14 63.40
N LEU C 165 -23.15 12.38 62.19
CA LEU C 165 -22.98 13.72 61.66
C LEU C 165 -24.10 14.13 60.72
N GLY C 166 -25.03 13.22 60.43
CA GLY C 166 -25.98 13.45 59.35
C GLY C 166 -26.87 14.65 59.58
N ASN C 167 -27.16 14.96 60.84
CA ASN C 167 -28.07 16.04 61.18
C ASN C 167 -27.36 17.26 61.75
N LYS C 168 -26.03 17.30 61.71
CA LYS C 168 -25.30 18.39 62.33
C LYS C 168 -24.90 19.53 61.38
N PHE C 169 -24.80 19.31 60.07
CA PHE C 169 -24.42 20.39 59.15
C PHE C 169 -25.49 20.58 58.09
N PRO C 170 -26.11 21.76 57.99
CA PRO C 170 -27.11 21.97 56.93
C PRO C 170 -26.51 22.07 55.53
N LEU C 171 -25.28 22.57 55.41
CA LEU C 171 -24.60 22.66 54.12
C LEU C 171 -23.59 21.54 54.01
N LEU C 172 -23.57 20.89 52.87
CA LEU C 172 -22.77 19.70 52.66
C LEU C 172 -22.07 19.86 51.31
N ILE C 173 -20.74 19.92 51.34
CA ILE C 173 -19.94 20.20 50.16
C ILE C 173 -19.10 18.97 49.82
N PHE C 174 -19.35 18.43 48.63
CA PHE C 174 -18.68 17.25 48.10
C PHE C 174 -17.65 17.72 47.07
N ASP C 175 -16.39 17.86 47.49
CA ASP C 175 -15.34 18.05 46.52
C ASP C 175 -15.13 16.74 45.77
N GLU C 176 -14.70 16.83 44.51
CA GLU C 176 -14.49 15.64 43.67
C GLU C 176 -15.73 14.77 43.66
N VAL C 177 -16.86 15.40 43.33
CA VAL C 177 -18.14 14.79 43.61
C VAL C 177 -18.40 13.60 42.70
N HIS C 178 -17.57 13.41 41.67
CA HIS C 178 -17.70 12.21 40.84
C HIS C 178 -17.41 10.95 41.63
N HIS C 179 -16.77 11.09 42.81
CA HIS C 179 -16.63 9.96 43.70
C HIS C 179 -17.95 9.60 44.36
N LEU C 180 -18.88 10.54 44.45
CA LEU C 180 -20.03 10.33 45.33
C LEU C 180 -20.90 9.17 44.89
N PRO C 181 -21.12 8.88 43.61
CA PRO C 181 -21.97 7.72 43.25
C PRO C 181 -21.35 6.34 43.53
N SER C 182 -20.12 6.29 43.99
CA SER C 182 -19.43 5.04 44.22
C SER C 182 -20.14 4.23 45.27
N GLU C 183 -19.86 2.94 45.32
CA GLU C 183 -20.64 2.07 46.17
C GLU C 183 -20.75 2.40 47.61
N GLY C 184 -19.64 2.68 48.24
CA GLY C 184 -19.71 3.02 49.63
C GLY C 184 -20.33 4.34 49.91
N TYR C 185 -19.96 5.29 49.08
CA TYR C 185 -20.25 6.70 49.33
C TYR C 185 -21.68 7.09 48.99
N SER C 186 -22.31 6.39 48.04
CA SER C 186 -23.65 6.79 47.64
C SER C 186 -24.65 6.64 48.78
N ILE C 187 -24.43 5.69 49.68
CA ILE C 187 -25.35 5.62 50.80
C ILE C 187 -24.93 6.58 51.90
N MET C 188 -23.68 7.03 51.89
CA MET C 188 -23.32 8.11 52.80
C MET C 188 -24.12 9.36 52.50
N ALA C 189 -24.20 9.73 51.22
CA ALA C 189 -24.96 10.90 50.80
C ALA C 189 -26.40 10.85 51.26
N GLN C 190 -27.04 9.66 51.15
CA GLN C 190 -28.44 9.53 51.53
C GLN C 190 -28.62 9.49 53.05
N LEU C 191 -27.58 9.19 53.81
CA LEU C 191 -27.74 9.20 55.25
C LEU C 191 -27.70 10.61 55.82
N PHE C 192 -27.05 11.58 55.15
CA PHE C 192 -27.09 12.94 55.67
C PHE C 192 -28.43 13.61 55.40
N ALA C 193 -28.87 14.42 56.37
CA ALA C 193 -30.12 15.16 56.23
C ALA C 193 -29.90 16.51 55.58
N SER C 194 -28.64 16.89 55.40
CA SER C 194 -28.17 18.21 55.02
C SER C 194 -29.03 18.75 53.89
N PRO C 195 -29.79 19.82 54.12
CA PRO C 195 -30.71 20.29 53.07
C PRO C 195 -30.04 21.04 51.96
N TYR C 196 -28.81 21.50 52.16
CA TYR C 196 -28.07 22.29 51.18
C TYR C 196 -26.83 21.53 50.77
N ARG C 197 -26.71 21.25 49.47
CA ARG C 197 -25.63 20.43 48.94
C ARG C 197 -24.99 21.12 47.74
N LEU C 198 -23.65 21.15 47.74
CA LEU C 198 -22.83 21.67 46.64
C LEU C 198 -21.82 20.60 46.26
N GLY C 199 -21.86 20.13 45.02
CA GLY C 199 -20.82 19.26 44.48
C GLY C 199 -19.88 20.00 43.54
N LEU C 200 -18.59 19.70 43.65
CA LEU C 200 -17.55 20.30 42.83
C LEU C 200 -16.81 19.21 42.05
N THR C 201 -16.68 19.40 40.73
CA THR C 201 -15.91 18.47 39.94
C THR C 201 -15.60 19.08 38.57
N ALA C 202 -14.47 18.68 38.00
CA ALA C 202 -14.21 18.94 36.60
C ALA C 202 -14.53 17.74 35.73
N THR C 203 -14.88 16.62 36.35
CA THR C 203 -15.07 15.33 35.69
C THR C 203 -16.40 14.74 36.12
N PRO C 204 -17.52 15.33 35.71
CA PRO C 204 -18.81 14.85 36.22
C PRO C 204 -19.18 13.47 35.70
N GLU C 205 -18.76 13.13 34.49
CA GLU C 205 -19.20 11.87 33.93
C GLU C 205 -18.32 10.74 34.43
N ARG C 206 -18.92 9.57 34.53
CA ARG C 206 -18.26 8.36 35.00
C ARG C 206 -18.48 7.31 33.93
N ASP C 207 -17.50 6.44 33.77
CA ASP C 207 -17.62 5.45 32.72
C ASP C 207 -18.60 4.35 33.10
N ASP C 208 -18.82 4.12 34.40
CA ASP C 208 -19.90 3.22 34.80
C ASP C 208 -21.28 3.89 34.71
N GLY C 209 -21.33 5.15 34.32
CA GLY C 209 -22.57 5.84 34.09
C GLY C 209 -23.36 6.19 35.35
N LYS C 210 -22.74 6.12 36.52
CA LYS C 210 -23.45 6.37 37.76
C LYS C 210 -23.54 7.84 38.09
N HIS C 211 -23.07 8.71 37.20
CA HIS C 211 -23.35 10.14 37.33
C HIS C 211 -24.83 10.44 37.14
N GLU C 212 -25.58 9.50 36.51
CA GLU C 212 -27.04 9.57 36.50
C GLU C 212 -27.62 9.68 37.91
N LEU C 213 -26.85 9.36 38.93
CA LEU C 213 -27.37 9.40 40.27
C LEU C 213 -27.25 10.78 40.91
N TYR C 214 -26.60 11.71 40.22
CA TYR C 214 -26.32 13.00 40.86
C TYR C 214 -27.56 13.64 41.45
N PRO C 215 -28.66 13.84 40.72
CA PRO C 215 -29.81 14.54 41.32
C PRO C 215 -30.27 13.93 42.65
N ILE C 216 -30.22 12.60 42.77
CA ILE C 216 -30.65 11.94 44.01
C ILE C 216 -29.67 12.22 45.14
N LEU C 217 -28.36 12.17 44.85
CA LEU C 217 -27.36 12.17 45.92
C LEU C 217 -26.86 13.57 46.28
N VAL C 218 -26.65 14.46 45.32
CA VAL C 218 -26.19 15.79 45.70
C VAL C 218 -27.06 16.86 45.06
N GLY C 219 -27.66 16.56 43.92
CA GLY C 219 -28.27 17.58 43.11
C GLY C 219 -27.75 17.52 41.68
N PRO C 220 -28.45 18.17 40.75
CA PRO C 220 -28.01 18.15 39.36
C PRO C 220 -26.88 19.15 39.10
N ILE C 221 -26.37 19.10 37.87
CA ILE C 221 -25.45 20.15 37.44
C ILE C 221 -26.25 21.43 37.31
N VAL C 222 -25.72 22.52 37.85
CA VAL C 222 -26.37 23.83 37.75
C VAL C 222 -25.47 24.86 37.10
N TYR C 223 -24.24 24.51 36.77
CA TYR C 223 -23.28 25.42 36.17
C TYR C 223 -22.07 24.66 35.60
N ARG C 224 -21.74 24.83 34.32
CA ARG C 224 -20.63 24.12 33.69
C ARG C 224 -19.92 25.03 32.69
N LYS C 225 -18.58 25.12 32.80
CA LYS C 225 -17.74 25.87 31.85
C LYS C 225 -16.52 25.05 31.48
N SER C 226 -16.18 25.03 30.18
CA SER C 226 -14.99 24.38 29.64
C SER C 226 -13.74 25.24 29.84
N VAL C 227 -12.54 24.64 29.65
CA VAL C 227 -11.35 25.50 29.61
C VAL C 227 -11.39 26.40 28.38
N GLU C 228 -11.88 25.89 27.26
CA GLU C 228 -12.09 26.69 26.06
C GLU C 228 -13.00 27.90 26.33
N GLU C 229 -14.18 27.66 26.92
CA GLU C 229 -15.07 28.78 27.28
C GLU C 229 -14.36 29.74 28.22
N LEU C 230 -13.61 29.22 29.18
CA LEU C 230 -12.95 30.09 30.14
C LEU C 230 -11.65 30.68 29.61
N ALA C 231 -11.26 30.36 28.38
CA ALA C 231 -10.13 31.01 27.72
C ALA C 231 -10.60 32.00 26.66
N GLY C 232 -11.84 32.46 26.75
CA GLY C 232 -12.35 33.43 25.79
C GLY C 232 -11.66 34.77 25.86
N LYS C 233 -11.88 35.55 24.79
CA LYS C 233 -11.41 36.94 24.73
C LYS C 233 -11.87 37.74 25.95
N TYR C 234 -13.16 37.61 26.30
CA TYR C 234 -13.79 38.47 27.29
C TYR C 234 -13.78 37.86 28.69
N ILE C 235 -13.48 36.57 28.80
CA ILE C 235 -13.58 35.87 30.06
C ILE C 235 -12.22 35.72 30.73
N ALA C 236 -11.16 35.50 29.95
CA ALA C 236 -9.83 35.34 30.53
C ALA C 236 -9.27 36.71 30.91
N LYS C 237 -8.31 36.68 31.84
CA LYS C 237 -7.65 37.82 32.46
CA LYS C 237 -7.75 37.95 32.31
C LYS C 237 -6.32 38.15 31.80
N TYR C 238 -6.02 37.51 30.68
CA TYR C 238 -4.80 37.72 29.93
C TYR C 238 -5.19 37.92 28.47
N LYS C 239 -4.46 38.78 27.75
CA LYS C 239 -4.83 39.06 26.38
C LYS C 239 -4.24 38.01 25.45
N ILE C 240 -4.92 37.76 24.34
CA ILE C 240 -4.41 36.85 23.32
C ILE C 240 -4.22 37.60 22.01
N LYS C 241 -3.01 37.52 21.46
CA LYS C 241 -2.66 38.33 20.30
C LYS C 241 -1.93 37.47 19.28
N LYS C 242 -2.34 37.58 18.02
CA LYS C 242 -1.65 36.93 16.91
C LYS C 242 -0.87 37.97 16.13
N LEU C 243 0.43 37.77 16.01
CA LEU C 243 1.26 38.59 15.13
C LEU C 243 1.60 37.78 13.88
N TYR C 244 1.41 38.36 12.70
CA TYR C 244 1.57 37.65 11.43
C TYR C 244 2.86 38.06 10.75
N VAL C 245 3.53 37.06 10.15
CA VAL C 245 4.77 37.26 9.42
C VAL C 245 4.64 36.59 8.06
N SER C 246 5.57 36.90 7.18
CA SER C 246 5.59 36.36 5.83
C SER C 246 6.73 35.35 5.70
N LEU C 247 6.52 34.30 4.90
CA LEU C 247 7.62 33.37 4.65
C LEU C 247 8.78 34.11 3.97
N THR C 248 10.01 33.65 4.23
CA THR C 248 11.15 34.14 3.46
C THR C 248 10.94 33.80 1.98
N ASN C 249 11.65 34.51 1.10
CA ASN C 249 11.47 34.28 -0.33
C ASN C 249 11.70 32.82 -0.70
N GLU C 250 12.80 32.24 -0.21
CA GLU C 250 13.10 30.85 -0.54
C GLU C 250 12.10 29.91 0.10
N GLU C 251 11.66 30.23 1.31
CA GLU C 251 10.64 29.43 1.96
C GLU C 251 9.35 29.42 1.14
N LYS C 252 8.91 30.60 0.68
CA LYS C 252 7.70 30.68 -0.12
C LYS C 252 7.83 29.86 -1.41
N LYS C 253 9.00 29.89 -2.04
CA LYS C 253 9.18 29.09 -3.26
C LYS C 253 8.95 27.61 -2.96
N ARG C 254 9.65 27.08 -1.94
CA ARG C 254 9.49 25.67 -1.63
C ARG C 254 8.08 25.36 -1.15
N TYR C 255 7.58 26.16 -0.22
CA TYR C 255 6.22 25.96 0.27
C TYR C 255 5.24 25.93 -0.90
N ASP C 256 5.33 26.90 -1.81
CA ASP C 256 4.39 26.89 -2.91
C ASP C 256 4.59 25.65 -3.80
N GLY C 257 5.84 25.31 -4.08
CA GLY C 257 6.12 24.13 -4.90
C GLY C 257 5.52 22.86 -4.33
N LEU C 258 5.66 22.67 -3.01
CA LEU C 258 5.09 21.51 -2.34
C LEU C 258 3.57 21.48 -2.45
N ARG C 259 2.93 22.62 -2.20
CA ARG C 259 1.47 22.68 -2.24
C ARG C 259 0.97 22.30 -3.63
N LYS C 260 1.70 22.69 -4.67
CA LYS C 260 1.26 22.35 -6.02
C LYS C 260 1.43 20.88 -6.31
N LYS C 261 2.58 20.31 -5.93
CA LYS C 261 2.78 18.88 -6.03
C LYS C 261 1.63 18.13 -5.36
N LEU C 262 1.31 18.52 -4.12
CA LEU C 262 0.20 17.92 -3.41
C LEU C 262 -1.14 18.14 -4.12
N LYS C 263 -1.40 19.38 -4.50
CA LYS C 263 -2.68 19.68 -5.12
C LYS C 263 -2.85 18.92 -6.42
N ASP C 264 -1.78 18.84 -7.24
CA ASP C 264 -1.83 18.11 -8.51
C ASP C 264 -2.10 16.62 -8.30
N PHE C 265 -1.36 15.99 -7.39
CA PHE C 265 -1.62 14.59 -7.08
C PHE C 265 -3.09 14.38 -6.71
N LEU C 266 -3.58 15.15 -5.74
CA LEU C 266 -4.93 14.91 -5.26
C LEU C 266 -5.93 14.97 -6.41
N SER C 267 -5.86 16.00 -7.27
CA SER C 267 -6.84 16.02 -8.35
C SER C 267 -6.54 14.95 -9.39
N SER C 268 -5.31 14.48 -9.48
CA SER C 268 -5.04 13.47 -10.48
C SER C 268 -5.64 12.11 -10.11
N ARG C 269 -6.20 11.99 -8.91
CA ARG C 269 -6.77 10.75 -8.42
C ARG C 269 -8.20 10.94 -7.95
N GLY C 270 -8.75 12.15 -8.11
CA GLY C 270 -10.05 12.45 -7.56
C GLY C 270 -10.06 12.33 -6.06
N LEU C 271 -8.93 12.63 -5.42
CA LEU C 271 -8.89 12.71 -3.97
C LEU C 271 -9.02 14.16 -3.54
N LYS C 272 -9.45 14.33 -2.31
CA LYS C 272 -9.43 15.64 -1.71
C LYS C 272 -8.83 15.50 -0.32
N LEU C 273 -8.49 16.66 0.25
CA LEU C 273 -7.78 16.76 1.53
C LEU C 273 -8.35 17.93 2.35
N GLN C 274 -9.65 17.88 2.61
CA GLN C 274 -10.34 18.97 3.30
C GLN C 274 -10.57 18.70 4.79
N ASN C 275 -10.74 17.45 5.17
CA ASN C 275 -11.19 17.09 6.51
C ASN C 275 -10.40 15.88 6.98
N LEU C 276 -10.73 15.38 8.15
CA LEU C 276 -9.88 14.34 8.68
C LEU C 276 -10.23 12.96 8.15
N ASP C 277 -11.40 12.79 7.55
CA ASP C 277 -11.66 11.55 6.83
C ASP C 277 -10.86 11.50 5.55
N ASP C 278 -10.70 12.65 4.90
CA ASP C 278 -9.85 12.71 3.73
C ASP C 278 -8.44 12.30 4.08
N PHE C 279 -7.96 12.78 5.22
CA PHE C 279 -6.61 12.46 5.69
C PHE C 279 -6.46 10.95 5.91
N HIS C 280 -7.42 10.34 6.62
CA HIS C 280 -7.38 8.89 6.83
C HIS C 280 -7.23 8.16 5.50
N ARG C 281 -8.00 8.58 4.48
CA ARG C 281 -7.93 7.92 3.19
C ARG C 281 -6.53 8.01 2.60
N LEU C 282 -5.93 9.21 2.69
CA LEU C 282 -4.61 9.46 2.09
C LEU C 282 -3.51 8.65 2.80
N VAL C 283 -3.54 8.59 4.14
CA VAL C 283 -2.63 7.74 4.90
C VAL C 283 -2.78 6.28 4.48
N LYS C 284 -4.03 5.80 4.41
CA LYS C 284 -4.35 4.43 4.00
C LYS C 284 -3.76 4.11 2.64
N LEU C 285 -3.92 5.01 1.67
CA LEU C 285 -3.35 4.74 0.36
C LEU C 285 -1.81 4.83 0.40
N ALA C 286 -1.27 5.59 1.33
CA ALA C 286 0.17 5.78 1.35
C ALA C 286 0.89 4.53 1.80
N ALA C 287 0.20 3.58 2.43
CA ALA C 287 0.83 2.34 2.85
C ALA C 287 1.31 1.54 1.64
N LYS C 288 0.62 1.67 0.50
CA LYS C 288 0.95 0.87 -0.66
C LYS C 288 1.07 1.63 -1.98
N ASP C 289 0.80 2.95 -2.02
CA ASP C 289 1.05 3.77 -3.21
C ASP C 289 2.15 4.80 -2.91
N LYS C 290 3.26 4.71 -3.63
CA LYS C 290 4.39 5.60 -3.39
C LYS C 290 3.98 7.06 -3.52
N GLU C 291 3.26 7.41 -4.60
CA GLU C 291 2.93 8.80 -4.85
C GLU C 291 1.99 9.37 -3.80
N ALA C 292 1.12 8.53 -3.24
CA ALA C 292 0.34 9.03 -2.10
C ALA C 292 1.27 9.36 -0.94
N ARG C 293 2.26 8.49 -0.65
CA ARG C 293 3.27 8.83 0.37
C ARG C 293 3.92 10.17 0.09
N GLU C 294 4.41 10.36 -1.14
CA GLU C 294 5.11 11.59 -1.45
C GLU C 294 4.19 12.81 -1.30
N ALA C 295 2.89 12.63 -1.60
CA ALA C 295 1.91 13.68 -1.40
C ALA C 295 1.73 14.01 0.07
N LEU C 296 1.60 12.97 0.89
CA LEU C 296 1.45 13.15 2.30
C LEU C 296 2.73 13.72 2.90
N LEU C 297 3.87 13.35 2.31
CA LEU C 297 5.12 13.97 2.74
C LEU C 297 5.14 15.45 2.39
N ALA C 298 4.74 15.82 1.17
CA ALA C 298 4.64 17.23 0.78
C ALA C 298 3.77 18.01 1.74
N TRP C 299 2.61 17.45 2.11
CA TRP C 299 1.78 18.06 3.14
C TRP C 299 2.60 18.32 4.41
N HIS C 300 3.23 17.28 4.95
CA HIS C 300 4.01 17.48 6.17
C HIS C 300 5.11 18.50 5.98
N GLU C 301 5.84 18.41 4.87
CA GLU C 301 6.96 19.30 4.65
C GLU C 301 6.50 20.74 4.47
N SER C 302 5.40 20.95 3.73
CA SER C 302 4.96 22.34 3.61
C SER C 302 4.46 22.86 4.96
N LEU C 303 3.72 22.05 5.73
CA LEU C 303 3.27 22.50 7.04
C LEU C 303 4.43 22.93 7.93
N ASN C 304 5.49 22.14 7.94
CA ASN C 304 6.68 22.43 8.73
C ASN C 304 7.29 23.79 8.35
N ILE C 305 7.35 24.11 7.04
CA ILE C 305 7.88 25.40 6.61
C ILE C 305 7.08 26.54 7.21
N ALA C 306 5.74 26.48 7.05
CA ALA C 306 4.86 27.51 7.60
C ALA C 306 4.99 27.64 9.11
N VAL C 307 5.10 26.50 9.81
CA VAL C 307 5.07 26.54 11.27
C VAL C 307 6.36 27.07 11.82
N ASN C 308 7.49 26.79 11.14
CA ASN C 308 8.81 27.04 11.69
C ASN C 308 9.60 28.02 10.85
N SER C 309 8.89 28.90 10.17
CA SER C 309 9.53 29.83 9.27
C SER C 309 10.53 30.71 10.00
N GLN C 310 11.73 30.87 9.40
CA GLN C 310 12.74 31.70 10.02
C GLN C 310 12.19 33.08 10.31
N SER C 311 11.17 33.50 9.58
CA SER C 311 10.58 34.80 9.82
C SER C 311 9.95 34.91 11.21
N LYS C 312 9.65 33.78 11.83
CA LYS C 312 9.14 33.84 13.19
C LYS C 312 10.24 34.13 14.18
N ILE C 313 11.47 33.70 13.89
CA ILE C 313 12.56 34.03 14.79
C ILE C 313 12.88 35.50 14.70
N GLU C 314 12.88 36.06 13.50
CA GLU C 314 13.13 37.47 13.36
C GLU C 314 12.04 38.32 14.03
N LYS C 315 10.77 37.91 13.92
CA LYS C 315 9.73 38.59 14.68
C LYS C 315 9.93 38.40 16.17
N LEU C 316 10.38 37.21 16.58
CA LEU C 316 10.57 36.96 18.00
C LEU C 316 11.57 37.94 18.60
N ARG C 317 12.65 38.24 17.88
CA ARG C 317 13.61 39.22 18.37
C ARG C 317 12.95 40.56 18.62
N GLU C 318 12.12 41.01 17.67
CA GLU C 318 11.37 42.25 17.87
C GLU C 318 10.56 42.20 19.17
N ILE C 319 9.93 41.06 19.48
CA ILE C 319 9.12 40.95 20.69
C ILE C 319 10.02 41.00 21.93
N LEU C 320 11.10 40.22 21.94
CA LEU C 320 11.95 40.20 23.11
C LEU C 320 12.56 41.57 23.36
N GLN C 321 12.68 42.38 22.31
CA GLN C 321 13.14 43.75 22.45
C GLN C 321 12.06 44.69 22.99
N GLU C 322 10.79 44.44 22.66
CA GLU C 322 9.69 45.27 23.17
C GLU C 322 9.39 44.99 24.64
N TYR C 323 9.72 43.80 25.14
CA TYR C 323 9.41 43.37 26.49
C TYR C 323 10.70 42.96 27.20
N LYS C 324 11.71 43.83 27.09
CA LYS C 324 12.99 43.61 27.75
C LYS C 324 12.84 43.39 29.26
N ASN C 325 11.74 43.83 29.88
CA ASN C 325 11.69 43.82 31.33
C ASN C 325 10.80 42.72 31.90
N GLU C 326 10.06 41.96 31.08
CA GLU C 326 9.10 40.98 31.55
C GLU C 326 9.69 39.57 31.58
N LYS C 327 8.94 38.64 32.17
CA LYS C 327 9.38 37.25 32.39
C LYS C 327 8.76 36.38 31.29
N ILE C 328 9.58 35.95 30.32
CA ILE C 328 9.07 35.40 29.06
C ILE C 328 9.41 33.93 28.94
N ILE C 329 8.42 33.12 28.55
CA ILE C 329 8.63 31.74 28.13
C ILE C 329 8.14 31.57 26.70
N VAL C 330 8.99 31.01 25.86
CA VAL C 330 8.68 30.77 24.46
C VAL C 330 8.41 29.28 24.29
N PHE C 331 7.30 28.95 23.66
CA PHE C 331 6.90 27.57 23.41
C PHE C 331 7.06 27.22 21.94
N THR C 332 7.54 26.01 21.66
CA THR C 332 7.55 25.50 20.31
C THR C 332 6.92 24.11 20.32
N ARG C 333 6.56 23.58 19.15
CA ARG C 333 6.12 22.20 19.18
C ARG C 333 7.30 21.27 18.96
N ASP C 334 8.02 21.46 17.86
CA ASP C 334 9.19 20.64 17.55
C ASP C 334 10.37 20.96 18.49
N THR C 335 11.24 19.97 18.71
CA THR C 335 12.44 20.22 19.51
C THR C 335 13.47 21.04 18.74
N GLN C 336 13.66 20.75 17.45
CA GLN C 336 14.68 21.44 16.66
C GLN C 336 14.44 22.95 16.63
N MET C 337 13.18 23.38 16.57
CA MET C 337 12.92 24.81 16.63
C MET C 337 13.42 25.40 17.94
N ALA C 338 13.20 24.69 19.04
CA ALA C 338 13.62 25.15 20.35
C ALA C 338 15.12 25.33 20.44
N TYR C 339 15.90 24.50 19.74
CA TYR C 339 17.35 24.68 19.75
C TYR C 339 17.77 25.85 18.88
N ARG C 340 17.12 26.02 17.72
CA ARG C 340 17.34 27.24 16.92
C ARG C 340 17.15 28.49 17.73
N ILE C 341 16.09 28.54 18.55
CA ILE C 341 15.77 29.74 19.31
C ILE C 341 16.76 29.93 20.46
N SER C 342 17.20 28.82 21.06
CA SER C 342 18.17 28.88 22.13
C SER C 342 19.54 29.33 21.60
N LYS C 343 19.93 28.82 20.43
CA LYS C 343 21.16 29.27 19.78
C LYS C 343 21.07 30.72 19.34
N THR C 344 19.93 31.11 18.74
CA THR C 344 19.83 32.46 18.18
C THR C 344 19.92 33.53 19.28
N PHE C 345 19.39 33.24 20.46
CA PHE C 345 19.32 34.26 21.51
C PHE C 345 20.12 33.91 22.76
N LEU C 346 20.72 32.74 22.82
CA LEU C 346 21.44 32.27 24.00
C LEU C 346 20.55 32.28 25.23
N ILE C 347 19.45 31.52 25.14
CA ILE C 347 18.55 31.36 26.27
C ILE C 347 18.39 29.88 26.56
N PRO C 348 18.13 29.49 27.81
CA PRO C 348 17.99 28.07 28.13
C PRO C 348 16.84 27.43 27.41
N VAL C 349 17.01 26.16 27.06
CA VAL C 349 15.96 25.39 26.40
C VAL C 349 15.59 24.18 27.24
N VAL C 350 14.31 23.83 27.21
CA VAL C 350 13.77 22.67 27.91
C VAL C 350 13.00 21.83 26.91
N THR C 351 13.42 20.58 26.73
CA THR C 351 12.64 19.63 25.96
C THR C 351 12.17 18.50 26.87
N TYR C 352 11.51 17.50 26.27
CA TYR C 352 11.05 16.34 27.02
C TYR C 352 12.23 15.48 27.45
N LYS C 353 13.34 15.56 26.71
CA LYS C 353 14.49 14.72 26.95
C LYS C 353 15.56 15.40 27.78
N THR C 354 15.31 16.59 28.34
CA THR C 354 16.32 17.18 29.20
C THR C 354 16.27 16.48 30.56
N ASP C 355 17.45 16.10 31.04
CA ASP C 355 17.60 15.40 32.29
C ASP C 355 16.85 16.12 33.41
N LYS C 356 16.25 15.33 34.31
CA LYS C 356 15.46 15.85 35.41
C LYS C 356 16.22 16.91 36.20
N ASP C 357 17.50 16.65 36.50
CA ASP C 357 18.28 17.60 37.31
C ASP C 357 18.36 18.97 36.66
N GLU C 358 18.82 19.01 35.40
CA GLU C 358 18.93 20.28 34.68
C GLU C 358 17.57 20.92 34.48
N ARG C 359 16.58 20.13 34.06
CA ARG C 359 15.22 20.64 33.96
C ARG C 359 14.84 21.43 35.22
N GLU C 360 15.07 20.83 36.40
CA GLU C 360 14.77 21.54 37.65
C GLU C 360 15.64 22.77 37.81
N GLU C 361 16.91 22.69 37.39
CA GLU C 361 17.81 23.84 37.48
C GLU C 361 17.28 25.01 36.65
N ILE C 362 16.84 24.73 35.42
CA ILE C 362 16.44 25.82 34.53
C ILE C 362 15.20 26.51 35.07
N LEU C 363 14.16 25.73 35.40
CA LEU C 363 12.94 26.36 35.89
C LEU C 363 13.17 27.06 37.21
N GLN C 364 14.10 26.56 38.03
CA GLN C 364 14.37 27.20 39.30
C GLN C 364 15.04 28.55 39.06
N LYS C 365 16.15 28.55 38.33
CA LYS C 365 16.79 29.82 38.04
C LYS C 365 15.92 30.73 37.19
N PHE C 366 14.85 30.20 36.62
CA PHE C 366 13.87 31.05 35.93
C PHE C 366 12.96 31.75 36.92
N ARG C 367 12.39 30.99 37.87
CA ARG C 367 11.46 31.60 38.83
C ARG C 367 12.17 32.56 39.78
N ASP C 368 13.43 32.29 40.16
CA ASP C 368 14.12 33.26 40.97
C ASP C 368 14.66 34.41 40.12
N GLY C 369 14.76 34.20 38.81
CA GLY C 369 14.97 35.31 37.91
C GLY C 369 16.36 35.50 37.36
N GLU C 370 17.28 34.56 37.58
CA GLU C 370 18.56 34.71 36.92
C GLU C 370 18.42 34.42 35.44
N TYR C 371 17.39 33.66 35.05
CA TYR C 371 17.04 33.47 33.64
C TYR C 371 15.78 34.30 33.38
N ARG C 372 15.91 35.35 32.58
CA ARG C 372 14.74 36.20 32.33
C ARG C 372 13.81 35.59 31.29
N VAL C 373 14.30 34.65 30.49
CA VAL C 373 13.62 34.09 29.33
C VAL C 373 14.12 32.68 29.12
N ILE C 374 13.21 31.76 28.80
CA ILE C 374 13.56 30.43 28.33
C ILE C 374 12.64 30.03 27.19
N VAL C 375 13.06 29.02 26.44
CA VAL C 375 12.25 28.41 25.40
C VAL C 375 12.01 26.95 25.77
N ALA C 376 10.83 26.44 25.40
CA ALA C 376 10.41 25.09 25.77
C ALA C 376 9.59 24.48 24.66
N SER C 377 9.81 23.19 24.41
CA SER C 377 8.95 22.48 23.46
C SER C 377 7.80 21.77 24.17
N THR C 378 6.87 21.27 23.35
CA THR C 378 5.62 20.65 23.79
C THR C 378 5.44 19.23 23.26
N VAL C 379 6.14 18.87 22.18
CA VAL C 379 6.11 17.54 21.55
C VAL C 379 6.32 16.40 22.54
N PHE C 380 5.60 15.29 22.33
CA PHE C 380 5.71 14.08 23.16
C PHE C 380 5.46 14.41 24.64
N ASP C 381 4.35 15.12 24.87
CA ASP C 381 3.78 15.29 26.21
C ASP C 381 4.75 15.99 27.14
N GLU C 382 5.32 17.11 26.67
CA GLU C 382 6.24 17.86 27.52
C GLU C 382 5.46 18.60 28.60
N GLY C 383 5.20 17.90 29.71
CA GLY C 383 4.49 18.40 30.87
C GLY C 383 4.99 19.76 31.29
N VAL C 384 4.10 20.75 31.26
CA VAL C 384 4.46 22.13 31.53
C VAL C 384 4.17 22.39 33.00
N ASP C 385 5.16 22.09 33.86
CA ASP C 385 5.12 22.33 35.29
C ASP C 385 5.78 23.66 35.67
N VAL C 386 5.64 24.63 34.77
CA VAL C 386 6.36 25.90 34.70
C VAL C 386 5.84 26.90 35.73
N PRO C 387 6.70 27.82 36.22
CA PRO C 387 6.23 28.89 37.12
C PRO C 387 5.60 30.06 36.40
N ASP C 388 5.32 31.14 37.15
CA ASP C 388 4.64 32.31 36.61
C ASP C 388 5.51 33.06 35.59
N ALA C 389 4.92 33.36 34.43
CA ALA C 389 5.55 34.19 33.42
C ALA C 389 4.58 35.28 32.99
N THR C 390 5.09 36.49 32.74
CA THR C 390 4.25 37.60 32.33
C THR C 390 3.79 37.46 30.89
N LEU C 391 4.51 36.69 30.08
CA LEU C 391 4.40 36.73 28.63
C LEU C 391 4.73 35.33 28.13
N ALA C 392 3.79 34.71 27.42
CA ALA C 392 4.04 33.48 26.68
C ALA C 392 4.06 33.81 25.21
N ILE C 393 5.06 33.28 24.49
CA ILE C 393 5.18 33.46 23.05
C ILE C 393 5.15 32.06 22.45
N VAL C 394 4.05 31.75 21.76
CA VAL C 394 3.84 30.46 21.13
C VAL C 394 4.24 30.57 19.66
N MET C 395 5.17 29.74 19.22
CA MET C 395 5.66 29.82 17.85
C MET C 395 4.82 28.99 16.88
N GLY C 396 4.76 27.68 17.10
CA GLY C 396 4.04 26.80 16.19
C GLY C 396 3.01 25.93 16.90
N GLY C 397 2.34 25.13 16.07
CA GLY C 397 1.33 24.21 16.52
C GLY C 397 0.18 24.18 15.52
N TYR C 398 -0.39 23.00 15.32
CA TYR C 398 -1.64 22.84 14.56
C TYR C 398 -2.80 23.07 15.54
N GLY C 399 -2.96 24.34 15.91
CA GLY C 399 -3.85 24.72 16.98
C GLY C 399 -3.25 24.57 18.38
N THR C 400 -4.14 24.47 19.36
CA THR C 400 -3.76 24.34 20.76
C THR C 400 -4.48 23.13 21.38
N LYS C 401 -3.70 22.18 21.90
CA LYS C 401 -4.28 21.09 22.69
C LYS C 401 -4.94 21.64 23.95
N ARG C 402 -6.08 21.05 24.31
CA ARG C 402 -6.84 21.53 25.46
C ARG C 402 -5.98 21.58 26.70
N GLN C 403 -5.15 20.55 26.90
CA GLN C 403 -4.26 20.54 28.07
C GLN C 403 -3.25 21.68 28.00
N PHE C 404 -2.91 22.13 26.79
CA PHE C 404 -1.97 23.26 26.68
C PHE C 404 -2.65 24.57 27.02
N LEU C 405 -3.77 24.86 26.37
CA LEU C 405 -4.58 26.02 26.71
C LEU C 405 -4.95 26.05 28.20
N GLN C 406 -5.22 24.87 28.77
CA GLN C 406 -5.48 24.80 30.20
C GLN C 406 -4.21 25.09 31.00
N ARG C 407 -3.13 24.40 30.65
CA ARG C 407 -1.89 24.54 31.42
C ARG C 407 -1.27 25.90 31.21
N LEU C 408 -1.53 26.52 30.06
CA LEU C 408 -1.03 27.86 29.80
C LEU C 408 -1.87 28.92 30.53
N GLY C 409 -3.17 28.69 30.68
CA GLY C 409 -3.96 29.54 31.54
C GLY C 409 -3.40 29.64 32.95
N ARG C 410 -2.85 28.55 33.46
CA ARG C 410 -2.36 28.53 34.83
C ARG C 410 -1.01 29.22 34.96
N ILE C 411 -0.19 29.19 33.89
CA ILE C 411 1.13 29.82 33.94
C ILE C 411 0.99 31.33 33.98
N LEU C 412 -0.05 31.87 33.35
CA LEU C 412 -0.28 33.30 33.31
C LEU C 412 -1.45 33.79 34.19
N ARG C 413 -2.30 32.90 34.70
CA ARG C 413 -3.32 33.34 35.67
C ARG C 413 -2.65 33.86 36.93
N LYS C 414 -1.55 33.18 37.30
CA LYS C 414 -0.48 33.64 38.19
C LYS C 414 0.18 34.94 37.80
N LYS C 415 0.31 35.24 36.49
CA LYS C 415 1.33 36.19 36.05
C LYS C 415 1.23 37.55 36.73
N ASP C 416 0.14 38.27 36.46
CA ASP C 416 -0.22 39.49 37.20
C ASP C 416 -1.59 39.95 36.70
N LYS C 417 -1.99 41.14 37.14
CA LYS C 417 -3.27 41.71 36.72
C LYS C 417 -3.51 41.58 35.23
N GLU C 418 -2.51 41.89 34.39
CA GLU C 418 -2.63 41.43 33.01
C GLU C 418 -1.29 41.04 32.41
N ALA C 419 -1.33 39.86 31.80
CA ALA C 419 -0.28 39.15 31.11
C ALA C 419 -0.71 39.02 29.65
N LEU C 420 0.16 38.47 28.82
CA LEU C 420 -0.06 38.47 27.38
C LEU C 420 0.38 37.15 26.79
N LEU C 421 -0.47 36.55 25.96
CA LEU C 421 -0.11 35.38 25.15
C LEU C 421 -0.03 35.80 23.69
N ILE C 422 1.17 35.70 23.09
CA ILE C 422 1.37 36.06 21.69
C ILE C 422 1.62 34.79 20.90
N GLU C 423 0.91 34.66 19.79
CA GLU C 423 1.10 33.57 18.84
C GLU C 423 1.60 34.17 17.53
N ILE C 424 2.65 33.59 16.97
CA ILE C 424 3.22 34.09 15.73
C ILE C 424 2.79 33.13 14.63
N VAL C 425 2.16 33.68 13.59
CA VAL C 425 1.63 32.87 12.53
C VAL C 425 2.07 33.46 11.20
N THR C 426 2.10 32.62 10.17
CA THR C 426 2.54 33.06 8.86
C THR C 426 1.34 33.34 7.98
N LYS C 427 1.53 34.28 7.05
CA LYS C 427 0.41 34.98 6.42
C LYS C 427 -0.22 34.14 5.30
N GLY C 428 0.54 33.86 4.26
CA GLY C 428 -0.13 33.33 3.07
C GLY C 428 -0.55 31.89 3.19
N THR C 429 -0.14 31.21 4.24
CA THR C 429 -0.17 29.77 4.21
C THR C 429 -1.56 29.25 4.48
N ALA C 430 -1.86 28.10 3.87
CA ALA C 430 -3.21 27.56 3.90
C ALA C 430 -3.59 27.18 5.32
N ASP C 431 -4.88 27.13 5.57
CA ASP C 431 -5.37 26.65 6.84
C ASP C 431 -5.27 25.13 6.87
N TYR C 432 -4.68 24.61 7.95
CA TYR C 432 -4.37 23.20 8.08
C TYR C 432 -5.23 22.52 9.13
N ARG C 433 -6.13 23.25 9.76
CA ARG C 433 -7.07 22.63 10.69
C ARG C 433 -7.99 21.70 9.89
N LEU C 434 -7.86 20.40 10.11
CA LEU C 434 -8.69 19.41 9.43
C LEU C 434 -9.80 18.95 10.35
N SER C 435 -11.03 18.95 9.84
CA SER C 435 -12.19 18.56 10.62
C SER C 435 -12.60 17.10 10.36
N GLY D 2 19.03 -6.77 20.03
CA GLY D 2 18.10 -6.64 21.15
C GLY D 2 17.39 -5.31 21.10
N LEU D 3 16.10 -5.28 21.46
CA LEU D 3 15.39 -4.02 21.46
C LEU D 3 14.77 -3.74 22.82
N PRO D 4 14.55 -2.47 23.17
CA PRO D 4 13.76 -2.16 24.36
C PRO D 4 12.43 -2.91 24.30
N TRP D 5 11.95 -3.33 25.47
CA TRP D 5 10.73 -4.13 25.50
C TRP D 5 9.51 -3.33 25.01
N GLU D 6 9.54 -2.01 25.09
CA GLU D 6 8.46 -1.16 24.55
C GLU D 6 8.27 -1.37 23.06
N LEU D 7 9.32 -1.74 22.31
CA LEU D 7 9.28 -2.03 20.89
C LEU D 7 9.06 -3.50 20.56
N ALA D 8 9.02 -4.36 21.56
CA ALA D 8 8.74 -5.76 21.33
C ALA D 8 7.40 -5.92 20.64
N ARG D 9 7.35 -6.84 19.69
CA ARG D 9 6.19 -6.92 18.81
C ARG D 9 5.82 -8.39 18.64
N PHE D 10 4.75 -8.82 19.29
CA PHE D 10 4.41 -10.23 19.32
C PHE D 10 2.96 -10.36 19.74
N SER D 11 2.40 -11.54 19.54
CA SER D 11 1.03 -11.84 19.93
C SER D 11 0.99 -13.22 20.57
N ILE D 12 -0.05 -13.43 21.34
CA ILE D 12 -0.20 -14.67 22.02
C ILE D 12 -1.44 -15.37 21.56
N VAL D 13 -1.27 -16.59 21.09
CA VAL D 13 -2.39 -17.39 20.71
C VAL D 13 -2.25 -18.61 21.55
N LYS D 14 -3.26 -18.89 22.34
CA LYS D 14 -3.27 -20.01 23.24
C LYS D 14 -2.04 -19.96 24.09
N ASP D 15 -1.25 -21.02 24.06
CA ASP D 15 -0.04 -21.09 24.85
C ASP D 15 1.19 -20.73 24.07
N GLU D 16 1.04 -20.27 22.85
CA GLU D 16 2.18 -19.98 22.01
C GLU D 16 2.38 -18.48 21.87
N VAL D 17 3.64 -18.09 21.75
CA VAL D 17 4.03 -16.72 21.49
C VAL D 17 4.51 -16.67 20.05
N LEU D 18 3.84 -15.86 19.24
CA LEU D 18 4.21 -15.66 17.85
C LEU D 18 4.82 -14.28 17.74
N PRO D 19 6.09 -14.17 17.35
CA PRO D 19 6.65 -12.84 17.08
C PRO D 19 6.12 -12.30 15.75
N HIS D 20 5.99 -10.97 15.71
CA HIS D 20 5.61 -10.22 14.51
C HIS D 20 6.90 -9.77 13.82
N PHE D 21 7.43 -10.65 12.97
CA PHE D 21 8.65 -10.37 12.21
C PHE D 21 8.33 -9.46 11.04
N ALA D 22 9.36 -8.76 10.60
CA ALA D 22 9.26 -7.98 9.39
C ALA D 22 9.40 -8.91 8.18
N THR D 23 8.81 -8.49 7.06
CA THR D 23 8.79 -9.31 5.85
C THR D 23 9.09 -8.39 4.69
N ASN D 24 8.98 -8.93 3.47
CA ASN D 24 9.22 -8.10 2.28
C ASN D 24 8.23 -6.95 2.18
N GLU D 25 7.04 -7.12 2.77
CA GLU D 25 6.07 -6.05 2.80
C GLU D 25 6.58 -4.80 3.49
N ASP D 26 7.71 -4.89 4.20
CA ASP D 26 8.30 -3.78 4.94
C ASP D 26 9.49 -3.17 4.21
N LEU D 27 9.72 -3.55 2.95
CA LEU D 27 10.87 -3.03 2.20
C LEU D 27 10.72 -1.55 1.90
N ASP D 28 9.54 -1.11 1.43
CA ASP D 28 9.34 0.31 1.25
C ASP D 28 9.73 1.06 2.51
N LEU D 29 9.15 0.66 3.65
CA LEU D 29 9.43 1.40 4.88
C LEU D 29 10.91 1.38 5.22
N ALA D 30 11.56 0.24 5.02
CA ALA D 30 12.99 0.16 5.36
C ALA D 30 13.83 1.03 4.45
N ASN D 31 13.50 1.08 3.15
CA ASN D 31 14.24 1.97 2.25
C ASN D 31 13.99 3.43 2.60
N GLU D 32 12.75 3.79 2.96
CA GLU D 32 12.40 5.19 3.27
C GLU D 32 13.15 5.67 4.49
N ILE D 33 13.43 4.77 5.43
CA ILE D 33 14.14 5.16 6.63
C ILE D 33 15.63 5.12 6.42
N ILE D 34 16.12 4.13 5.67
CA ILE D 34 17.55 4.10 5.34
C ILE D 34 17.95 5.37 4.61
N SER D 35 17.09 5.86 3.71
CA SER D 35 17.38 7.13 3.04
C SER D 35 17.55 8.30 4.01
N LEU D 36 16.90 8.27 5.17
CA LEU D 36 17.00 9.37 6.12
C LEU D 36 18.33 9.40 6.86
N PHE D 37 19.04 8.28 6.94
CA PHE D 37 20.34 8.29 7.61
C PHE D 37 21.41 8.55 6.55
N LYS D 38 21.67 9.84 6.29
CA LYS D 38 22.83 10.29 5.53
C LYS D 38 23.80 11.04 6.43
N ALA D 39 25.08 11.03 6.06
CA ALA D 39 26.08 11.70 6.90
C ALA D 39 25.79 13.20 6.96
N GLY D 40 26.11 13.77 8.11
CA GLY D 40 25.89 15.18 8.34
C GLY D 40 24.43 15.53 8.52
N LYS D 41 23.74 14.77 9.37
CA LYS D 41 22.34 15.03 9.68
C LYS D 41 22.14 14.76 11.16
N LYS D 42 21.23 15.50 11.78
CA LYS D 42 21.07 15.34 13.22
C LYS D 42 19.97 14.33 13.52
N LEU D 43 20.16 13.58 14.61
CA LEU D 43 19.21 12.52 14.95
C LEU D 43 17.82 13.07 15.21
N GLY D 44 17.73 14.29 15.73
CA GLY D 44 16.44 14.92 15.96
C GLY D 44 15.78 15.47 14.71
N GLU D 45 16.56 15.78 13.68
CA GLU D 45 15.97 16.03 12.37
C GLU D 45 15.29 14.77 11.86
N ILE D 46 15.91 13.63 12.11
CA ILE D 46 15.32 12.40 11.64
C ILE D 46 14.07 12.05 12.43
N ASP D 47 14.04 12.39 13.73
CA ASP D 47 12.83 12.09 14.51
C ASP D 47 11.63 12.86 13.99
N GLU D 48 11.84 14.03 13.41
CA GLU D 48 10.72 14.75 12.85
C GLU D 48 10.44 14.33 11.41
N GLU D 49 11.44 13.84 10.69
CA GLU D 49 11.24 13.43 9.31
C GLU D 49 10.46 12.12 9.21
N ILE D 50 10.25 11.43 10.33
CA ILE D 50 9.56 10.15 10.34
C ILE D 50 8.13 10.27 10.84
N GLU D 51 7.65 11.49 11.19
CA GLU D 51 6.35 11.59 11.83
C GLU D 51 5.24 11.11 10.92
N TYR D 52 5.38 11.37 9.61
CA TYR D 52 4.39 10.85 8.69
C TYR D 52 4.54 9.35 8.50
N LEU D 53 5.76 8.83 8.64
CA LEU D 53 5.87 7.38 8.51
C LEU D 53 5.21 6.67 9.65
N GLU D 54 5.14 7.29 10.84
CA GLU D 54 4.44 6.67 11.96
C GLU D 54 2.92 6.75 11.81
N LYS D 55 2.45 7.60 10.90
CA LYS D 55 1.04 7.61 10.57
C LYS D 55 0.69 6.56 9.53
N ILE D 56 1.63 6.26 8.62
CA ILE D 56 1.39 5.31 7.54
C ILE D 56 1.57 3.88 8.02
N TYR D 57 2.63 3.66 8.78
CA TYR D 57 3.17 2.34 9.09
C TYR D 57 3.13 2.05 10.58
N ASP D 58 3.49 0.81 10.97
CA ASP D 58 3.40 0.42 12.38
C ASP D 58 4.47 1.13 13.18
N HIS D 59 4.08 1.88 14.20
CA HIS D 59 5.08 2.77 14.75
C HIS D 59 6.05 2.06 15.68
N LYS D 60 5.74 0.87 16.21
CA LYS D 60 6.83 0.17 16.88
C LYS D 60 7.87 -0.29 15.88
N LEU D 61 7.48 -0.55 14.64
CA LEU D 61 8.50 -0.97 13.68
C LEU D 61 9.32 0.21 13.22
N VAL D 62 8.68 1.37 13.01
CA VAL D 62 9.39 2.56 12.55
C VAL D 62 10.46 2.93 13.56
N ARG D 63 10.09 2.94 14.83
CA ARG D 63 11.01 3.27 15.91
C ARG D 63 12.17 2.26 16.01
N ALA D 64 11.89 0.97 15.81
CA ALA D 64 12.94 -0.04 15.86
C ALA D 64 13.95 0.13 14.72
N PHE D 65 13.47 0.39 13.49
CA PHE D 65 14.38 0.67 12.38
C PHE D 65 15.26 1.87 12.71
N VAL D 66 14.66 2.89 13.36
CA VAL D 66 15.42 4.08 13.71
C VAL D 66 16.46 3.74 14.77
N LYS D 67 16.07 2.99 15.80
CA LYS D 67 17.05 2.73 16.84
C LYS D 67 18.14 1.76 16.36
N LEU D 68 17.84 0.89 15.39
CA LEU D 68 18.87 0.02 14.84
C LEU D 68 19.79 0.80 13.92
N LEU D 69 19.22 1.59 13.01
CA LEU D 69 20.04 2.38 12.10
C LEU D 69 20.94 3.38 12.86
N THR D 70 20.46 4.01 13.95
CA THR D 70 21.36 4.90 14.68
C THR D 70 22.53 4.11 15.27
N ARG D 71 22.27 2.87 15.70
CA ARG D 71 23.28 2.02 16.33
C ARG D 71 24.43 1.66 15.40
N LEU D 72 24.30 1.93 14.10
CA LEU D 72 25.32 1.68 13.10
C LEU D 72 25.96 2.96 12.57
N CYS D 73 25.84 4.04 13.30
CA CYS D 73 26.38 5.31 12.88
C CYS D 73 27.54 5.78 13.73
N GLU D 74 28.44 6.53 13.13
CA GLU D 74 29.52 7.14 13.89
C GLU D 74 29.21 8.61 14.08
N PHE D 75 29.46 9.09 15.27
CA PHE D 75 29.22 10.47 15.66
C PHE D 75 30.54 11.12 16.02
N GLU D 76 30.49 12.44 16.26
CA GLU D 76 31.72 13.11 16.64
C GLU D 76 32.09 12.72 18.06
N LEU D 77 33.38 12.83 18.36
CA LEU D 77 33.81 12.43 19.69
C LEU D 77 33.27 13.41 20.70
N ASP D 78 33.13 12.95 21.94
CA ASP D 78 32.49 13.75 22.96
C ASP D 78 33.21 15.08 23.16
N SER D 79 32.56 16.00 23.87
CA SER D 79 33.10 17.33 23.98
C SER D 79 34.21 17.35 25.04
N PRO D 80 35.28 18.15 24.80
CA PRO D 80 36.29 18.38 25.84
C PRO D 80 35.70 18.63 27.22
N ILE D 81 34.85 19.65 27.29
CA ILE D 81 34.25 20.12 28.54
C ILE D 81 32.78 19.70 28.60
N PRO D 82 32.29 19.20 29.75
CA PRO D 82 30.86 18.82 29.87
C PRO D 82 29.94 19.90 29.35
N PRO D 83 29.06 19.57 28.40
CA PRO D 83 28.32 20.62 27.69
C PRO D 83 27.37 21.39 28.59
N ILE D 84 26.91 20.81 29.70
CA ILE D 84 26.05 21.59 30.59
C ILE D 84 26.82 22.77 31.17
N GLN D 85 28.13 22.67 31.30
CA GLN D 85 28.89 23.84 31.73
C GLN D 85 28.99 24.86 30.60
N ILE D 86 28.97 24.39 29.34
CA ILE D 86 28.99 25.31 28.20
C ILE D 86 27.72 26.14 28.19
N ARG D 87 26.61 25.53 28.57
CA ARG D 87 25.39 26.30 28.47
C ARG D 87 25.14 27.12 29.72
N ARG D 88 25.55 26.64 30.89
CA ARG D 88 25.44 27.49 32.07
C ARG D 88 26.13 28.83 31.85
N GLU D 89 27.30 28.80 31.20
CA GLU D 89 28.11 30.01 31.05
C GLU D 89 27.76 30.80 29.82
N LEU D 90 27.05 30.19 28.89
CA LEU D 90 26.60 30.92 27.72
C LEU D 90 25.25 31.58 27.95
N PHE D 91 24.37 30.93 28.70
CA PHE D 91 23.00 31.42 28.85
C PHE D 91 22.88 32.43 29.98
N LYS D 92 23.93 32.56 30.80
CA LYS D 92 24.02 33.58 31.81
C LYS D 92 24.12 34.97 31.20
N TYR D 93 24.25 35.07 29.87
CA TYR D 93 24.28 36.37 29.22
C TYR D 93 22.89 36.77 28.71
N GLY D 94 21.84 36.37 29.45
CA GLY D 94 20.47 36.67 29.14
C GLY D 94 20.15 36.34 27.70
N PRO D 95 19.06 36.93 27.18
CA PRO D 95 18.84 36.90 25.72
C PRO D 95 19.57 38.07 25.09
N VAL D 96 20.46 37.77 24.15
CA VAL D 96 21.21 38.79 23.43
C VAL D 96 20.52 38.97 22.10
N LEU D 97 20.16 40.21 21.80
CA LEU D 97 19.36 40.49 20.61
C LEU D 97 20.17 41.15 19.52
N ASP D 98 21.39 41.57 19.79
CA ASP D 98 22.28 42.14 18.79
C ASP D 98 23.19 41.03 18.26
N GLU D 99 23.22 40.86 16.94
CA GLU D 99 24.06 39.79 16.39
C GLU D 99 25.54 40.04 16.66
N LYS D 100 25.98 41.30 16.58
CA LYS D 100 27.38 41.57 16.85
C LYS D 100 27.70 41.31 18.31
N GLU D 101 26.83 41.73 19.23
CA GLU D 101 27.08 41.45 20.64
C GLU D 101 27.07 39.96 20.93
N ARG D 102 26.27 39.20 20.20
CA ARG D 102 26.23 37.76 20.37
C ARG D 102 27.58 37.15 20.02
N GLU D 103 28.11 37.44 18.83
CA GLU D 103 29.42 36.90 18.45
C GLU D 103 30.47 37.21 19.49
N ASP D 104 30.42 38.40 20.10
CA ASP D 104 31.37 38.76 21.15
C ASP D 104 31.19 37.89 22.38
N ILE D 105 29.93 37.70 22.82
CA ILE D 105 29.65 36.79 23.95
C ILE D 105 30.21 35.41 23.67
N ILE D 106 30.01 34.91 22.44
CA ILE D 106 30.44 33.56 22.09
C ILE D 106 31.96 33.43 22.24
N GLN D 107 32.71 34.31 21.58
CA GLN D 107 34.17 34.21 21.63
C GLN D 107 34.72 34.41 23.05
N LYS D 108 34.16 35.37 23.80
CA LYS D 108 34.49 35.51 25.22
C LYS D 108 34.38 34.18 25.96
N VAL D 109 33.25 33.49 25.80
CA VAL D 109 33.05 32.23 26.52
C VAL D 109 33.93 31.13 25.94
N SER D 110 34.24 31.16 24.63
CA SER D 110 35.04 30.07 24.09
C SER D 110 36.50 30.14 24.55
N LYS D 111 37.03 31.35 24.80
CA LYS D 111 38.38 31.43 25.34
C LYS D 111 38.40 31.14 26.84
N LYS D 112 37.33 31.50 27.55
CA LYS D 112 37.26 31.10 28.95
C LYS D 112 37.21 29.57 29.09
N LEU D 113 36.47 28.90 28.20
CA LEU D 113 36.34 27.45 28.33
C LEU D 113 37.25 26.67 27.40
N GLY D 114 37.83 27.32 26.39
CA GLY D 114 38.86 26.71 25.58
C GLY D 114 38.35 25.66 24.61
N ALA D 115 37.30 26.00 23.87
CA ALA D 115 36.66 25.07 22.96
C ALA D 115 35.81 25.87 21.98
N ASP D 116 35.33 25.19 20.94
CA ASP D 116 34.31 25.77 20.06
C ASP D 116 32.96 25.52 20.72
N ILE D 117 32.44 26.58 21.33
CA ILE D 117 31.25 26.51 22.17
C ILE D 117 30.05 25.98 21.39
N MET D 118 29.83 26.52 20.19
CA MET D 118 28.61 26.18 19.48
C MET D 118 28.68 24.83 18.79
N ARG D 119 29.89 24.33 18.53
CA ARG D 119 30.02 22.96 18.05
C ARG D 119 29.62 21.96 19.11
N PHE D 120 29.70 22.34 20.39
CA PHE D 120 29.54 21.39 21.50
C PHE D 120 28.45 21.78 22.50
N VAL D 121 27.76 22.90 22.31
CA VAL D 121 26.85 23.38 23.35
C VAL D 121 25.75 22.37 23.63
N PHE D 122 25.31 21.62 22.62
CA PHE D 122 24.25 20.62 22.79
C PHE D 122 24.72 19.21 22.46
N SER D 123 26.03 18.95 22.53
CA SER D 123 26.57 17.66 22.07
C SER D 123 26.15 16.48 22.94
N ASP D 124 25.72 16.73 24.17
CA ASP D 124 25.30 15.68 25.10
C ASP D 124 23.84 15.29 24.90
N LEU D 125 23.17 15.90 23.94
CA LEU D 125 21.76 15.67 23.71
C LEU D 125 21.62 14.86 22.42
N ASP D 126 20.92 13.73 22.52
CA ASP D 126 20.78 12.81 21.39
C ASP D 126 20.24 13.52 20.15
N GLU D 127 19.16 14.29 20.30
CA GLU D 127 18.56 14.93 19.13
C GLU D 127 19.52 15.85 18.40
N GLU D 128 20.61 16.27 19.03
CA GLU D 128 21.53 17.21 18.39
C GLU D 128 22.83 16.55 17.92
N LYS D 129 23.04 15.25 18.17
CA LYS D 129 24.20 14.54 17.64
C LYS D 129 24.13 14.42 16.12
N LYS D 130 25.20 14.86 15.45
CA LYS D 130 25.30 14.89 14.01
C LYS D 130 26.05 13.66 13.52
N ILE D 131 25.52 13.02 12.48
CA ILE D 131 26.08 11.80 11.92
C ILE D 131 27.30 12.18 11.11
N ILE D 132 28.39 11.40 11.22
CA ILE D 132 29.55 11.63 10.37
C ILE D 132 29.80 10.46 9.42
N LYS D 133 29.43 9.26 9.80
CA LYS D 133 29.48 8.13 8.91
C LYS D 133 28.13 7.47 8.96
N ALA D 134 27.49 7.32 7.80
CA ALA D 134 26.19 6.68 7.70
C ALA D 134 26.37 5.18 7.60
N PRO D 135 25.40 4.39 8.03
CA PRO D 135 25.50 2.95 7.81
C PRO D 135 25.38 2.60 6.34
N THR D 136 25.90 1.43 5.98
CA THR D 136 25.87 0.98 4.59
C THR D 136 24.80 -0.07 4.35
N ILE D 137 24.06 -0.44 5.39
CA ILE D 137 23.09 -1.53 5.47
C ILE D 137 22.11 -1.57 4.30
N SER D 138 21.68 -2.76 3.94
CA SER D 138 20.67 -2.99 2.92
C SER D 138 19.27 -3.01 3.53
N ALA D 139 18.26 -2.79 2.69
CA ALA D 139 16.91 -2.85 3.20
C ALA D 139 16.59 -4.24 3.72
N GLU D 140 16.90 -5.26 2.90
CA GLU D 140 16.75 -6.66 3.32
C GLU D 140 17.48 -6.93 4.63
N ASP D 141 18.74 -6.51 4.70
CA ASP D 141 19.54 -6.82 5.87
C ASP D 141 18.97 -6.16 7.12
N LEU D 142 18.52 -4.92 7.00
CA LEU D 142 17.89 -4.28 8.15
C LEU D 142 16.69 -5.09 8.63
N ILE D 143 15.85 -5.56 7.71
CA ILE D 143 14.73 -6.41 8.10
C ILE D 143 15.24 -7.67 8.77
N ARG D 144 16.27 -8.31 8.21
CA ARG D 144 16.75 -9.52 8.88
C ARG D 144 17.34 -9.21 10.25
N TRP D 145 18.02 -8.06 10.40
CA TRP D 145 18.62 -7.73 11.68
C TRP D 145 17.57 -7.26 12.68
N TYR D 146 16.51 -6.63 12.19
CA TYR D 146 15.36 -6.37 13.05
C TYR D 146 14.83 -7.68 13.63
N ASN D 147 14.55 -8.66 12.76
CA ASN D 147 13.94 -9.90 13.21
C ASN D 147 14.82 -10.61 14.21
N LEU D 148 16.12 -10.60 13.97
CA LEU D 148 17.00 -11.23 14.94
C LEU D 148 16.98 -10.47 16.25
N SER D 149 16.83 -9.15 16.19
CA SER D 149 16.81 -8.36 17.41
C SER D 149 15.53 -8.58 18.20
N LEU D 150 14.39 -8.77 17.51
CA LEU D 150 13.13 -9.01 18.20
C LEU D 150 13.13 -10.37 18.86
N LEU D 151 13.66 -11.37 18.16
CA LEU D 151 13.88 -12.68 18.72
C LEU D 151 14.71 -12.60 19.99
N GLN D 152 15.82 -11.87 19.95
CA GLN D 152 16.64 -11.68 21.14
C GLN D 152 15.85 -10.99 22.25
N THR D 153 15.08 -9.96 21.89
CA THR D 153 14.29 -9.22 22.87
C THR D 153 13.32 -10.16 23.58
N LEU D 154 12.77 -11.12 22.85
CA LEU D 154 11.82 -12.04 23.46
C LEU D 154 12.52 -13.15 24.22
N LEU D 155 13.69 -13.60 23.76
CA LEU D 155 14.41 -14.66 24.46
C LEU D 155 14.94 -14.20 25.80
N PHE D 156 15.04 -12.90 26.03
CA PHE D 156 15.42 -12.40 27.34
C PHE D 156 14.37 -12.76 28.40
N LYS D 157 13.13 -13.03 27.99
CA LYS D 157 12.10 -13.43 28.94
C LYS D 157 11.97 -14.93 29.05
N ALA D 158 12.95 -15.67 28.60
CA ALA D 158 12.84 -17.12 28.57
C ALA D 158 13.25 -17.73 29.91
N TYR D 159 12.38 -18.56 30.48
CA TYR D 159 12.79 -19.46 31.54
CA TYR D 159 12.79 -19.46 31.54
C TYR D 159 13.84 -20.43 31.02
N LYS D 160 13.54 -21.08 29.90
CA LYS D 160 14.40 -22.10 29.35
C LYS D 160 14.38 -22.03 27.83
N LEU D 161 15.52 -22.37 27.25
CA LEU D 161 15.75 -22.35 25.81
C LEU D 161 16.26 -23.73 25.37
N THR D 162 15.35 -24.59 24.89
CA THR D 162 15.73 -25.90 24.37
C THR D 162 16.15 -25.73 22.91
N VAL D 163 17.42 -26.00 22.64
CA VAL D 163 18.01 -25.93 21.31
C VAL D 163 18.18 -27.35 20.81
N TYR D 164 17.65 -27.67 19.63
CA TYR D 164 17.86 -29.01 19.10
C TYR D 164 18.90 -29.01 18.00
N VAL D 165 19.65 -30.13 17.96
CA VAL D 165 20.93 -30.26 17.29
C VAL D 165 20.72 -30.80 15.89
N SER D 166 21.28 -30.14 14.90
CA SER D 166 21.42 -30.78 13.60
C SER D 166 22.78 -31.45 13.45
N SER D 167 23.79 -30.59 13.31
CA SER D 167 25.14 -30.87 12.84
C SER D 167 26.15 -30.52 13.89
N ASN D 168 26.00 -29.29 14.43
CA ASN D 168 27.01 -28.53 15.16
C ASN D 168 27.02 -28.82 16.66
N TRP D 169 26.67 -30.02 17.11
CA TRP D 169 26.42 -30.17 18.54
C TRP D 169 27.69 -30.00 19.36
N LYS D 170 28.77 -30.71 19.01
CA LYS D 170 29.99 -30.54 19.77
C LYS D 170 30.59 -29.14 19.63
N GLU D 171 30.29 -28.41 18.57
CA GLU D 171 30.80 -27.04 18.46
C GLU D 171 29.91 -26.02 19.15
N ILE D 172 28.65 -26.37 19.40
CA ILE D 172 27.76 -25.51 20.18
C ILE D 172 28.22 -25.47 21.63
N ILE D 173 28.37 -26.65 22.25
CA ILE D 173 28.83 -26.75 23.64
C ILE D 173 30.09 -25.90 23.82
N ARG D 174 31.01 -25.99 22.86
CA ARG D 174 32.20 -25.15 22.88
C ARG D 174 31.85 -23.70 23.17
N ARG D 175 31.05 -23.09 22.29
CA ARG D 175 30.68 -21.70 22.49
C ARG D 175 29.93 -21.52 23.81
N ALA D 176 28.98 -22.40 24.11
CA ALA D 176 28.23 -22.25 25.34
C ALA D 176 29.16 -22.27 26.55
N LYS D 177 30.16 -23.16 26.54
CA LYS D 177 31.13 -23.18 27.63
C LYS D 177 31.99 -21.92 27.63
N TRP D 178 32.52 -21.53 26.46
CA TRP D 178 33.32 -20.31 26.40
C TRP D 178 32.51 -19.08 26.76
N LEU D 179 31.19 -19.19 26.78
CA LEU D 179 30.33 -18.10 27.24
C LEU D 179 29.81 -18.32 28.66
N GLY D 180 30.05 -19.50 29.23
CA GLY D 180 29.68 -19.74 30.62
C GLY D 180 28.22 -20.03 30.79
N LEU D 181 27.58 -20.60 29.78
CA LEU D 181 26.14 -20.75 29.81
C LEU D 181 25.74 -21.85 30.78
N MET D 182 24.49 -21.77 31.21
CA MET D 182 23.89 -22.78 32.07
C MET D 182 23.02 -23.66 31.20
N TYR D 183 23.23 -24.97 31.30
CA TYR D 183 22.52 -25.86 30.39
C TYR D 183 22.57 -27.26 30.95
N PHE D 184 21.64 -28.08 30.46
CA PHE D 184 21.62 -29.51 30.65
C PHE D 184 21.47 -30.14 29.28
N ALA D 185 22.34 -31.07 28.95
CA ALA D 185 22.23 -31.80 27.71
C ALA D 185 21.39 -33.06 27.92
N TYR D 186 20.75 -33.50 26.84
CA TYR D 186 19.96 -34.72 26.84
C TYR D 186 20.17 -35.41 25.50
N ASP D 187 19.68 -36.65 25.40
CA ASP D 187 19.99 -37.52 24.28
C ASP D 187 18.76 -38.19 23.70
N LYS D 188 17.60 -38.07 24.35
CA LYS D 188 16.37 -38.71 23.92
C LYS D 188 16.16 -38.34 22.45
N PRO D 189 15.87 -37.06 22.11
CA PRO D 189 16.52 -36.44 20.94
C PRO D 189 17.71 -35.58 21.35
N LEU D 190 18.82 -35.61 20.63
CA LEU D 190 19.95 -34.81 21.07
C LEU D 190 19.59 -33.33 21.06
N ARG D 191 19.64 -32.70 22.23
CA ARG D 191 19.16 -31.36 22.47
C ARG D 191 19.92 -30.79 23.66
N PHE D 192 19.99 -29.45 23.73
CA PHE D 192 20.52 -28.73 24.88
C PHE D 192 19.43 -27.86 25.46
N GLU D 193 19.28 -27.88 26.77
CA GLU D 193 18.27 -27.06 27.44
C GLU D 193 18.97 -25.94 28.19
N PHE D 194 19.21 -24.82 27.50
CA PHE D 194 19.80 -23.65 28.13
C PHE D 194 18.81 -23.03 29.09
N LEU D 195 19.26 -22.69 30.29
CA LEU D 195 18.42 -21.92 31.17
C LEU D 195 18.52 -20.45 30.79
N GLY D 196 17.36 -19.77 30.80
CA GLY D 196 17.22 -18.44 30.25
C GLY D 196 17.38 -17.35 31.29
N PRO D 197 17.49 -16.10 30.85
CA PRO D 197 17.72 -14.99 31.80
C PRO D 197 16.65 -14.81 32.87
N ALA D 198 15.46 -15.41 32.74
CA ALA D 198 14.49 -15.36 33.84
C ALA D 198 14.86 -16.28 35.00
N THR D 199 15.65 -17.32 34.74
CA THR D 199 16.25 -18.11 35.82
C THR D 199 17.02 -17.19 36.76
N LEU D 200 17.96 -16.43 36.22
CA LEU D 200 18.69 -15.47 37.03
C LEU D 200 17.74 -14.37 37.49
N VAL D 201 17.94 -13.94 38.74
CA VAL D 201 17.24 -12.79 39.28
C VAL D 201 18.19 -11.62 39.56
N LYS D 202 19.50 -11.82 39.50
CA LYS D 202 20.48 -10.84 39.93
C LYS D 202 21.22 -10.22 38.74
N LEU D 203 21.97 -11.03 37.99
CA LEU D 203 22.84 -10.51 36.93
C LEU D 203 22.35 -10.92 35.54
N THR D 204 21.03 -11.03 35.39
CA THR D 204 20.39 -11.36 34.12
C THR D 204 20.96 -10.58 32.93
N GLU D 205 20.99 -9.25 33.05
CA GLU D 205 21.43 -8.39 31.95
C GLU D 205 22.71 -8.90 31.30
N LYS D 206 23.70 -9.26 32.13
CA LYS D 206 24.97 -9.71 31.57
C LYS D 206 24.87 -11.10 30.96
N TYR D 207 23.97 -11.94 31.50
CA TYR D 207 23.79 -13.30 30.99
C TYR D 207 23.16 -13.28 29.61
N GLY D 208 21.94 -12.71 29.50
CA GLY D 208 21.25 -12.52 28.22
C GLY D 208 22.14 -11.98 27.13
N ARG D 209 22.99 -11.02 27.49
CA ARG D 209 23.87 -10.39 26.52
C ARG D 209 24.84 -11.40 25.90
N ASN D 210 25.11 -12.54 26.56
CA ASN D 210 25.94 -13.59 25.98
C ASN D 210 25.12 -14.73 25.38
N LEU D 211 24.01 -15.10 26.01
CA LEU D 211 23.08 -16.05 25.41
C LEU D 211 22.74 -15.68 23.98
N ALA D 212 22.55 -14.39 23.72
CA ALA D 212 22.22 -13.92 22.37
C ALA D 212 23.37 -14.19 21.39
N VAL D 213 24.60 -14.18 21.87
CA VAL D 213 25.74 -14.46 21.02
C VAL D 213 25.74 -15.90 20.54
N LEU D 214 25.13 -16.79 21.32
CA LEU D 214 25.10 -18.18 20.93
C LEU D 214 24.11 -18.40 19.79
N LEU D 215 22.98 -17.69 19.84
CA LEU D 215 21.99 -17.72 18.78
C LEU D 215 22.64 -17.58 17.42
N GLN D 216 23.53 -16.61 17.30
CA GLN D 216 24.20 -16.34 16.05
C GLN D 216 24.74 -17.62 15.43
N PHE D 217 25.35 -18.49 16.25
CA PHE D 217 25.88 -19.74 15.72
C PHE D 217 24.79 -20.76 15.44
N ILE D 218 23.79 -20.88 16.32
CA ILE D 218 22.72 -21.84 16.10
C ILE D 218 22.10 -21.65 14.72
N ILE D 219 21.67 -20.42 14.43
CA ILE D 219 20.91 -20.13 13.23
C ILE D 219 21.80 -20.06 11.99
N SER D 220 23.10 -20.12 12.19
CA SER D 220 24.07 -20.29 11.13
C SER D 220 23.99 -21.69 10.54
N SER D 221 23.63 -22.67 11.36
CA SER D 221 23.46 -24.04 10.94
C SER D 221 22.49 -24.11 9.75
N GLN D 222 22.60 -25.19 8.98
CA GLN D 222 21.66 -25.41 7.91
C GLN D 222 20.30 -25.84 8.47
N ASN D 223 20.31 -26.60 9.58
CA ASN D 223 19.10 -27.07 10.23
C ASN D 223 19.13 -26.72 11.71
N TRP D 224 18.16 -25.93 12.16
CA TRP D 224 18.10 -25.58 13.57
C TRP D 224 16.65 -25.47 14.01
N LYS D 225 16.43 -25.69 15.31
CA LYS D 225 15.11 -25.62 15.91
C LYS D 225 15.20 -25.10 17.35
N ILE D 226 14.30 -24.22 17.73
CA ILE D 226 14.32 -23.66 19.07
C ILE D 226 12.97 -23.69 19.75
N GLU D 227 12.88 -24.14 20.99
CA GLU D 227 11.63 -24.05 21.72
C GLU D 227 11.97 -23.32 22.98
N ALA D 228 11.33 -22.19 23.21
CA ALA D 228 11.63 -21.41 24.38
C ALA D 228 10.43 -21.29 25.23
N GLU D 229 10.61 -21.33 26.53
CA GLU D 229 9.47 -21.14 27.43
C GLU D 229 9.60 -19.74 28.01
N LEU D 230 8.61 -18.89 27.74
CA LEU D 230 8.70 -17.52 28.21
C LEU D 230 7.69 -17.33 29.33
N VAL D 231 8.01 -16.45 30.27
CA VAL D 231 7.17 -16.18 31.44
C VAL D 231 6.74 -14.72 31.38
N LEU D 232 5.43 -14.49 31.44
CA LEU D 232 4.88 -13.16 31.36
C LEU D 232 3.97 -12.92 32.57
N GLY D 233 3.94 -11.67 33.03
CA GLY D 233 3.13 -11.27 34.17
C GLY D 233 3.92 -11.26 35.46
N LYS D 234 3.55 -10.35 36.37
CA LYS D 234 4.27 -10.24 37.63
C LYS D 234 3.62 -11.06 38.75
N LYS D 235 2.34 -10.85 39.05
CA LYS D 235 1.80 -11.58 40.19
C LYS D 235 1.14 -12.89 39.78
N PHE D 236 0.52 -12.93 38.62
CA PHE D 236 0.04 -14.17 38.04
C PHE D 236 0.92 -14.44 36.83
N LYS D 237 1.85 -15.38 36.96
CA LYS D 237 2.78 -15.70 35.91
C LYS D 237 2.26 -16.91 35.16
N ARG D 238 2.17 -16.80 33.83
CA ARG D 238 1.91 -17.97 32.99
C ARG D 238 3.03 -18.08 31.95
N VAL D 239 3.32 -19.32 31.57
CA VAL D 239 4.41 -19.63 30.67
C VAL D 239 3.87 -19.91 29.28
N TYR D 240 4.59 -19.42 28.26
CA TYR D 240 4.21 -19.56 26.85
C TYR D 240 5.39 -20.14 26.08
N LYS D 241 5.07 -20.96 25.07
CA LYS D 241 6.05 -21.59 24.19
C LYS D 241 6.33 -20.66 23.01
N LEU D 242 7.62 -20.48 22.68
CA LEU D 242 8.07 -19.83 21.44
C LEU D 242 8.73 -20.90 20.59
N LYS D 243 8.14 -21.22 19.45
CA LYS D 243 8.59 -22.32 18.59
C LYS D 243 9.02 -21.72 17.26
N LEU D 244 10.25 -22.03 16.88
CA LEU D 244 11.00 -21.33 15.84
C LEU D 244 11.99 -22.33 15.26
N ALA D 245 11.92 -22.59 13.96
CA ALA D 245 12.81 -23.57 13.34
C ALA D 245 13.00 -23.25 11.87
N ASN D 246 14.27 -23.13 11.47
CA ASN D 246 14.66 -22.98 10.08
C ASN D 246 14.10 -21.70 9.46
N PHE D 247 14.08 -20.64 10.25
CA PHE D 247 13.59 -19.34 9.81
C PHE D 247 14.80 -18.60 9.23
N LYS D 248 14.77 -18.31 7.92
CA LYS D 248 15.99 -17.85 7.26
C LYS D 248 16.15 -16.33 7.29
N GLU D 249 15.13 -15.59 7.69
CA GLU D 249 15.20 -14.13 7.61
C GLU D 249 15.76 -13.52 8.89
N LEU D 250 16.94 -14.01 9.29
CA LEU D 250 17.64 -13.53 10.47
C LEU D 250 19.07 -13.18 10.07
N LYS D 251 19.66 -12.22 10.77
CA LYS D 251 21.00 -11.74 10.45
C LYS D 251 21.55 -10.93 11.60
N GLU D 252 22.78 -11.22 12.04
CA GLU D 252 23.42 -10.42 13.05
C GLU D 252 24.37 -9.41 12.39
N LEU D 253 24.41 -8.19 12.97
CA LEU D 253 25.36 -7.18 12.55
C LEU D 253 26.15 -6.53 13.70
N VAL D 254 25.79 -6.73 14.99
CA VAL D 254 26.77 -6.51 16.07
C VAL D 254 27.86 -7.56 15.89
N ILE D 255 29.07 -7.12 15.55
CA ILE D 255 30.17 -8.07 15.40
C ILE D 255 30.39 -8.87 16.68
N ASP D 256 30.37 -8.12 17.77
CA ASP D 256 30.52 -8.66 19.10
C ASP D 256 31.75 -9.53 19.22
N GLU D 257 32.86 -9.06 18.67
CA GLU D 257 34.04 -9.88 18.82
C GLU D 257 34.71 -9.65 20.17
N LYS D 258 35.51 -10.66 20.57
CA LYS D 258 36.23 -10.74 21.85
C LYS D 258 35.26 -10.64 23.03
N ARG D 259 34.28 -11.56 23.08
CA ARG D 259 33.51 -11.74 24.30
C ARG D 259 33.45 -13.19 24.81
N PHE D 260 33.69 -14.18 23.96
CA PHE D 260 33.65 -15.60 24.40
C PHE D 260 35.09 -16.12 24.48
N ASP D 261 35.73 -15.87 25.62
CA ASP D 261 37.16 -16.11 25.82
C ASP D 261 37.41 -17.28 26.78
N SER D 262 38.10 -18.32 26.28
CA SER D 262 38.58 -19.42 27.09
C SER D 262 39.80 -19.00 27.94
N SER D 263 39.68 -17.90 28.64
CA SER D 263 40.71 -17.43 29.55
C SER D 263 41.11 -18.52 30.52
N VAL D 264 40.13 -19.08 31.23
CA VAL D 264 40.35 -19.87 32.43
C VAL D 264 40.57 -21.36 32.14
N GLU D 265 39.75 -21.94 31.24
CA GLU D 265 39.86 -23.36 30.92
C GLU D 265 41.20 -23.72 30.30
N GLU D 266 41.90 -22.74 29.75
CA GLU D 266 43.21 -22.95 29.15
C GLU D 266 44.32 -22.90 30.21
N LYS D 267 44.28 -21.88 31.08
CA LYS D 267 45.27 -21.74 32.13
C LYS D 267 45.21 -22.92 33.10
N PHE D 268 44.01 -23.46 33.35
CA PHE D 268 43.87 -24.67 34.14
C PHE D 268 44.59 -25.86 33.50
N TYR D 269 44.54 -25.98 32.18
CA TYR D 269 45.22 -27.08 31.52
C TYR D 269 46.72 -26.95 31.72
N LYS D 270 47.25 -25.74 31.50
CA LYS D 270 48.65 -25.43 31.76
C LYS D 270 49.06 -25.75 33.20
N ASP D 271 48.34 -25.19 34.18
CA ASP D 271 48.74 -25.38 35.57
C ASP D 271 48.81 -26.85 35.95
N PHE D 272 47.78 -27.63 35.62
CA PHE D 272 47.74 -29.06 35.99
C PHE D 272 48.76 -29.86 35.17
N THR D 273 48.92 -29.55 33.87
CA THR D 273 49.92 -30.29 33.08
C THR D 273 51.33 -30.13 33.69
N ASN D 274 51.65 -28.96 34.24
CA ASN D 274 52.98 -28.71 34.79
C ASN D 274 53.10 -29.19 36.24
N VAL D 275 52.24 -28.67 37.13
CA VAL D 275 52.44 -28.87 38.57
C VAL D 275 51.99 -30.24 39.04
N ILE D 276 51.19 -30.96 38.27
CA ILE D 276 50.86 -32.34 38.57
C ILE D 276 51.57 -33.22 37.55
N LYS D 277 52.44 -34.07 38.05
CA LYS D 277 53.14 -35.07 37.26
C LYS D 277 52.70 -36.43 37.76
N GLY D 278 52.07 -37.22 36.90
CA GLY D 278 51.63 -38.53 37.34
C GLY D 278 50.20 -38.86 37.02
N TRP D 279 49.40 -37.82 36.80
CA TRP D 279 48.02 -37.98 36.38
C TRP D 279 47.97 -37.59 34.91
N LYS D 280 47.18 -38.31 34.11
CA LYS D 280 46.99 -37.97 32.71
C LYS D 280 45.62 -37.34 32.53
N ILE D 281 45.61 -36.14 31.96
CA ILE D 281 44.44 -35.28 31.84
C ILE D 281 44.03 -35.26 30.37
N ILE D 282 42.94 -35.96 30.05
CA ILE D 282 42.41 -36.00 28.70
C ILE D 282 41.36 -34.90 28.56
N ARG D 283 41.47 -34.12 27.48
CA ARG D 283 40.59 -32.97 27.24
C ARG D 283 39.45 -33.34 26.29
N GLU D 284 38.32 -32.66 26.48
CA GLU D 284 37.06 -32.93 25.79
C GLU D 284 36.78 -34.44 25.69
N PRO D 285 36.60 -35.14 26.81
CA PRO D 285 36.33 -36.58 26.76
C PRO D 285 34.97 -36.91 26.16
N GLU D 286 34.86 -38.14 25.68
CA GLU D 286 33.60 -38.65 25.18
C GLU D 286 32.54 -38.58 26.28
N PRO D 287 31.45 -37.84 26.08
CA PRO D 287 30.45 -37.66 27.15
C PRO D 287 29.72 -38.94 27.52
N LEU D 288 29.32 -39.02 28.79
CA LEU D 288 28.62 -40.18 29.34
C LEU D 288 27.11 -39.93 29.39
N VAL D 289 26.33 -41.01 29.25
CA VAL D 289 24.88 -40.95 29.11
C VAL D 289 24.26 -41.87 30.15
N VAL D 290 23.54 -41.32 31.11
CA VAL D 290 22.95 -42.07 32.22
C VAL D 290 21.43 -41.90 32.15
N ASP D 291 20.73 -42.95 31.69
CA ASP D 291 19.27 -42.94 31.53
C ASP D 291 18.78 -41.74 30.72
N ASN D 292 19.45 -41.50 29.58
CA ASN D 292 19.06 -40.47 28.60
C ASN D 292 19.19 -39.06 29.20
N ARG D 293 20.29 -38.83 29.91
CA ARG D 293 20.77 -37.51 30.31
C ARG D 293 22.26 -37.47 29.97
N VAL D 294 22.66 -36.49 29.18
CA VAL D 294 24.05 -36.40 28.74
C VAL D 294 24.86 -35.52 29.68
N PHE D 295 26.06 -36.01 29.99
CA PHE D 295 27.05 -35.34 30.82
C PHE D 295 28.30 -35.10 29.98
N ILE D 296 28.59 -33.85 29.68
CA ILE D 296 29.73 -33.54 28.82
C ILE D 296 30.82 -32.86 29.62
N PRO D 297 31.77 -33.60 30.15
CA PRO D 297 32.81 -33.01 31.01
C PRO D 297 33.78 -32.21 30.17
N ASP D 298 34.61 -31.44 30.86
CA ASP D 298 35.66 -30.69 30.21
C ASP D 298 37.00 -31.43 30.19
N PHE D 299 37.33 -32.20 31.23
CA PHE D 299 38.58 -32.95 31.28
C PHE D 299 38.37 -34.26 32.03
N LEU D 300 39.07 -35.31 31.58
CA LEU D 300 39.16 -36.58 32.29
C LEU D 300 40.58 -36.73 32.83
N VAL D 301 40.71 -37.00 34.13
CA VAL D 301 42.00 -37.25 34.75
C VAL D 301 42.00 -38.64 35.37
N GLU D 302 43.10 -39.35 35.18
CA GLU D 302 43.24 -40.72 35.68
C GLU D 302 44.67 -40.95 36.19
N LYS D 303 44.78 -41.58 37.36
CA LYS D 303 46.03 -42.14 37.87
C LYS D 303 45.79 -43.63 38.13
N GLY D 304 46.31 -44.48 37.25
CA GLY D 304 46.07 -45.90 37.33
C GLY D 304 44.60 -46.22 37.18
N ASN D 305 43.94 -46.72 38.22
CA ASN D 305 42.54 -47.07 38.08
C ASN D 305 41.60 -46.10 38.78
N LEU D 306 42.11 -45.03 39.36
CA LEU D 306 41.23 -43.95 39.77
C LEU D 306 40.89 -43.12 38.53
N LYS D 307 39.59 -42.87 38.33
CA LYS D 307 39.06 -42.17 37.17
C LYS D 307 38.09 -41.10 37.67
N VAL D 308 38.45 -39.85 37.38
CA VAL D 308 37.65 -38.68 37.72
C VAL D 308 37.59 -37.67 36.55
N TYR D 309 36.48 -36.96 36.49
CA TYR D 309 36.14 -35.96 35.48
C TYR D 309 35.98 -34.61 36.16
N VAL D 310 36.37 -33.56 35.46
CA VAL D 310 36.20 -32.20 35.97
C VAL D 310 35.41 -31.40 34.94
N GLU D 311 34.43 -30.63 35.41
CA GLU D 311 33.75 -29.64 34.58
C GLU D 311 33.92 -28.27 35.21
N ILE D 312 34.32 -27.27 34.40
CA ILE D 312 34.38 -25.88 34.87
C ILE D 312 33.07 -25.21 34.50
N VAL D 313 32.57 -24.35 35.39
CA VAL D 313 31.22 -23.79 35.28
C VAL D 313 31.29 -22.27 35.30
N GLY D 314 30.67 -21.63 34.28
CA GLY D 314 30.67 -20.18 34.21
C GLY D 314 29.62 -19.48 35.05
N PHE D 315 28.34 -19.55 34.68
CA PHE D 315 27.28 -18.98 35.50
C PHE D 315 26.64 -20.06 36.35
N TRP D 316 25.97 -19.64 37.43
CA TRP D 316 25.29 -20.60 38.29
C TRP D 316 24.28 -19.91 39.20
N THR D 317 23.37 -20.73 39.73
CA THR D 317 22.38 -20.36 40.73
C THR D 317 22.35 -21.44 41.78
N LYS D 318 21.83 -21.08 42.96
CA LYS D 318 21.61 -22.07 44.00
C LYS D 318 20.90 -23.32 43.44
N GLU D 319 19.79 -23.12 42.72
CA GLU D 319 19.03 -24.24 42.21
C GLU D 319 19.68 -24.91 41.01
N TYR D 320 20.54 -24.21 40.28
CA TYR D 320 21.19 -24.82 39.11
C TYR D 320 22.17 -25.91 39.52
N ILE D 321 23.11 -25.59 40.40
CA ILE D 321 24.09 -26.62 40.79
C ILE D 321 23.44 -27.68 41.65
N LYS D 322 22.47 -27.30 42.48
CA LYS D 322 21.71 -28.32 43.18
C LYS D 322 21.16 -29.33 42.19
N GLU D 323 20.57 -28.86 41.08
CA GLU D 323 20.09 -29.76 40.03
C GLU D 323 21.26 -30.45 39.33
N LYS D 324 22.32 -29.70 39.02
CA LYS D 324 23.47 -30.28 38.33
C LYS D 324 24.05 -31.42 39.14
N LEU D 325 24.24 -31.20 40.45
CA LEU D 325 24.87 -32.20 41.31
C LEU D 325 23.92 -33.36 41.60
N ASP D 326 22.63 -33.04 41.86
CA ASP D 326 21.62 -34.09 42.00
C ASP D 326 21.68 -35.06 40.83
N LYS D 327 21.73 -34.53 39.61
CA LYS D 327 21.85 -35.39 38.43
C LYS D 327 23.22 -36.04 38.34
N LEU D 328 24.24 -35.45 38.97
CA LEU D 328 25.59 -36.01 38.95
C LEU D 328 25.81 -37.10 40.00
N LYS D 329 25.00 -37.12 41.06
CA LYS D 329 25.06 -38.24 41.99
C LYS D 329 24.75 -39.55 41.27
N LYS D 330 23.99 -39.48 40.17
CA LYS D 330 23.62 -40.65 39.37
C LYS D 330 24.59 -40.92 38.23
N VAL D 331 25.82 -40.40 38.29
CA VAL D 331 26.82 -40.68 37.26
C VAL D 331 27.71 -41.86 37.65
N LYS D 332 27.82 -42.15 38.94
CA LYS D 332 28.55 -43.33 39.42
C LYS D 332 30.04 -43.21 39.10
N TYR D 333 30.53 -41.97 39.07
CA TYR D 333 31.94 -41.63 39.05
C TYR D 333 32.19 -40.60 40.12
N PRO D 334 33.44 -40.34 40.46
CA PRO D 334 33.76 -39.11 41.17
C PRO D 334 33.89 -38.00 40.12
N ILE D 335 33.24 -36.85 40.29
CA ILE D 335 33.40 -35.73 39.36
C ILE D 335 33.48 -34.42 40.12
N LEU D 336 34.46 -33.57 39.74
CA LEU D 336 34.78 -32.31 40.45
C LEU D 336 34.28 -31.10 39.67
N ILE D 337 33.54 -30.22 40.35
CA ILE D 337 33.03 -29.00 39.73
C ILE D 337 33.85 -27.81 40.23
N LEU D 338 34.10 -26.85 39.33
CA LEU D 338 34.88 -25.64 39.63
C LEU D 338 34.00 -24.44 39.33
N LEU D 339 33.67 -23.67 40.37
CA LEU D 339 32.75 -22.56 40.27
C LEU D 339 33.47 -21.23 40.32
N ASN D 340 32.81 -20.24 39.74
CA ASN D 340 33.22 -18.85 39.84
C ASN D 340 32.35 -18.17 40.90
N GLU D 341 32.98 -17.63 41.94
CA GLU D 341 32.23 -17.05 43.06
C GLU D 341 31.51 -15.75 42.66
N GLU D 342 32.04 -15.01 41.68
CA GLU D 342 31.44 -13.74 41.26
C GLU D 342 30.07 -13.93 40.61
N LEU D 343 29.84 -15.08 39.97
CA LEU D 343 28.67 -15.32 39.12
C LEU D 343 27.52 -16.02 39.85
N GLY D 344 27.35 -15.72 41.15
CA GLY D 344 26.24 -16.25 41.92
C GLY D 344 25.74 -15.24 42.94
N LYS D 345 24.53 -15.53 43.45
CA LYS D 345 23.82 -14.66 44.38
C LYS D 345 23.99 -15.07 45.84
N GLU D 346 24.40 -16.31 46.11
CA GLU D 346 24.51 -16.86 47.46
C GLU D 346 25.82 -17.64 47.55
N LYS D 347 26.77 -17.18 48.38
CA LYS D 347 28.08 -17.82 48.55
C LYS D 347 28.00 -19.29 48.97
N PHE D 348 28.32 -20.19 48.04
CA PHE D 348 28.08 -21.62 48.18
C PHE D 348 29.31 -22.38 48.71
N ASN D 349 29.03 -23.51 49.38
CA ASN D 349 30.02 -24.45 49.90
C ASN D 349 29.47 -25.87 49.74
N GLY D 350 30.25 -26.78 49.14
CA GLY D 350 29.80 -28.14 48.96
C GLY D 350 30.93 -29.15 49.10
N MET D 351 30.52 -30.42 49.24
CA MET D 351 31.41 -31.57 49.45
C MET D 351 32.17 -31.95 48.20
N ASN D 352 31.79 -31.39 47.05
CA ASN D 352 32.38 -31.77 45.77
C ASN D 352 32.69 -30.56 44.90
N VAL D 353 32.75 -29.34 45.46
CA VAL D 353 32.98 -28.14 44.66
C VAL D 353 34.08 -27.29 45.28
N ILE D 354 34.94 -26.75 44.41
CA ILE D 354 36.05 -25.88 44.76
C ILE D 354 35.71 -24.52 44.16
N THR D 355 35.55 -23.51 45.02
CA THR D 355 35.27 -22.18 44.51
C THR D 355 36.52 -21.65 43.82
N TYR D 356 36.32 -20.75 42.85
CA TYR D 356 37.46 -20.23 42.11
C TYR D 356 37.36 -18.71 41.94
N LYS D 357 38.53 -18.08 41.94
CA LYS D 357 38.71 -16.65 41.74
C LYS D 357 38.91 -16.41 40.24
N ARG D 358 39.42 -15.24 39.86
CA ARG D 358 39.68 -14.94 38.45
C ARG D 358 40.41 -16.08 37.73
N LYS D 359 41.18 -16.87 38.47
CA LYS D 359 41.76 -18.10 37.95
C LYS D 359 41.58 -19.21 38.98
N ILE D 360 41.98 -20.41 38.58
CA ILE D 360 41.95 -21.58 39.46
C ILE D 360 43.26 -21.68 40.23
N ASP D 361 43.14 -22.06 41.51
CA ASP D 361 44.30 -22.30 42.38
C ASP D 361 44.60 -23.79 42.30
N ILE D 362 45.48 -24.16 41.37
CA ILE D 362 45.72 -25.58 41.06
C ILE D 362 46.23 -26.35 42.27
N SER D 363 46.91 -25.68 43.21
CA SER D 363 47.22 -26.27 44.51
C SER D 363 46.01 -27.00 45.09
N LEU D 364 44.85 -26.33 45.08
CA LEU D 364 43.65 -26.88 45.71
C LEU D 364 43.09 -28.09 44.97
N VAL D 365 43.24 -28.13 43.64
CA VAL D 365 42.82 -29.29 42.86
C VAL D 365 43.71 -30.48 43.18
N TYR D 366 45.03 -30.29 43.13
CA TYR D 366 45.97 -31.28 43.61
C TYR D 366 45.62 -31.71 45.02
N LYS D 367 45.40 -30.72 45.90
CA LYS D 367 44.98 -31.00 47.26
C LYS D 367 43.79 -31.95 47.26
N TRP D 368 42.80 -31.67 46.41
CA TRP D 368 41.50 -32.34 46.52
C TRP D 368 41.53 -33.83 46.16
N LEU D 369 42.16 -34.20 45.03
CA LEU D 369 41.98 -35.58 44.57
C LEU D 369 42.82 -36.59 45.35
N ARG D 370 44.00 -36.22 45.86
CA ARG D 370 44.73 -37.18 46.70
C ARG D 370 44.09 -37.31 48.08
N GLU D 371 43.40 -36.28 48.57
CA GLU D 371 42.58 -36.43 49.78
C GLU D 371 41.40 -37.36 49.56
N LEU D 372 41.29 -37.92 48.37
CA LEU D 372 40.35 -38.99 48.08
C LEU D 372 41.01 -40.19 47.42
N GLU D 373 42.29 -40.11 47.08
CA GLU D 373 43.04 -41.30 46.65
C GLU D 373 43.25 -42.27 47.81
N ASN D 374 43.66 -41.74 48.96
CA ASN D 374 43.80 -42.50 50.21
C ASN D 374 44.74 -43.70 50.06
#